data_4Q3V
#
_entry.id   4Q3V
#
_cell.length_a   178.392
_cell.length_b   178.392
_cell.length_c   178.392
_cell.angle_alpha   90.00
_cell.angle_beta   90.00
_cell.angle_gamma   90.00
#
_symmetry.space_group_name_H-M   'P 21 3'
#
loop_
_entity.id
_entity.type
_entity.pdbx_description
1 polymer Arginase
2 non-polymer 'MANGANESE (II) ION'
3 non-polymer GLYCEROL
4 non-polymer S-2-(BORONOETHYL)-L-CYSTEINE
5 water water
#
_entity_poly.entity_id   1
_entity_poly.type   'polypeptide(L)'
_entity_poly.pdbx_seq_one_letter_code
;MGSSHHHHHHSSGLVPRGSHMMLKSVATPYYPIQDEKPKLLYTSANFLGIPTNRGQPKIGTYQGPELIRKSNFFQLVAED
GIQLTDCGDIIPVELNEAEDPQRFGMKWSRSFSLTTLRIAERVEELMKQSNKHTVELSGSKSTPLVIVGGDHSMATGTIL
GHAEAKPDLCVLWIDAHGDINTPLNSASGNMHGMPLSFLVKELQDQIPWLDDFEGIKPCLNASNIAYIGLRDLDAHETHD
IRKHGIAYFTMLDVDRMGIEAVIKEALLAVNPRLEKAIHLSFDIDALDPLVAPSTGTAVPGGLTLREGLRICEEVSATGK
LSVVELAELNPLLGSQEDVLKTQSSAVHILRACLGHCRSGHLPFKVRNLTDQGIMSRAAHMQTKQ
;
_entity_poly.pdbx_strand_id   A,B,C,D
#
loop_
_chem_comp.id
_chem_comp.type
_chem_comp.name
_chem_comp.formula
GOL non-polymer GLYCEROL 'C3 H8 O3'
MN non-polymer 'MANGANESE (II) ION' 'Mn 2'
#
# COMPACT_ATOMS: atom_id res chain seq x y z
N PRO A 38 -2.66 1.46 22.91
CA PRO A 38 -3.26 2.49 22.07
C PRO A 38 -3.80 1.93 20.75
N LYS A 39 -4.65 2.70 20.08
CA LYS A 39 -5.20 2.30 18.78
C LYS A 39 -5.18 3.47 17.80
N LEU A 40 -4.97 3.17 16.52
CA LEU A 40 -4.85 4.20 15.50
C LEU A 40 -5.54 3.83 14.19
N LEU A 41 -6.40 4.72 13.70
CA LEU A 41 -7.05 4.51 12.42
C LEU A 41 -6.04 4.60 11.27
N TYR A 42 -5.16 5.60 11.36
CA TYR A 42 -4.09 5.76 10.38
C TYR A 42 -2.73 5.65 11.06
N THR A 43 -1.92 4.71 10.62
CA THR A 43 -0.61 4.48 11.23
C THR A 43 0.52 5.10 10.42
N SER A 44 0.22 5.46 9.17
CA SER A 44 1.20 6.15 8.33
C SER A 44 0.51 7.22 7.47
N ALA A 45 1.27 8.22 7.05
CA ALA A 45 0.73 9.29 6.22
C ALA A 45 1.78 9.92 5.32
N ASN A 46 1.34 10.61 4.28
CA ASN A 46 2.25 11.27 3.35
C ASN A 46 2.15 12.80 3.43
N PHE A 47 3.29 13.47 3.31
CA PHE A 47 3.33 14.93 3.35
C PHE A 47 3.78 15.49 1.99
N LEU A 48 3.05 16.47 1.48
CA LEU A 48 3.29 17.01 0.16
C LEU A 48 3.10 18.52 0.16
N GLY A 49 4.13 19.26 -0.26
CA GLY A 49 4.05 20.71 -0.29
C GLY A 49 3.77 21.25 -1.69
N ILE A 50 2.86 22.22 -1.78
CA ILE A 50 2.53 22.84 -3.06
C ILE A 50 2.56 24.37 -2.96
N PRO A 51 3.72 24.98 -3.23
CA PRO A 51 3.92 26.42 -3.07
C PRO A 51 3.27 27.27 -4.17
N THR A 52 2.01 27.04 -4.48
CA THR A 52 1.30 27.87 -5.47
C THR A 52 1.16 29.31 -4.99
N ASN A 53 1.46 30.25 -5.88
CA ASN A 53 1.40 31.67 -5.54
C ASN A 53 0.90 32.51 -6.71
N ARG A 54 0.30 31.85 -7.70
CA ARG A 54 -0.22 32.54 -8.88
C ARG A 54 -1.75 32.54 -8.89
N GLY A 55 -2.35 32.12 -7.78
CA GLY A 55 -3.79 32.10 -7.66
C GLY A 55 -4.30 33.39 -7.04
N GLN A 56 -3.37 34.20 -6.55
CA GLN A 56 -3.69 35.45 -5.88
C GLN A 56 -2.46 36.36 -5.86
N PRO A 57 -2.68 37.69 -5.87
CA PRO A 57 -1.57 38.65 -6.05
C PRO A 57 -0.59 38.78 -4.88
N LYS A 58 -1.01 38.45 -3.66
CA LYS A 58 -0.14 38.61 -2.50
C LYS A 58 0.94 37.53 -2.41
N ILE A 59 2.19 37.93 -2.50
CA ILE A 59 3.31 37.00 -2.45
C ILE A 59 3.55 36.50 -1.02
N GLY A 60 3.88 35.23 -0.89
CA GLY A 60 4.17 34.65 0.41
C GLY A 60 3.60 33.27 0.63
N THR A 61 2.51 32.95 -0.08
CA THR A 61 1.89 31.63 0.06
C THR A 61 2.80 30.51 -0.43
N TYR A 62 3.84 30.87 -1.18
CA TYR A 62 4.81 29.88 -1.63
C TYR A 62 5.67 29.41 -0.45
N GLN A 63 5.65 30.20 0.63
CA GLN A 63 6.40 29.86 1.83
C GLN A 63 5.57 29.02 2.79
N GLY A 64 4.36 28.67 2.36
CA GLY A 64 3.45 27.87 3.15
C GLY A 64 4.00 26.54 3.66
N PRO A 65 4.42 25.66 2.72
CA PRO A 65 4.97 24.35 3.11
C PRO A 65 6.17 24.46 4.04
N GLU A 66 6.99 25.49 3.86
CA GLU A 66 8.16 25.67 4.72
C GLU A 66 7.75 26.06 6.14
N LEU A 67 6.68 26.84 6.26
CA LEU A 67 6.18 27.25 7.57
C LEU A 67 5.77 26.05 8.42
N ILE A 68 5.22 25.03 7.76
CA ILE A 68 4.82 23.80 8.47
C ILE A 68 6.03 22.90 8.73
N ARG A 69 6.93 22.82 7.75
CA ARG A 69 8.16 22.05 7.91
C ARG A 69 9.03 22.63 9.02
N LYS A 70 9.07 23.97 9.12
CA LYS A 70 9.80 24.65 10.19
C LYS A 70 9.28 24.24 11.57
N SER A 71 7.99 23.94 11.66
CA SER A 71 7.35 23.71 12.94
C SER A 71 7.71 22.35 13.54
N ASN A 72 7.10 22.04 14.67
CA ASN A 72 7.30 20.74 15.31
C ASN A 72 6.25 19.73 14.90
N PHE A 73 5.54 20.03 13.81
CA PHE A 73 4.50 19.14 13.28
C PHE A 73 4.99 17.70 13.09
N PHE A 74 6.11 17.54 12.38
CA PHE A 74 6.68 16.21 12.14
C PHE A 74 7.05 15.49 13.44
N GLN A 75 7.68 16.20 14.36
CA GLN A 75 8.05 15.65 15.65
C GLN A 75 6.81 15.17 16.41
N LEU A 76 5.76 15.99 16.39
CA LEU A 76 4.54 15.69 17.14
C LEU A 76 3.76 14.51 16.55
N VAL A 77 3.69 14.44 15.23
CA VAL A 77 3.00 13.33 14.57
C VAL A 77 3.70 12.01 14.90
N ALA A 78 5.02 12.05 14.93
CA ALA A 78 5.81 10.87 15.27
C ALA A 78 5.55 10.41 16.71
N GLU A 79 5.45 11.37 17.63
CA GLU A 79 5.18 11.05 19.04
C GLU A 79 3.80 10.44 19.25
N ASP A 80 2.88 10.71 18.32
CA ASP A 80 1.55 10.10 18.37
C ASP A 80 1.58 8.68 17.81
N GLY A 81 2.73 8.27 17.28
CA GLY A 81 2.93 6.93 16.80
C GLY A 81 2.69 6.74 15.31
N ILE A 82 2.74 7.84 14.56
CA ILE A 82 2.46 7.80 13.13
C ILE A 82 3.70 8.05 12.29
N GLN A 83 3.89 7.22 11.26
CA GLN A 83 5.01 7.39 10.34
C GLN A 83 4.68 8.37 9.22
N LEU A 84 5.23 9.58 9.30
CA LEU A 84 5.02 10.59 8.26
C LEU A 84 6.17 10.57 7.26
N THR A 85 5.84 10.32 6.00
CA THR A 85 6.85 10.35 4.94
C THR A 85 6.77 11.64 4.14
N ASP A 86 7.89 12.36 4.08
CA ASP A 86 7.95 13.62 3.34
C ASP A 86 8.14 13.33 1.85
N CYS A 87 7.11 13.61 1.06
CA CYS A 87 7.14 13.33 -0.37
C CYS A 87 7.61 14.54 -1.18
N GLY A 88 8.25 15.49 -0.50
CA GLY A 88 8.81 16.65 -1.17
C GLY A 88 7.78 17.69 -1.58
N ASP A 89 8.17 18.57 -2.50
CA ASP A 89 7.29 19.62 -2.97
C ASP A 89 7.02 19.48 -4.47
N ILE A 90 5.83 19.88 -4.89
CA ILE A 90 5.54 20.01 -6.32
C ILE A 90 6.00 21.38 -6.80
N ILE A 91 6.80 21.41 -7.86
CA ILE A 91 7.24 22.67 -8.45
C ILE A 91 6.14 23.23 -9.34
N PRO A 92 5.47 24.31 -8.89
CA PRO A 92 4.39 24.86 -9.70
C PRO A 92 4.94 25.55 -10.95
N VAL A 93 4.13 25.62 -12.00
CA VAL A 93 4.52 26.27 -13.24
C VAL A 93 4.23 27.76 -13.17
N GLU A 94 5.29 28.57 -13.22
CA GLU A 94 5.14 30.01 -13.12
C GLU A 94 5.64 30.71 -14.37
N LEU A 95 4.74 30.87 -15.33
CA LEU A 95 5.06 31.50 -16.61
C LEU A 95 5.46 32.96 -16.45
N ASN A 96 6.21 33.47 -17.42
CA ASN A 96 6.54 34.88 -17.48
C ASN A 96 5.28 35.64 -17.91
N GLU A 97 5.09 36.84 -17.38
CA GLU A 97 3.87 37.61 -17.63
C GLU A 97 3.55 37.75 -19.12
N ALA A 98 4.60 37.82 -19.94
CA ALA A 98 4.44 37.96 -21.38
C ALA A 98 3.96 36.67 -22.03
N GLU A 99 4.15 35.55 -21.33
CA GLU A 99 3.70 34.25 -21.81
C GLU A 99 2.26 33.97 -21.37
N ASP A 100 1.78 34.73 -20.40
CA ASP A 100 0.48 34.44 -19.78
C ASP A 100 -0.37 35.69 -19.66
N PRO A 101 -0.90 36.18 -20.79
CA PRO A 101 -1.78 37.37 -20.74
C PRO A 101 -3.14 37.01 -20.16
N GLN A 102 -3.91 38.01 -19.76
CA GLN A 102 -5.25 37.77 -19.25
C GLN A 102 -6.14 37.17 -20.33
N ARG A 103 -6.93 36.17 -19.94
CA ARG A 103 -7.92 35.58 -20.82
C ARG A 103 -9.24 35.45 -20.07
N PHE A 104 -10.26 36.12 -20.58
CA PHE A 104 -11.56 36.20 -19.91
C PHE A 104 -11.43 36.75 -18.49
N GLY A 105 -10.57 37.75 -18.31
CA GLY A 105 -10.39 38.37 -17.02
C GLY A 105 -9.46 37.63 -16.08
N MET A 106 -9.29 36.34 -16.32
CA MET A 106 -8.44 35.50 -15.46
C MET A 106 -6.98 35.94 -15.51
N LYS A 107 -6.35 35.97 -14.34
CA LYS A 107 -4.92 36.23 -14.26
C LYS A 107 -4.16 34.91 -14.13
N TRP A 108 -3.04 34.79 -14.83
CA TRP A 108 -2.19 33.61 -14.78
C TRP A 108 -2.92 32.31 -15.09
N SER A 109 -3.83 32.34 -16.05
CA SER A 109 -4.67 31.19 -16.36
C SER A 109 -3.88 30.02 -16.96
N ARG A 110 -2.91 30.34 -17.81
CA ARG A 110 -2.11 29.28 -18.43
C ARG A 110 -1.17 28.65 -17.41
N SER A 111 -0.65 29.46 -16.49
CA SER A 111 0.12 28.92 -15.37
C SER A 111 -0.76 28.01 -14.53
N PHE A 112 -2.03 28.41 -14.37
CA PHE A 112 -3.00 27.61 -13.63
C PHE A 112 -3.23 26.26 -14.28
N SER A 113 -3.49 26.26 -15.59
CA SER A 113 -3.80 25.03 -16.30
C SER A 113 -2.61 24.07 -16.32
N LEU A 114 -1.42 24.62 -16.57
CA LEU A 114 -0.20 23.82 -16.56
C LEU A 114 0.09 23.26 -15.16
N THR A 115 -0.08 24.10 -14.15
CA THR A 115 0.16 23.67 -12.77
C THR A 115 -0.86 22.62 -12.35
N THR A 116 -2.13 22.88 -12.64
CA THR A 116 -3.21 21.95 -12.32
C THR A 116 -2.89 20.52 -12.76
N LEU A 117 -2.59 20.36 -14.04
CA LEU A 117 -2.26 19.06 -14.60
C LEU A 117 -1.06 18.44 -13.90
N ARG A 118 -0.08 19.28 -13.58
CA ARG A 118 1.12 18.79 -12.90
C ARG A 118 0.81 18.32 -11.48
N ILE A 119 -0.07 19.04 -10.80
CA ILE A 119 -0.54 18.63 -9.47
C ILE A 119 -1.26 17.29 -9.58
N ALA A 120 -2.20 17.21 -10.51
CA ALA A 120 -3.04 16.04 -10.69
C ALA A 120 -2.23 14.78 -10.95
N GLU A 121 -1.18 14.91 -11.74
CA GLU A 121 -0.33 13.77 -12.09
C GLU A 121 0.37 13.21 -10.85
N ARG A 122 0.93 14.08 -10.03
CA ARG A 122 1.65 13.67 -8.84
C ARG A 122 0.72 13.11 -7.75
N VAL A 123 -0.39 13.80 -7.51
CA VAL A 123 -1.37 13.34 -6.52
C VAL A 123 -1.93 11.96 -6.87
N GLU A 124 -2.25 11.76 -8.15
CA GLU A 124 -2.76 10.49 -8.63
C GLU A 124 -1.76 9.36 -8.37
N GLU A 125 -0.49 9.64 -8.62
CA GLU A 125 0.58 8.67 -8.38
C GLU A 125 0.64 8.32 -6.89
N LEU A 126 0.63 9.33 -6.03
CA LEU A 126 0.68 9.13 -4.59
C LEU A 126 -0.53 8.36 -4.07
N MET A 127 -1.70 8.63 -4.64
CA MET A 127 -2.93 7.99 -4.20
C MET A 127 -3.01 6.52 -4.65
N LYS A 128 -2.60 6.26 -5.89
CA LYS A 128 -2.63 4.90 -6.43
C LYS A 128 -1.56 4.03 -5.77
N GLN A 129 -0.47 4.66 -5.37
CA GLN A 129 0.65 3.97 -4.74
C GLN A 129 0.27 3.38 -3.38
N SER A 130 -0.65 4.05 -2.69
CA SER A 130 -1.13 3.58 -1.40
C SER A 130 -2.56 3.09 -1.51
N ASN A 131 -2.89 2.47 -2.65
CA ASN A 131 -4.24 2.00 -2.92
C ASN A 131 -4.32 0.47 -2.92
N LYS A 141 -7.52 0.57 6.64
CA LYS A 141 -6.41 1.36 7.18
C LYS A 141 -5.61 1.98 6.05
N SER A 142 -6.09 3.12 5.54
CA SER A 142 -5.45 3.78 4.41
C SER A 142 -4.32 4.71 4.84
N THR A 143 -3.58 5.22 3.87
CA THR A 143 -2.52 6.18 4.11
C THR A 143 -2.93 7.55 3.59
N PRO A 144 -3.31 8.46 4.49
CA PRO A 144 -3.77 9.80 4.13
C PRO A 144 -2.66 10.65 3.53
N LEU A 145 -3.04 11.55 2.63
CA LEU A 145 -2.12 12.52 2.07
C LEU A 145 -2.36 13.86 2.74
N VAL A 146 -1.32 14.41 3.37
CA VAL A 146 -1.39 15.74 3.94
C VAL A 146 -0.73 16.71 2.97
N ILE A 147 -1.49 17.67 2.48
CA ILE A 147 -0.97 18.65 1.53
C ILE A 147 -1.00 20.06 2.12
N VAL A 148 0.10 20.78 1.99
CA VAL A 148 0.18 22.14 2.49
C VAL A 148 0.50 23.13 1.37
N GLY A 149 -0.40 24.09 1.16
CA GLY A 149 -0.19 25.14 0.17
C GLY A 149 0.57 26.30 0.77
N GLY A 150 0.70 27.39 0.02
CA GLY A 150 0.12 27.51 -1.30
C GLY A 150 -1.29 28.07 -1.26
N ASP A 151 -1.64 28.88 -2.26
CA ASP A 151 -2.99 29.42 -2.32
C ASP A 151 -3.96 28.35 -2.83
N HIS A 152 -5.25 28.63 -2.72
CA HIS A 152 -6.26 27.59 -2.89
C HIS A 152 -6.48 27.15 -4.34
N SER A 153 -5.84 27.82 -5.29
CA SER A 153 -5.99 27.45 -6.70
C SER A 153 -5.45 26.04 -6.97
N MET A 154 -4.58 25.57 -6.07
CA MET A 154 -4.03 24.22 -6.16
C MET A 154 -5.10 23.14 -6.07
N ALA A 155 -6.25 23.48 -5.49
CA ALA A 155 -7.30 22.51 -5.21
C ALA A 155 -7.88 21.86 -6.46
N THR A 156 -7.81 22.56 -7.59
CA THR A 156 -8.27 21.99 -8.85
C THR A 156 -7.40 20.79 -9.20
N GLY A 157 -6.09 20.96 -9.02
CA GLY A 157 -5.14 19.90 -9.32
C GLY A 157 -5.23 18.73 -8.36
N THR A 158 -5.26 19.01 -7.06
CA THR A 158 -5.28 17.95 -6.05
C THR A 158 -6.53 17.08 -6.16
N ILE A 159 -7.68 17.70 -6.31
CA ILE A 159 -8.94 16.96 -6.40
C ILE A 159 -9.01 16.14 -7.68
N LEU A 160 -8.55 16.73 -8.78
CA LEU A 160 -8.52 16.05 -10.07
C LEU A 160 -7.67 14.77 -10.00
N GLY A 161 -6.47 14.90 -9.44
CA GLY A 161 -5.59 13.76 -9.28
C GLY A 161 -6.14 12.76 -8.29
N HIS A 162 -6.75 13.27 -7.21
CA HIS A 162 -7.36 12.43 -6.20
C HIS A 162 -8.55 11.68 -6.78
N ALA A 163 -9.37 12.38 -7.56
CA ALA A 163 -10.55 11.78 -8.18
C ALA A 163 -10.18 10.76 -9.26
N GLU A 164 -8.94 10.80 -9.73
CA GLU A 164 -8.50 9.87 -10.75
C GLU A 164 -8.16 8.52 -10.13
N ALA A 165 -7.90 8.52 -8.84
CA ALA A 165 -7.58 7.29 -8.11
C ALA A 165 -8.80 6.79 -7.34
N LYS A 166 -9.62 7.73 -6.86
CA LYS A 166 -10.82 7.41 -6.09
C LYS A 166 -11.99 8.25 -6.61
N PRO A 167 -12.59 7.83 -7.74
CA PRO A 167 -13.60 8.62 -8.46
C PRO A 167 -14.90 8.84 -7.70
N ASP A 168 -15.13 8.09 -6.63
CA ASP A 168 -16.37 8.21 -5.87
C ASP A 168 -16.23 9.12 -4.65
N LEU A 169 -15.17 9.91 -4.61
CA LEU A 169 -14.88 10.74 -3.45
C LEU A 169 -15.92 11.85 -3.21
N CYS A 170 -15.99 12.31 -1.96
CA CYS A 170 -16.78 13.47 -1.62
C CYS A 170 -15.82 14.56 -1.15
N VAL A 171 -16.26 15.80 -1.19
CA VAL A 171 -15.39 16.92 -0.82
C VAL A 171 -15.98 17.74 0.32
N LEU A 172 -15.16 17.97 1.35
CA LEU A 172 -15.53 18.88 2.42
C LEU A 172 -14.70 20.16 2.31
N TRP A 173 -15.37 21.25 1.94
CA TRP A 173 -14.69 22.53 1.72
C TRP A 173 -14.88 23.46 2.91
N ILE A 174 -13.82 23.67 3.68
CA ILE A 174 -13.85 24.53 4.86
C ILE A 174 -13.24 25.88 4.49
N ASP A 175 -14.09 26.91 4.41
CA ASP A 175 -13.65 28.16 3.84
C ASP A 175 -14.59 29.30 4.20
N ALA A 176 -14.05 30.51 4.25
CA ALA A 176 -14.86 31.70 4.40
C ALA A 176 -15.55 32.00 3.08
N HIS A 177 -14.98 31.48 1.99
CA HIS A 177 -15.42 31.79 0.64
C HIS A 177 -15.83 30.54 -0.14
N GLY A 178 -16.60 30.74 -1.20
CA GLY A 178 -17.07 29.63 -2.01
C GLY A 178 -15.99 29.07 -2.92
N ASP A 179 -15.12 29.96 -3.41
CA ASP A 179 -14.07 29.58 -4.37
C ASP A 179 -14.65 28.83 -5.57
N ILE A 180 -15.83 29.27 -6.00
CA ILE A 180 -16.57 28.57 -7.04
C ILE A 180 -17.08 29.58 -8.08
N ASN A 181 -16.51 30.77 -8.08
CA ASN A 181 -16.75 31.74 -9.13
C ASN A 181 -16.36 31.17 -10.49
N THR A 182 -17.21 31.40 -11.49
CA THR A 182 -16.86 31.06 -12.86
C THR A 182 -16.20 32.29 -13.48
N PRO A 183 -15.23 32.09 -14.39
CA PRO A 183 -14.34 33.14 -14.92
C PRO A 183 -15.02 34.46 -15.28
N LEU A 184 -16.15 34.41 -15.99
CA LEU A 184 -16.81 35.63 -16.43
C LEU A 184 -17.54 36.35 -15.29
N ASN A 185 -17.71 35.67 -14.17
CA ASN A 185 -18.36 36.25 -13.00
C ASN A 185 -17.39 36.78 -11.95
N SER A 186 -16.12 36.46 -12.12
CA SER A 186 -15.10 36.84 -11.15
C SER A 186 -14.74 38.32 -11.27
N ALA A 187 -14.86 39.04 -10.16
CA ALA A 187 -14.51 40.46 -10.13
C ALA A 187 -13.01 40.66 -10.06
N SER A 188 -12.31 39.72 -9.44
CA SER A 188 -10.89 39.86 -9.18
C SER A 188 -10.02 39.25 -10.27
N GLY A 189 -10.48 38.15 -10.84
CA GLY A 189 -9.71 37.44 -11.85
C GLY A 189 -8.64 36.57 -11.23
N ASN A 190 -8.70 36.41 -9.92
CA ASN A 190 -7.76 35.56 -9.20
C ASN A 190 -8.21 34.09 -9.21
N MET A 191 -7.29 33.20 -9.57
CA MET A 191 -7.62 31.79 -9.74
C MET A 191 -7.97 31.07 -8.43
N HIS A 192 -7.50 31.58 -7.30
CA HIS A 192 -7.78 30.96 -6.02
C HIS A 192 -9.25 31.13 -5.61
N GLY A 193 -9.97 31.95 -6.37
CA GLY A 193 -11.39 32.17 -6.16
C GLY A 193 -12.26 31.35 -7.11
N MET A 194 -11.62 30.64 -8.03
CA MET A 194 -12.36 29.81 -8.99
C MET A 194 -12.07 28.28 -9.00
N PRO A 195 -11.30 27.74 -8.03
CA PRO A 195 -10.84 26.37 -8.28
C PRO A 195 -11.93 25.31 -8.42
N LEU A 196 -13.06 25.49 -7.73
CA LEU A 196 -14.12 24.50 -7.76
C LEU A 196 -14.95 24.50 -9.04
N SER A 197 -15.04 25.66 -9.70
CA SER A 197 -15.89 25.80 -10.87
C SER A 197 -15.47 24.92 -12.05
N PHE A 198 -14.17 24.63 -12.15
CA PHE A 198 -13.66 23.79 -13.23
C PHE A 198 -13.88 22.31 -12.95
N LEU A 199 -14.29 21.99 -11.73
CA LEU A 199 -14.44 20.60 -11.31
C LEU A 199 -15.89 20.14 -11.30
N VAL A 200 -16.81 21.08 -11.16
CA VAL A 200 -18.23 20.75 -11.02
C VAL A 200 -18.94 20.62 -12.37
N LYS A 201 -19.44 19.42 -12.64
CA LYS A 201 -20.08 19.10 -13.91
C LYS A 201 -21.23 20.03 -14.25
N GLU A 202 -22.06 20.33 -13.26
CA GLU A 202 -23.25 21.14 -13.46
C GLU A 202 -22.95 22.59 -13.85
N LEU A 203 -21.67 22.97 -13.80
CA LEU A 203 -21.27 24.35 -14.08
C LEU A 203 -20.52 24.52 -15.40
N GLN A 204 -20.41 23.46 -16.18
CA GLN A 204 -19.55 23.48 -17.37
C GLN A 204 -20.06 24.35 -18.52
N ASP A 205 -21.33 24.74 -18.47
CA ASP A 205 -21.88 25.64 -19.48
C ASP A 205 -21.60 27.09 -19.11
N GLN A 206 -20.88 27.29 -18.01
CA GLN A 206 -20.52 28.63 -17.56
C GLN A 206 -19.01 28.84 -17.61
N ILE A 207 -18.28 27.81 -17.98
CA ILE A 207 -16.83 27.90 -18.13
C ILE A 207 -16.44 28.10 -19.58
N PRO A 208 -15.79 29.24 -19.88
CA PRO A 208 -15.30 29.56 -21.22
C PRO A 208 -14.34 28.49 -21.73
N TRP A 209 -14.56 28.01 -22.95
CA TRP A 209 -13.67 27.03 -23.54
C TRP A 209 -12.28 27.60 -23.79
N LEU A 210 -11.27 26.89 -23.31
CA LEU A 210 -9.88 27.22 -23.60
C LEU A 210 -9.14 25.91 -23.88
N ASP A 211 -8.32 25.92 -24.93
CA ASP A 211 -7.64 24.71 -25.37
C ASP A 211 -6.73 24.10 -24.31
N ASP A 212 -5.99 24.95 -23.59
CA ASP A 212 -5.08 24.45 -22.56
C ASP A 212 -5.83 23.92 -21.34
N PHE A 213 -7.14 24.09 -21.33
CA PHE A 213 -7.98 23.64 -20.23
C PHE A 213 -8.65 22.28 -20.50
N GLU A 214 -8.38 21.70 -21.66
CA GLU A 214 -9.05 20.46 -22.04
C GLU A 214 -8.73 19.29 -21.11
N GLY A 215 -7.48 19.22 -20.65
CA GLY A 215 -7.05 18.15 -19.76
C GLY A 215 -7.71 18.21 -18.39
N ILE A 216 -8.30 19.36 -18.07
CA ILE A 216 -9.00 19.54 -16.81
C ILE A 216 -10.47 19.14 -16.96
N LYS A 217 -10.75 17.87 -16.74
CA LYS A 217 -12.11 17.36 -16.88
C LYS A 217 -12.84 17.39 -15.54
N PRO A 218 -14.06 17.97 -15.52
CA PRO A 218 -14.91 18.02 -14.33
C PRO A 218 -15.16 16.62 -13.78
N CYS A 219 -14.77 16.40 -12.53
CA CYS A 219 -14.86 15.08 -11.91
C CYS A 219 -15.80 15.09 -10.71
N LEU A 220 -16.42 16.24 -10.45
CA LEU A 220 -17.30 16.38 -9.29
C LEU A 220 -18.75 16.67 -9.65
N ASN A 221 -19.66 15.92 -9.05
CA ASN A 221 -21.07 16.29 -9.06
C ASN A 221 -21.33 17.26 -7.91
N ALA A 222 -22.31 18.14 -8.08
CA ALA A 222 -22.65 19.13 -7.06
C ALA A 222 -23.08 18.47 -5.75
N SER A 223 -23.54 17.22 -5.84
CA SER A 223 -24.00 16.49 -4.67
C SER A 223 -22.86 15.82 -3.89
N ASN A 224 -21.63 16.08 -4.30
CA ASN A 224 -20.46 15.52 -3.63
C ASN A 224 -19.69 16.54 -2.79
N ILE A 225 -20.15 17.78 -2.82
CA ILE A 225 -19.47 18.88 -2.14
C ILE A 225 -20.28 19.39 -0.95
N ALA A 226 -19.59 19.71 0.15
CA ALA A 226 -20.24 20.34 1.29
C ALA A 226 -19.36 21.42 1.90
N TYR A 227 -19.91 22.64 2.02
CA TYR A 227 -19.19 23.78 2.57
C TYR A 227 -19.42 23.91 4.08
N ILE A 228 -18.37 24.29 4.80
CA ILE A 228 -18.52 24.71 6.19
C ILE A 228 -17.69 25.97 6.45
N GLY A 229 -18.33 27.00 7.00
CA GLY A 229 -17.62 28.20 7.43
C GLY A 229 -17.83 29.44 6.60
N LEU A 230 -18.70 29.35 5.60
CA LEU A 230 -18.94 30.45 4.67
C LEU A 230 -19.45 31.72 5.35
N ARG A 231 -18.92 32.87 4.94
CA ARG A 231 -19.38 34.15 5.46
C ARG A 231 -19.06 35.31 4.50
N ASP A 232 -18.57 34.99 3.31
CA ASP A 232 -18.25 36.01 2.31
C ASP A 232 -18.45 35.50 0.88
N LEU A 233 -19.66 35.05 0.58
CA LEU A 233 -20.00 34.57 -0.75
C LEU A 233 -20.29 35.71 -1.72
N ASP A 234 -19.79 35.60 -2.94
CA ASP A 234 -20.20 36.50 -4.00
C ASP A 234 -21.59 36.09 -4.48
N ALA A 235 -22.34 37.06 -5.01
CA ALA A 235 -23.73 36.83 -5.40
C ALA A 235 -23.92 35.68 -6.38
N HIS A 236 -23.06 35.62 -7.39
CA HIS A 236 -23.15 34.57 -8.40
C HIS A 236 -22.79 33.19 -7.86
N GLU A 237 -21.94 33.17 -6.83
CA GLU A 237 -21.64 31.91 -6.14
C GLU A 237 -22.87 31.44 -5.40
N THR A 238 -23.55 32.38 -4.72
CA THR A 238 -24.77 32.08 -4.00
C THR A 238 -25.81 31.52 -4.95
N HIS A 239 -25.89 32.08 -6.15
CA HIS A 239 -26.83 31.63 -7.15
C HIS A 239 -26.55 30.18 -7.56
N ASP A 240 -25.30 29.91 -7.91
CA ASP A 240 -24.89 28.57 -8.35
C ASP A 240 -24.99 27.52 -7.27
N ILE A 241 -24.59 27.88 -6.04
CA ILE A 241 -24.67 26.96 -4.91
C ILE A 241 -26.11 26.54 -4.63
N ARG A 242 -27.04 27.49 -4.68
CA ARG A 242 -28.45 27.19 -4.42
C ARG A 242 -29.12 26.50 -5.60
N LYS A 243 -28.76 26.91 -6.81
CA LYS A 243 -29.34 26.35 -8.02
C LYS A 243 -29.08 24.86 -8.13
N HIS A 244 -27.84 24.45 -7.89
CA HIS A 244 -27.44 23.07 -8.10
C HIS A 244 -27.46 22.23 -6.83
N GLY A 245 -28.01 22.81 -5.77
CA GLY A 245 -28.23 22.10 -4.52
C GLY A 245 -26.96 21.64 -3.81
N ILE A 246 -25.90 22.43 -3.93
CA ILE A 246 -24.68 22.13 -3.20
C ILE A 246 -24.94 22.38 -1.73
N ALA A 247 -24.60 21.40 -0.89
CA ALA A 247 -24.81 21.53 0.54
C ALA A 247 -23.85 22.57 1.12
N TYR A 248 -24.38 23.48 1.92
CA TYR A 248 -23.55 24.51 2.52
C TYR A 248 -24.02 24.93 3.90
N PHE A 249 -23.07 25.09 4.81
CA PHE A 249 -23.35 25.52 6.18
C PHE A 249 -22.50 26.74 6.50
N THR A 250 -23.15 27.90 6.55
CA THR A 250 -22.45 29.15 6.80
C THR A 250 -22.22 29.36 8.29
N MET A 251 -21.55 30.46 8.63
CA MET A 251 -21.34 30.82 10.03
C MET A 251 -22.68 31.04 10.74
N LEU A 252 -23.67 31.50 9.99
CA LEU A 252 -25.03 31.65 10.49
C LEU A 252 -25.56 30.28 10.94
N ASP A 253 -25.37 29.28 10.09
CA ASP A 253 -25.76 27.91 10.42
C ASP A 253 -25.00 27.38 11.65
N VAL A 254 -23.70 27.66 11.70
CA VAL A 254 -22.88 27.27 12.84
C VAL A 254 -23.37 27.93 14.13
N ASP A 255 -23.78 29.19 14.04
CA ASP A 255 -24.35 29.90 15.18
C ASP A 255 -25.67 29.30 15.67
N ARG A 256 -26.57 28.98 14.74
CA ARG A 256 -27.89 28.49 15.11
C ARG A 256 -27.94 27.00 15.41
N MET A 257 -27.03 26.22 14.82
CA MET A 257 -27.06 24.76 14.98
C MET A 257 -25.99 24.24 15.91
N GLY A 258 -24.89 24.96 16.03
CA GLY A 258 -23.73 24.46 16.74
C GLY A 258 -22.85 23.66 15.77
N ILE A 259 -21.55 23.68 15.99
CA ILE A 259 -20.62 22.99 15.09
C ILE A 259 -20.86 21.48 15.04
N GLU A 260 -21.29 20.90 16.15
CA GLU A 260 -21.50 19.45 16.22
C GLU A 260 -22.58 19.01 15.24
N ALA A 261 -23.69 19.74 15.21
CA ALA A 261 -24.78 19.43 14.30
C ALA A 261 -24.40 19.70 12.84
N VAL A 262 -23.62 20.75 12.62
CA VAL A 262 -23.17 21.11 11.28
C VAL A 262 -22.31 20.02 10.65
N ILE A 263 -21.35 19.51 11.42
CA ILE A 263 -20.48 18.44 10.94
C ILE A 263 -21.30 17.20 10.58
N LYS A 264 -22.21 16.83 11.47
CA LYS A 264 -23.06 15.66 11.27
C LYS A 264 -23.91 15.81 10.01
N GLU A 265 -24.43 17.01 9.78
CA GLU A 265 -25.26 17.29 8.62
C GLU A 265 -24.45 17.37 7.34
N ALA A 266 -23.22 17.89 7.45
CA ALA A 266 -22.32 17.97 6.30
C ALA A 266 -21.95 16.57 5.80
N LEU A 267 -21.64 15.68 6.73
CA LEU A 267 -21.28 14.30 6.37
C LEU A 267 -22.50 13.54 5.87
N LEU A 268 -23.64 13.80 6.50
CA LEU A 268 -24.90 13.18 6.10
C LEU A 268 -25.25 13.52 4.65
N ALA A 269 -24.88 14.72 4.22
CA ALA A 269 -25.21 15.21 2.90
C ALA A 269 -24.34 14.62 1.78
N VAL A 270 -23.06 14.38 2.07
CA VAL A 270 -22.13 13.96 1.03
C VAL A 270 -21.49 12.58 1.26
N ASN A 271 -21.69 12.02 2.45
CA ASN A 271 -21.14 10.70 2.77
C ASN A 271 -21.95 9.97 3.84
N PRO A 272 -23.26 9.76 3.58
CA PRO A 272 -24.23 9.33 4.59
C PRO A 272 -23.89 8.03 5.31
N ARG A 273 -23.16 7.13 4.66
CA ARG A 273 -22.84 5.85 5.27
C ARG A 273 -21.34 5.59 5.33
N LEU A 274 -20.55 6.65 5.22
CA LEU A 274 -19.09 6.55 5.25
C LEU A 274 -18.55 5.56 4.22
N GLU A 275 -19.15 5.56 3.04
CA GLU A 275 -18.73 4.68 1.96
C GLU A 275 -17.71 5.38 1.05
N LYS A 276 -17.78 6.70 1.00
CA LYS A 276 -16.95 7.49 0.09
C LYS A 276 -15.68 7.99 0.77
N ALA A 277 -14.57 7.96 0.02
CA ALA A 277 -13.33 8.59 0.47
C ALA A 277 -13.53 10.09 0.60
N ILE A 278 -12.82 10.72 1.52
CA ILE A 278 -13.02 12.14 1.78
C ILE A 278 -11.81 12.99 1.42
N HIS A 279 -12.02 13.96 0.53
CA HIS A 279 -11.04 15.00 0.28
C HIS A 279 -11.40 16.22 1.13
N LEU A 280 -10.57 16.50 2.13
CA LEU A 280 -10.82 17.63 3.03
C LEU A 280 -10.01 18.86 2.64
N SER A 281 -10.69 19.84 2.05
CA SER A 281 -10.03 21.06 1.63
C SER A 281 -10.22 22.17 2.66
N PHE A 282 -9.16 22.48 3.38
CA PHE A 282 -9.23 23.41 4.51
C PHE A 282 -8.51 24.72 4.22
N ASP A 283 -9.26 25.76 3.91
CA ASP A 283 -8.70 27.10 3.79
C ASP A 283 -8.50 27.63 5.20
N ILE A 284 -7.30 28.16 5.46
CA ILE A 284 -6.95 28.65 6.79
C ILE A 284 -7.82 29.85 7.20
N ASP A 285 -8.30 30.62 6.22
CA ASP A 285 -9.12 31.78 6.54
C ASP A 285 -10.55 31.42 6.98
N ALA A 286 -10.84 30.12 7.06
CA ALA A 286 -12.09 29.66 7.63
C ALA A 286 -12.08 29.93 9.12
N LEU A 287 -10.89 29.85 9.72
CA LEU A 287 -10.70 30.19 11.12
C LEU A 287 -10.75 31.71 11.28
N ASP A 288 -11.17 32.16 12.47
CA ASP A 288 -11.22 33.58 12.75
C ASP A 288 -9.83 34.21 12.69
N PRO A 289 -9.74 35.44 12.13
CA PRO A 289 -8.47 36.19 12.02
C PRO A 289 -7.72 36.37 13.34
N LEU A 290 -8.44 36.32 14.47
CA LEU A 290 -7.79 36.38 15.78
C LEU A 290 -6.94 35.15 16.02
N VAL A 291 -7.28 34.07 15.32
CA VAL A 291 -6.63 32.77 15.48
C VAL A 291 -5.61 32.53 14.37
N ALA A 292 -5.92 33.03 13.17
CA ALA A 292 -5.05 32.86 12.02
C ALA A 292 -5.01 34.12 11.17
N PRO A 293 -4.27 35.15 11.62
CA PRO A 293 -4.21 36.43 10.90
C PRO A 293 -3.37 36.39 9.63
N SER A 294 -2.33 35.55 9.59
CA SER A 294 -1.43 35.53 8.44
C SER A 294 -2.05 34.81 7.24
N THR A 295 -3.02 35.45 6.61
CA THR A 295 -3.64 34.92 5.41
C THR A 295 -4.17 36.07 4.55
N GLY A 296 -4.25 35.84 3.24
CA GLY A 296 -4.51 36.91 2.30
C GLY A 296 -5.87 37.59 2.39
N THR A 297 -6.92 36.81 2.56
CA THR A 297 -8.27 37.37 2.61
C THR A 297 -8.96 36.98 3.90
N ALA A 298 -8.56 37.63 4.99
CA ALA A 298 -9.13 37.36 6.30
C ALA A 298 -10.53 37.95 6.42
N VAL A 299 -11.44 37.20 7.04
CA VAL A 299 -12.81 37.65 7.23
C VAL A 299 -13.25 37.41 8.68
N PRO A 300 -13.58 38.49 9.40
CA PRO A 300 -14.01 38.46 10.80
C PRO A 300 -15.23 37.58 11.04
N GLY A 301 -15.36 37.04 12.25
CA GLY A 301 -16.51 36.23 12.62
C GLY A 301 -16.40 34.80 12.12
N GLY A 302 -15.19 34.26 12.16
CA GLY A 302 -14.95 32.92 11.66
C GLY A 302 -15.04 31.84 12.72
N LEU A 303 -14.56 30.65 12.36
CA LEU A 303 -14.53 29.53 13.29
C LEU A 303 -13.49 29.77 14.37
N THR A 304 -13.80 29.34 15.59
CA THR A 304 -12.81 29.29 16.65
C THR A 304 -11.86 28.15 16.30
N LEU A 305 -10.72 28.10 16.96
CA LEU A 305 -9.79 26.99 16.76
C LEU A 305 -10.46 25.68 17.17
N ARG A 306 -11.24 25.74 18.25
CA ARG A 306 -11.92 24.56 18.76
C ARG A 306 -12.95 24.00 17.78
N GLU A 307 -13.68 24.89 17.12
CA GLU A 307 -14.66 24.48 16.12
C GLU A 307 -13.97 23.82 14.92
N GLY A 308 -12.85 24.39 14.51
CA GLY A 308 -12.06 23.84 13.42
C GLY A 308 -11.51 22.48 13.82
N LEU A 309 -11.05 22.33 15.03
CA LEU A 309 -10.56 21.07 15.53
C LEU A 309 -11.63 20.05 15.54
N ARG A 310 -12.84 20.42 15.93
CA ARG A 310 -13.96 19.48 15.93
C ARG A 310 -14.25 18.93 14.54
N ILE A 311 -14.19 19.78 13.52
CA ILE A 311 -14.37 19.36 12.14
C ILE A 311 -13.34 18.30 11.75
N CYS A 312 -12.07 18.59 12.03
CA CYS A 312 -10.98 17.69 11.67
C CYS A 312 -11.04 16.38 12.45
N GLU A 313 -11.36 16.46 13.74
CA GLU A 313 -11.44 15.27 14.58
C GLU A 313 -12.53 14.34 14.10
N GLU A 314 -13.66 14.91 13.70
CA GLU A 314 -14.79 14.11 13.23
C GLU A 314 -14.52 13.47 11.87
N VAL A 315 -13.96 14.26 10.95
CA VAL A 315 -13.61 13.74 9.64
C VAL A 315 -12.55 12.64 9.76
N SER A 316 -11.57 12.87 10.62
CA SER A 316 -10.54 11.87 10.89
C SER A 316 -11.15 10.58 11.42
N ALA A 317 -12.13 10.70 12.32
CA ALA A 317 -12.71 9.54 13.00
C ALA A 317 -13.59 8.68 12.09
N THR A 318 -13.88 9.14 10.88
CA THR A 318 -14.66 8.35 9.94
C THR A 318 -13.82 7.20 9.41
N GLY A 319 -12.51 7.33 9.55
CA GLY A 319 -11.58 6.37 8.99
C GLY A 319 -11.53 6.50 7.48
N LYS A 320 -12.09 7.60 6.98
CA LYS A 320 -12.25 7.79 5.54
C LYS A 320 -11.51 9.01 5.00
N LEU A 321 -10.68 9.63 5.83
CA LEU A 321 -9.89 10.77 5.39
C LEU A 321 -8.83 10.30 4.39
N SER A 322 -8.99 10.72 3.15
CA SER A 322 -8.10 10.29 2.08
C SER A 322 -7.04 11.36 1.82
N VAL A 323 -7.48 12.60 1.66
CA VAL A 323 -6.56 13.72 1.44
C VAL A 323 -6.98 14.92 2.29
N VAL A 324 -6.05 15.47 3.04
CA VAL A 324 -6.30 16.75 3.70
C VAL A 324 -5.37 17.81 3.14
N GLU A 325 -5.94 18.92 2.68
CA GLU A 325 -5.12 20.02 2.18
C GLU A 325 -5.37 21.30 2.98
N LEU A 326 -4.29 22.01 3.27
CA LEU A 326 -4.36 23.25 4.02
C LEU A 326 -3.85 24.40 3.15
N ALA A 327 -4.72 25.35 2.84
CA ALA A 327 -4.37 26.41 1.91
C ALA A 327 -4.31 27.80 2.54
N GLU A 328 -3.66 28.72 1.81
CA GLU A 328 -3.68 30.15 2.11
C GLU A 328 -2.83 30.61 3.29
N LEU A 329 -1.92 29.76 3.77
CA LEU A 329 -0.93 30.20 4.74
C LEU A 329 -0.01 31.21 4.06
N ASN A 330 0.27 32.32 4.74
CA ASN A 330 1.15 33.35 4.18
C ASN A 330 2.00 34.02 5.26
N PRO A 331 3.20 33.47 5.50
CA PRO A 331 4.15 33.93 6.52
C PRO A 331 4.70 35.33 6.27
N LEU A 332 4.34 35.93 5.14
CA LEU A 332 4.81 37.28 4.82
C LEU A 332 3.77 38.34 5.19
N LEU A 333 2.66 37.90 5.77
CA LEU A 333 1.62 38.82 6.21
C LEU A 333 1.57 38.88 7.74
N GLY A 334 1.40 40.09 8.27
CA GLY A 334 1.29 40.29 9.70
C GLY A 334 2.63 40.27 10.43
N SER A 335 2.57 40.48 11.75
CA SER A 335 3.77 40.49 12.58
C SER A 335 4.31 39.09 12.82
N GLN A 336 5.47 39.01 13.46
CA GLN A 336 6.08 37.72 13.80
C GLN A 336 5.14 36.91 14.69
N GLU A 337 4.52 37.60 15.65
CA GLU A 337 3.58 36.96 16.55
C GLU A 337 2.35 36.47 15.80
N ASP A 338 1.94 37.25 14.79
CA ASP A 338 0.83 36.86 13.92
C ASP A 338 1.16 35.57 13.18
N VAL A 339 2.36 35.52 12.61
CA VAL A 339 2.81 34.36 11.86
C VAL A 339 2.95 33.14 12.79
N LEU A 340 3.41 33.38 14.01
CA LEU A 340 3.51 32.33 15.00
C LEU A 340 2.13 31.77 15.37
N LYS A 341 1.15 32.65 15.51
CA LYS A 341 -0.21 32.25 15.84
C LYS A 341 -0.81 31.42 14.71
N THR A 342 -0.59 31.87 13.48
CA THR A 342 -1.13 31.20 12.31
C THR A 342 -0.49 29.83 12.12
N GLN A 343 0.82 29.76 12.35
CA GLN A 343 1.56 28.51 12.28
C GLN A 343 1.03 27.52 13.32
N SER A 344 0.87 28.00 14.53
CA SER A 344 0.37 27.19 15.63
C SER A 344 -1.00 26.59 15.33
N SER A 345 -1.89 27.42 14.79
CA SER A 345 -3.24 26.97 14.45
C SER A 345 -3.21 25.90 13.36
N ALA A 346 -2.34 26.10 12.37
CA ALA A 346 -2.17 25.15 11.28
C ALA A 346 -1.70 23.78 11.79
N VAL A 347 -0.75 23.79 12.71
CA VAL A 347 -0.20 22.55 13.24
C VAL A 347 -1.24 21.77 14.05
N HIS A 348 -1.97 22.45 14.92
CA HIS A 348 -3.02 21.80 15.71
C HIS A 348 -4.10 21.20 14.80
N ILE A 349 -4.45 21.92 13.74
CA ILE A 349 -5.46 21.46 12.78
C ILE A 349 -5.01 20.19 12.06
N LEU A 350 -3.79 20.23 11.52
CA LEU A 350 -3.26 19.09 10.78
C LEU A 350 -3.06 17.86 11.66
N ARG A 351 -2.62 18.08 12.90
CA ARG A 351 -2.49 16.99 13.86
C ARG A 351 -3.84 16.35 14.13
N ALA A 352 -4.89 17.17 14.15
CA ALA A 352 -6.24 16.69 14.41
C ALA A 352 -6.71 15.78 13.27
N CYS A 353 -6.33 16.15 12.05
CA CYS A 353 -6.69 15.36 10.88
C CYS A 353 -6.06 13.98 10.92
N LEU A 354 -4.83 13.90 11.43
CA LEU A 354 -4.10 12.63 11.46
C LEU A 354 -4.52 11.73 12.62
N GLY A 355 -5.37 12.25 13.50
CA GLY A 355 -5.97 11.44 14.54
C GLY A 355 -5.60 11.79 15.97
N HIS A 356 -4.96 12.93 16.16
CA HIS A 356 -4.57 13.36 17.51
C HIS A 356 -5.79 13.70 18.36
N CYS A 357 -5.81 13.15 19.58
CA CYS A 357 -6.90 13.39 20.50
C CYS A 357 -6.48 14.30 21.63
N ARG A 358 -7.31 15.32 21.90
CA ARG A 358 -7.08 16.21 23.02
C ARG A 358 -7.38 15.48 24.33
N SER A 359 -8.08 14.36 24.22
CA SER A 359 -8.44 13.54 25.37
C SER A 359 -7.27 12.70 25.87
N GLY A 360 -6.16 12.74 25.13
CA GLY A 360 -4.95 12.03 25.53
C GLY A 360 -4.70 10.74 24.76
N HIS A 361 -3.44 10.33 24.71
CA HIS A 361 -3.06 9.07 24.08
C HIS A 361 -2.36 8.16 25.08
N LEU A 362 -2.66 6.86 25.01
CA LEU A 362 -2.01 5.88 25.87
C LEU A 362 -0.56 5.65 25.44
N PRO A 363 0.31 5.35 26.42
CA PRO A 363 1.72 5.11 26.10
C PRO A 363 1.93 3.74 25.45
N PHE A 364 2.89 3.64 24.54
CA PHE A 364 3.12 2.39 23.82
C PHE A 364 3.79 1.34 24.70
N LYS A 365 4.31 1.78 25.84
CA LYS A 365 4.90 0.87 26.83
C LYS A 365 4.84 1.52 28.21
N VAL A 366 4.20 0.82 29.15
CA VAL A 366 4.01 1.35 30.49
C VAL A 366 5.26 1.16 31.35
N ARG A 367 5.75 2.25 31.92
CA ARG A 367 6.95 2.20 32.75
C ARG A 367 6.61 1.82 34.19
N ASN A 368 7.16 0.69 34.62
CA ASN A 368 6.98 0.23 36.00
C ASN A 368 8.22 0.55 36.81
N LEU A 369 8.01 1.00 38.05
CA LEU A 369 9.13 1.50 38.86
C LEU A 369 10.00 0.39 39.44
N THR A 370 9.44 -0.81 39.57
CA THR A 370 10.16 -1.90 40.24
C THR A 370 11.02 -2.72 39.27
N ASP A 371 10.68 -2.72 37.99
CA ASP A 371 11.53 -3.40 37.01
C ASP A 371 12.82 -2.63 36.82
N GLN A 372 12.77 -1.33 37.11
CA GLN A 372 13.96 -0.48 37.05
C GLN A 372 14.76 -0.61 38.36
N GLY A 373 14.28 -1.48 39.24
CA GLY A 373 14.95 -1.75 40.50
C GLY A 373 15.03 -0.53 41.41
N ILE A 374 13.97 0.26 41.43
CA ILE A 374 13.94 1.48 42.25
C ILE A 374 12.93 1.36 43.38
N MET A 375 13.35 1.79 44.57
CA MET A 375 12.50 1.76 45.76
C MET A 375 11.39 2.81 45.67
N SER A 376 10.14 2.35 45.59
CA SER A 376 9.01 3.26 45.57
C SER A 376 8.61 3.62 47.00
N ARG A 377 7.90 4.73 47.15
CA ARG A 377 7.47 5.17 48.47
C ARG A 377 6.52 4.15 49.09
N ALA A 378 5.68 3.55 48.25
CA ALA A 378 4.75 2.52 48.70
C ALA A 378 5.51 1.31 49.24
N ALA A 379 6.62 0.97 48.57
CA ALA A 379 7.44 -0.17 48.96
C ALA A 379 8.22 0.11 50.24
N HIS A 380 8.67 1.35 50.40
CA HIS A 380 9.45 1.74 51.56
C HIS A 380 8.68 1.65 52.86
N MET A 381 7.43 2.11 52.82
CA MET A 381 6.59 2.13 54.02
C MET A 381 6.03 0.74 54.33
N GLN A 382 6.10 -0.15 53.36
CA GLN A 382 5.57 -1.50 53.51
C GLN A 382 6.52 -2.40 54.30
N THR A 383 7.65 -1.83 54.73
CA THR A 383 8.64 -2.57 55.50
C THR A 383 8.76 -2.01 56.91
N PRO B 38 -36.94 7.38 -6.88
CA PRO B 38 -36.64 7.14 -5.48
C PRO B 38 -35.59 6.05 -5.30
N LYS B 39 -34.93 6.02 -4.14
CA LYS B 39 -33.91 5.01 -3.87
C LYS B 39 -34.24 4.23 -2.60
N LEU B 40 -33.93 2.94 -2.61
CA LEU B 40 -34.08 2.10 -1.43
C LEU B 40 -32.75 1.48 -1.03
N LEU B 41 -32.47 1.44 0.26
CA LEU B 41 -31.24 0.80 0.74
C LEU B 41 -31.36 -0.72 0.68
N TYR B 42 -32.56 -1.24 0.91
CA TYR B 42 -32.83 -2.66 0.79
C TYR B 42 -34.02 -2.88 -0.11
N THR B 43 -33.82 -3.57 -1.22
CA THR B 43 -34.87 -3.81 -2.18
C THR B 43 -35.53 -5.17 -1.94
N SER B 44 -34.78 -6.08 -1.34
CA SER B 44 -35.29 -7.41 -1.01
C SER B 44 -35.13 -7.67 0.49
N ALA B 45 -35.89 -8.64 1.00
CA ALA B 45 -35.82 -9.01 2.41
C ALA B 45 -36.48 -10.37 2.65
N ASN B 46 -36.01 -11.07 3.67
CA ASN B 46 -36.58 -12.38 4.03
C ASN B 46 -37.34 -12.33 5.35
N PHE B 47 -38.41 -13.11 5.42
CA PHE B 47 -39.24 -13.17 6.62
C PHE B 47 -39.19 -14.58 7.22
N LEU B 48 -38.98 -14.65 8.53
CA LEU B 48 -38.86 -15.93 9.21
C LEU B 48 -39.62 -15.89 10.54
N GLY B 49 -40.40 -16.93 10.80
CA GLY B 49 -41.09 -17.04 12.07
C GLY B 49 -40.44 -18.07 12.98
N ILE B 50 -40.33 -17.75 14.26
CA ILE B 50 -39.80 -18.68 15.25
C ILE B 50 -40.71 -18.70 16.47
N PRO B 51 -41.67 -19.64 16.51
CA PRO B 51 -42.71 -19.67 17.55
C PRO B 51 -42.25 -20.30 18.86
N THR B 52 -41.06 -19.92 19.34
CA THR B 52 -40.57 -20.42 20.62
C THR B 52 -41.52 -20.06 21.77
N ASN B 53 -41.76 -21.02 22.66
CA ASN B 53 -42.62 -20.79 23.80
C ASN B 53 -42.14 -21.54 25.03
N ARG B 54 -40.94 -22.12 24.93
CA ARG B 54 -40.37 -22.91 26.02
C ARG B 54 -39.32 -22.13 26.81
N GLY B 55 -39.19 -20.84 26.50
CA GLY B 55 -38.25 -19.98 27.19
C GLY B 55 -38.91 -19.19 28.31
N GLN B 56 -40.22 -19.35 28.42
CA GLN B 56 -40.99 -18.68 29.46
C GLN B 56 -42.32 -19.41 29.67
N PRO B 57 -42.90 -19.31 30.88
CA PRO B 57 -44.05 -20.15 31.23
C PRO B 57 -45.41 -19.72 30.67
N LYS B 58 -45.54 -18.47 30.21
CA LYS B 58 -46.83 -18.03 29.67
C LYS B 58 -47.07 -18.53 28.25
N ILE B 59 -48.17 -19.26 28.07
CA ILE B 59 -48.53 -19.79 26.76
C ILE B 59 -48.98 -18.65 25.83
N GLY B 60 -48.60 -18.75 24.56
CA GLY B 60 -49.08 -17.78 23.58
C GLY B 60 -48.05 -17.11 22.68
N THR B 61 -46.78 -17.10 23.09
CA THR B 61 -45.76 -16.45 22.26
C THR B 61 -45.54 -17.19 20.94
N TYR B 62 -45.99 -18.44 20.88
CA TYR B 62 -45.89 -19.24 19.66
C TYR B 62 -46.82 -18.69 18.57
N GLN B 63 -47.78 -17.86 18.97
CA GLN B 63 -48.71 -17.25 18.03
C GLN B 63 -48.19 -15.92 17.51
N GLY B 64 -46.98 -15.56 17.93
CA GLY B 64 -46.34 -14.33 17.53
C GLY B 64 -46.22 -14.08 16.03
N PRO B 65 -45.60 -15.02 15.29
CA PRO B 65 -45.46 -14.83 13.84
C PRO B 65 -46.80 -14.78 13.13
N GLU B 66 -47.78 -15.52 13.62
CA GLU B 66 -49.11 -15.51 13.02
C GLU B 66 -49.76 -14.13 13.15
N LEU B 67 -49.50 -13.46 14.27
CA LEU B 67 -50.05 -12.13 14.51
C LEU B 67 -49.56 -11.13 13.47
N ILE B 68 -48.30 -11.26 13.06
CA ILE B 68 -47.72 -10.36 12.07
C ILE B 68 -48.15 -10.71 10.65
N ARG B 69 -48.29 -12.01 10.37
CA ARG B 69 -48.76 -12.44 9.06
C ARG B 69 -50.22 -12.05 8.85
N LYS B 70 -50.98 -12.08 9.94
CA LYS B 70 -52.40 -11.76 9.90
C LYS B 70 -52.61 -10.25 9.76
N SER B 71 -51.53 -9.48 9.88
CA SER B 71 -51.59 -8.04 9.72
C SER B 71 -51.40 -7.64 8.27
N ASN B 72 -51.38 -6.34 8.02
CA ASN B 72 -51.16 -5.83 6.67
C ASN B 72 -49.69 -5.52 6.41
N PHE B 73 -48.82 -6.11 7.23
CA PHE B 73 -47.37 -5.89 7.14
C PHE B 73 -46.81 -6.15 5.75
N PHE B 74 -47.10 -7.34 5.21
CA PHE B 74 -46.57 -7.72 3.90
C PHE B 74 -47.04 -6.79 2.78
N GLN B 75 -48.29 -6.36 2.87
CA GLN B 75 -48.85 -5.44 1.89
C GLN B 75 -48.14 -4.09 1.96
N LEU B 76 -47.99 -3.57 3.18
CA LEU B 76 -47.35 -2.28 3.41
C LEU B 76 -45.91 -2.24 2.92
N VAL B 77 -45.18 -3.35 3.14
CA VAL B 77 -43.79 -3.44 2.73
C VAL B 77 -43.68 -3.44 1.21
N ALA B 78 -44.57 -4.19 0.56
CA ALA B 78 -44.58 -4.25 -0.90
C ALA B 78 -44.86 -2.88 -1.50
N GLU B 79 -45.74 -2.12 -0.87
CA GLU B 79 -46.10 -0.79 -1.35
C GLU B 79 -44.92 0.19 -1.27
N ASP B 80 -43.94 -0.12 -0.42
CA ASP B 80 -42.75 0.71 -0.32
C ASP B 80 -41.72 0.32 -1.37
N GLY B 81 -42.04 -0.71 -2.15
CA GLY B 81 -41.19 -1.15 -3.25
C GLY B 81 -40.18 -2.21 -2.85
N ILE B 82 -40.44 -2.88 -1.73
CA ILE B 82 -39.54 -3.93 -1.24
C ILE B 82 -40.15 -5.30 -1.49
N GLN B 83 -39.33 -6.25 -1.91
CA GLN B 83 -39.78 -7.62 -2.14
C GLN B 83 -39.53 -8.52 -0.92
N LEU B 84 -40.61 -8.89 -0.24
CA LEU B 84 -40.52 -9.71 0.96
C LEU B 84 -40.84 -11.17 0.66
N THR B 85 -39.88 -12.05 0.95
CA THR B 85 -40.08 -13.49 0.79
C THR B 85 -40.32 -14.16 2.14
N ASP B 86 -41.49 -14.77 2.31
CA ASP B 86 -41.78 -15.52 3.53
C ASP B 86 -41.10 -16.88 3.47
N CYS B 87 -40.11 -17.07 4.32
CA CYS B 87 -39.34 -18.31 4.35
C CYS B 87 -39.93 -19.32 5.33
N GLY B 88 -41.17 -19.04 5.77
CA GLY B 88 -41.88 -19.96 6.64
C GLY B 88 -41.54 -19.83 8.11
N ASP B 89 -41.65 -20.95 8.83
CA ASP B 89 -41.38 -20.97 10.26
C ASP B 89 -40.35 -22.04 10.60
N ILE B 90 -39.57 -21.78 11.65
CA ILE B 90 -38.73 -22.81 12.22
C ILE B 90 -39.54 -23.56 13.26
N ILE B 91 -39.53 -24.89 13.20
CA ILE B 91 -40.23 -25.71 14.18
C ILE B 91 -39.36 -25.89 15.42
N PRO B 92 -39.79 -25.32 16.55
CA PRO B 92 -39.02 -25.46 17.80
C PRO B 92 -39.03 -26.90 18.29
N VAL B 93 -37.96 -27.31 18.95
CA VAL B 93 -37.93 -28.63 19.57
C VAL B 93 -38.55 -28.55 20.96
N GLU B 94 -39.71 -29.20 21.11
CA GLU B 94 -40.40 -29.20 22.39
C GLU B 94 -40.50 -30.60 22.99
N LEU B 95 -39.55 -30.92 23.86
CA LEU B 95 -39.54 -32.21 24.54
C LEU B 95 -40.59 -32.22 25.64
N ASN B 96 -40.81 -33.39 26.24
CA ASN B 96 -41.71 -33.49 27.39
C ASN B 96 -40.94 -33.47 28.70
N GLU B 97 -41.66 -33.41 29.82
CA GLU B 97 -41.04 -33.30 31.14
C GLU B 97 -39.98 -34.35 31.43
N ALA B 98 -40.30 -35.60 31.10
CA ALA B 98 -39.41 -36.72 31.37
C ALA B 98 -38.09 -36.60 30.61
N GLU B 99 -38.17 -36.10 29.38
CA GLU B 99 -36.99 -35.96 28.53
C GLU B 99 -36.20 -34.69 28.87
N ASP B 100 -36.83 -33.77 29.58
CA ASP B 100 -36.21 -32.47 29.84
C ASP B 100 -36.37 -32.02 31.30
N PRO B 101 -35.71 -32.73 32.23
CA PRO B 101 -35.80 -32.32 33.63
C PRO B 101 -35.01 -31.04 33.87
N GLN B 102 -35.21 -30.40 35.02
CA GLN B 102 -34.42 -29.23 35.37
C GLN B 102 -32.95 -29.58 35.43
N ARG B 103 -32.11 -28.66 34.99
CA ARG B 103 -30.66 -28.80 35.14
C ARG B 103 -30.08 -27.43 35.47
N PHE B 104 -29.44 -27.34 36.63
CA PHE B 104 -28.95 -26.06 37.16
C PHE B 104 -30.05 -25.00 37.26
N GLY B 105 -31.26 -25.44 37.60
CA GLY B 105 -32.39 -24.55 37.76
C GLY B 105 -33.06 -24.13 36.47
N MET B 106 -32.48 -24.52 35.34
CA MET B 106 -33.03 -24.13 34.04
C MET B 106 -34.24 -24.96 33.66
N LYS B 107 -35.27 -24.30 33.14
CA LYS B 107 -36.47 -24.97 32.68
C LYS B 107 -36.41 -25.21 31.18
N TRP B 108 -36.59 -26.46 30.76
CA TRP B 108 -36.56 -26.85 29.35
C TRP B 108 -35.20 -26.56 28.70
N SER B 109 -34.12 -26.83 29.44
CA SER B 109 -32.78 -26.50 28.97
C SER B 109 -32.35 -27.32 27.75
N ARG B 110 -32.83 -28.56 27.65
CA ARG B 110 -32.47 -29.42 26.53
C ARG B 110 -33.29 -29.08 25.28
N SER B 111 -34.55 -28.71 25.50
CA SER B 111 -35.38 -28.19 24.41
C SER B 111 -34.69 -26.96 23.84
N PHE B 112 -34.14 -26.15 24.73
CA PHE B 112 -33.43 -24.93 24.36
C PHE B 112 -32.23 -25.19 23.47
N SER B 113 -31.34 -26.08 23.91
CA SER B 113 -30.12 -26.38 23.15
C SER B 113 -30.42 -26.98 21.79
N LEU B 114 -31.43 -27.86 21.73
CA LEU B 114 -31.84 -28.46 20.46
C LEU B 114 -32.46 -27.42 19.53
N THR B 115 -33.27 -26.53 20.10
CA THR B 115 -33.89 -25.47 19.31
C THR B 115 -32.85 -24.44 18.89
N THR B 116 -31.91 -24.15 19.79
CA THR B 116 -30.83 -23.20 19.52
C THR B 116 -30.02 -23.61 18.29
N LEU B 117 -29.69 -24.90 18.21
CA LEU B 117 -28.92 -25.42 17.08
C LEU B 117 -29.73 -25.44 15.79
N ARG B 118 -30.99 -25.85 15.88
CA ARG B 118 -31.86 -25.88 14.70
C ARG B 118 -32.06 -24.49 14.11
N ILE B 119 -32.26 -23.50 14.98
CA ILE B 119 -32.40 -22.12 14.56
C ILE B 119 -31.13 -21.65 13.88
N ALA B 120 -30.00 -21.97 14.51
CA ALA B 120 -28.69 -21.57 14.02
C ALA B 120 -28.41 -22.05 12.60
N GLU B 121 -28.80 -23.28 12.28
CA GLU B 121 -28.58 -23.82 10.96
C GLU B 121 -29.42 -23.10 9.90
N ARG B 122 -30.68 -22.82 10.24
CA ARG B 122 -31.58 -22.16 9.32
C ARG B 122 -31.12 -20.72 9.02
N VAL B 123 -30.79 -19.99 10.09
CA VAL B 123 -30.35 -18.61 9.94
C VAL B 123 -29.03 -18.53 9.16
N GLU B 124 -28.10 -19.43 9.45
CA GLU B 124 -26.83 -19.47 8.73
C GLU B 124 -27.04 -19.70 7.24
N GLU B 125 -27.84 -20.71 6.91
CA GLU B 125 -28.16 -21.03 5.53
C GLU B 125 -28.81 -19.85 4.81
N LEU B 126 -29.73 -19.16 5.50
CA LEU B 126 -30.41 -18.01 4.92
C LEU B 126 -29.49 -16.81 4.74
N MET B 127 -28.61 -16.57 5.70
CA MET B 127 -27.70 -15.44 5.62
C MET B 127 -26.63 -15.65 4.55
N LYS B 128 -26.44 -16.89 4.13
CA LYS B 128 -25.40 -17.21 3.15
C LYS B 128 -25.90 -17.20 1.70
N GLN B 129 -27.19 -17.47 1.51
CA GLN B 129 -27.80 -17.30 0.19
C GLN B 129 -28.05 -15.83 -0.06
N SER B 130 -27.89 -15.02 0.99
CA SER B 130 -28.06 -13.58 0.90
C SER B 130 -26.75 -12.90 0.52
N ASN B 131 -25.64 -13.63 0.60
CA ASN B 131 -24.34 -13.11 0.23
C ASN B 131 -24.17 -13.01 -1.29
N LYS B 132 -25.02 -12.20 -1.91
CA LYS B 132 -25.01 -12.03 -3.36
C LYS B 132 -24.54 -10.63 -3.73
N LYS B 141 -26.94 -4.29 -2.83
CA LYS B 141 -27.78 -4.16 -1.64
C LYS B 141 -27.85 -5.48 -0.89
N SER B 142 -27.58 -5.44 0.41
CA SER B 142 -27.68 -6.64 1.24
C SER B 142 -29.14 -7.01 1.42
N THR B 143 -29.40 -8.26 1.80
CA THR B 143 -30.77 -8.72 1.99
C THR B 143 -31.05 -9.01 3.47
N PRO B 144 -31.73 -8.07 4.14
CA PRO B 144 -32.03 -8.17 5.58
C PRO B 144 -32.94 -9.35 5.87
N LEU B 145 -32.74 -9.96 7.04
CA LEU B 145 -33.60 -11.04 7.52
C LEU B 145 -34.49 -10.49 8.63
N VAL B 146 -35.80 -10.56 8.42
CA VAL B 146 -36.75 -10.19 9.46
C VAL B 146 -37.25 -11.44 10.17
N ILE B 147 -37.06 -11.50 11.48
CA ILE B 147 -37.48 -12.63 12.28
C ILE B 147 -38.53 -12.23 13.31
N VAL B 148 -39.64 -12.94 13.34
CA VAL B 148 -40.68 -12.69 14.35
C VAL B 148 -40.81 -13.89 15.30
N GLY B 149 -40.64 -13.64 16.59
CA GLY B 149 -40.82 -14.66 17.61
C GLY B 149 -42.26 -14.73 18.10
N GLY B 150 -42.51 -15.51 19.15
CA GLY B 150 -41.47 -16.26 19.85
C GLY B 150 -40.87 -15.49 21.01
N ASP B 151 -40.63 -16.19 22.13
CA ASP B 151 -39.99 -15.55 23.27
C ASP B 151 -38.52 -15.32 22.97
N HIS B 152 -37.86 -14.50 23.79
CA HIS B 152 -36.52 -14.01 23.47
C HIS B 152 -35.40 -15.06 23.55
N SER B 153 -35.74 -16.27 23.98
CA SER B 153 -34.73 -17.32 24.07
C SER B 153 -34.21 -17.73 22.70
N MET B 154 -34.93 -17.34 21.64
CA MET B 154 -34.53 -17.67 20.28
C MET B 154 -33.23 -16.97 19.88
N ALA B 155 -32.93 -15.86 20.55
CA ALA B 155 -31.81 -15.00 20.18
C ALA B 155 -30.44 -15.68 20.23
N THR B 156 -30.29 -16.68 21.09
CA THR B 156 -29.04 -17.43 21.14
C THR B 156 -28.82 -18.10 19.80
N GLY B 157 -29.89 -18.71 19.28
CA GLY B 157 -29.83 -19.44 18.03
C GLY B 157 -29.68 -18.54 16.81
N THR B 158 -30.43 -17.45 16.79
CA THR B 158 -30.40 -16.49 15.69
C THR B 158 -29.03 -15.85 15.49
N ILE B 159 -28.48 -15.37 16.61
CA ILE B 159 -27.15 -14.75 16.65
C ILE B 159 -26.01 -15.75 16.34
N LEU B 160 -26.13 -16.98 16.84
CA LEU B 160 -25.16 -18.03 16.57
C LEU B 160 -25.04 -18.29 15.07
N GLY B 161 -26.19 -18.47 14.42
CA GLY B 161 -26.22 -18.71 12.99
C GLY B 161 -25.80 -17.48 12.19
N HIS B 162 -26.23 -16.31 12.65
CA HIS B 162 -25.90 -15.06 11.99
C HIS B 162 -24.40 -14.79 12.08
N ALA B 163 -23.82 -15.08 13.24
CA ALA B 163 -22.38 -14.92 13.44
C ALA B 163 -21.58 -15.90 12.58
N GLU B 164 -22.17 -17.04 12.27
CA GLU B 164 -21.49 -18.03 11.44
C GLU B 164 -21.29 -17.47 10.04
N ALA B 165 -22.29 -16.74 9.55
CA ALA B 165 -22.23 -16.13 8.22
C ALA B 165 -21.51 -14.78 8.24
N LYS B 166 -21.58 -14.07 9.36
CA LYS B 166 -20.97 -12.76 9.49
C LYS B 166 -20.36 -12.60 10.89
N PRO B 167 -19.17 -13.17 11.09
CA PRO B 167 -18.54 -13.25 12.43
C PRO B 167 -18.15 -11.90 13.01
N ASP B 168 -18.10 -10.87 12.18
CA ASP B 168 -17.68 -9.55 12.62
C ASP B 168 -18.88 -8.66 12.95
N LEU B 169 -19.98 -9.26 13.38
CA LEU B 169 -21.20 -8.49 13.63
C LEU B 169 -21.22 -7.83 15.02
N CYS B 170 -22.15 -6.89 15.18
CA CYS B 170 -22.40 -6.27 16.46
C CYS B 170 -23.87 -6.46 16.80
N VAL B 171 -24.21 -6.31 18.08
CA VAL B 171 -25.58 -6.55 18.52
C VAL B 171 -26.17 -5.36 19.24
N LEU B 172 -27.31 -4.88 18.75
CA LEU B 172 -28.09 -3.86 19.45
C LEU B 172 -29.27 -4.51 20.14
N TRP B 173 -29.27 -4.49 21.46
CA TRP B 173 -30.29 -5.17 22.26
C TRP B 173 -31.30 -4.17 22.84
N ILE B 174 -32.47 -4.09 22.21
CA ILE B 174 -33.52 -3.18 22.64
C ILE B 174 -34.49 -3.93 23.54
N ASP B 175 -34.49 -3.60 24.82
CA ASP B 175 -35.18 -4.43 25.80
C ASP B 175 -35.28 -3.73 27.14
N ALA B 176 -36.35 -4.02 27.87
CA ALA B 176 -36.48 -3.56 29.24
C ALA B 176 -35.56 -4.38 30.15
N HIS B 177 -35.21 -5.58 29.71
CA HIS B 177 -34.42 -6.51 30.52
C HIS B 177 -33.07 -6.81 29.89
N GLY B 178 -32.15 -7.33 30.69
CA GLY B 178 -30.80 -7.60 30.25
C GLY B 178 -30.67 -8.89 29.45
N ASP B 179 -31.48 -9.88 29.81
CA ASP B 179 -31.46 -11.19 29.16
C ASP B 179 -30.05 -11.75 29.11
N ILE B 180 -29.27 -11.51 30.16
CA ILE B 180 -27.89 -11.93 30.20
C ILE B 180 -27.59 -12.62 31.53
N ASN B 181 -28.64 -13.12 32.16
CA ASN B 181 -28.50 -13.92 33.38
C ASN B 181 -27.75 -15.23 33.11
N THR B 182 -26.84 -15.57 34.01
CA THR B 182 -26.21 -16.89 33.98
C THR B 182 -27.07 -17.84 34.83
N PRO B 183 -27.20 -19.10 34.38
CA PRO B 183 -28.13 -20.10 34.93
C PRO B 183 -28.25 -20.14 36.46
N LEU B 184 -27.14 -20.08 37.18
CA LEU B 184 -27.18 -20.18 38.64
C LEU B 184 -27.64 -18.89 39.31
N ASN B 185 -27.60 -17.79 38.58
CA ASN B 185 -28.08 -16.51 39.09
C ASN B 185 -29.54 -16.24 38.73
N SER B 186 -30.09 -17.07 37.85
CA SER B 186 -31.48 -16.93 37.44
C SER B 186 -32.42 -17.37 38.54
N ALA B 187 -33.31 -16.47 38.96
CA ALA B 187 -34.30 -16.79 39.98
C ALA B 187 -35.45 -17.61 39.43
N SER B 188 -35.79 -17.38 38.16
CA SER B 188 -36.95 -18.03 37.53
C SER B 188 -36.58 -19.32 36.80
N GLY B 189 -35.37 -19.37 36.24
CA GLY B 189 -34.95 -20.51 35.47
C GLY B 189 -35.50 -20.49 34.05
N ASN B 190 -36.19 -19.40 33.71
CA ASN B 190 -36.73 -19.22 32.37
C ASN B 190 -35.63 -18.86 31.38
N MET B 191 -35.57 -19.61 30.27
CA MET B 191 -34.48 -19.44 29.31
C MET B 191 -34.47 -18.08 28.61
N HIS B 192 -35.64 -17.44 28.49
CA HIS B 192 -35.74 -16.19 27.77
C HIS B 192 -35.02 -15.02 28.47
N GLY B 193 -34.59 -15.26 29.70
CA GLY B 193 -33.85 -14.27 30.45
C GLY B 193 -32.36 -14.57 30.47
N MET B 194 -31.96 -15.58 29.72
CA MET B 194 -30.55 -15.98 29.66
C MET B 194 -29.87 -16.03 28.27
N PRO B 195 -30.55 -15.59 27.18
CA PRO B 195 -29.99 -16.00 25.88
C PRO B 195 -28.61 -15.42 25.55
N LEU B 196 -28.29 -14.26 26.10
CA LEU B 196 -27.02 -13.60 25.80
C LEU B 196 -25.83 -14.19 26.55
N SER B 197 -26.09 -14.79 27.71
CA SER B 197 -25.02 -15.31 28.56
C SER B 197 -24.25 -16.44 27.90
N PHE B 198 -24.93 -17.23 27.08
CA PHE B 198 -24.28 -18.34 26.39
C PHE B 198 -23.44 -17.89 25.21
N LEU B 199 -23.62 -16.62 24.81
CA LEU B 199 -22.96 -16.10 23.62
C LEU B 199 -21.74 -15.23 23.93
N VAL B 200 -21.74 -14.62 25.12
CA VAL B 200 -20.66 -13.70 25.50
C VAL B 200 -19.44 -14.45 26.05
N LYS B 201 -18.30 -14.22 25.42
CA LYS B 201 -17.06 -14.92 25.77
C LYS B 201 -16.63 -14.68 27.20
N GLU B 202 -16.77 -13.45 27.67
CA GLU B 202 -16.29 -13.07 29.00
C GLU B 202 -17.08 -13.70 30.14
N LEU B 203 -18.21 -14.33 29.82
CA LEU B 203 -19.09 -14.89 30.84
C LEU B 203 -18.96 -16.40 30.99
N GLN B 204 -18.09 -17.01 30.19
CA GLN B 204 -18.01 -18.47 30.12
C GLN B 204 -17.50 -19.14 31.40
N ASP B 205 -16.86 -18.37 32.26
CA ASP B 205 -16.38 -18.89 33.54
C ASP B 205 -17.53 -18.95 34.54
N GLN B 206 -18.71 -18.52 34.11
CA GLN B 206 -19.88 -18.50 34.97
C GLN B 206 -21.04 -19.30 34.38
N ILE B 207 -20.77 -19.99 33.28
CA ILE B 207 -21.75 -20.87 32.65
C ILE B 207 -21.42 -22.33 32.94
N PRO B 208 -22.36 -23.06 33.57
CA PRO B 208 -22.15 -24.48 33.85
C PRO B 208 -22.00 -25.27 32.56
N TRP B 209 -21.01 -26.17 32.50
CA TRP B 209 -20.82 -27.00 31.33
C TRP B 209 -21.94 -28.01 31.16
N LEU B 210 -22.41 -28.15 29.93
CA LEU B 210 -23.37 -29.20 29.57
C LEU B 210 -22.98 -29.74 28.20
N ASP B 211 -23.03 -31.07 28.06
CA ASP B 211 -22.65 -31.72 26.81
C ASP B 211 -23.44 -31.20 25.61
N ASP B 212 -24.75 -31.08 25.79
CA ASP B 212 -25.63 -30.67 24.70
C ASP B 212 -25.54 -29.18 24.39
N PHE B 213 -24.67 -28.48 25.12
CA PHE B 213 -24.46 -27.04 24.93
C PHE B 213 -23.12 -26.79 24.23
N GLU B 214 -22.41 -27.86 23.91
CA GLU B 214 -21.07 -27.75 23.33
C GLU B 214 -21.08 -27.00 22.01
N GLY B 215 -22.08 -27.26 21.18
CA GLY B 215 -22.20 -26.63 19.88
C GLY B 215 -22.62 -25.17 19.96
N ILE B 216 -23.13 -24.77 21.11
CA ILE B 216 -23.46 -23.37 21.36
C ILE B 216 -22.19 -22.64 21.76
N LYS B 217 -21.32 -22.40 20.78
CA LYS B 217 -20.06 -21.70 21.02
C LYS B 217 -20.29 -20.21 21.17
N PRO B 218 -19.79 -19.63 22.27
CA PRO B 218 -19.89 -18.18 22.48
C PRO B 218 -19.17 -17.41 21.39
N CYS B 219 -19.89 -16.55 20.68
CA CYS B 219 -19.35 -15.89 19.49
C CYS B 219 -19.39 -14.37 19.60
N LEU B 220 -19.71 -13.85 20.78
CA LEU B 220 -19.77 -12.40 20.99
C LEU B 220 -18.78 -11.96 22.04
N ASN B 221 -18.12 -10.83 21.78
CA ASN B 221 -17.35 -10.16 22.82
C ASN B 221 -18.22 -9.10 23.48
N ALA B 222 -17.95 -8.80 24.75
CA ALA B 222 -18.73 -7.84 25.50
C ALA B 222 -18.76 -6.48 24.82
N SER B 223 -17.75 -6.20 24.01
CA SER B 223 -17.62 -4.93 23.31
C SER B 223 -18.46 -4.87 22.03
N ASN B 224 -19.14 -5.97 21.71
CA ASN B 224 -19.95 -6.03 20.50
C ASN B 224 -21.44 -5.76 20.76
N ILE B 225 -21.79 -5.54 22.03
CA ILE B 225 -23.19 -5.40 22.43
C ILE B 225 -23.49 -4.03 23.02
N ALA B 226 -24.62 -3.44 22.59
CA ALA B 226 -25.11 -2.22 23.20
C ALA B 226 -26.59 -2.38 23.56
N TYR B 227 -26.93 -2.03 24.79
CA TYR B 227 -28.31 -2.07 25.26
C TYR B 227 -28.99 -0.71 25.11
N ILE B 228 -30.27 -0.74 24.76
CA ILE B 228 -31.11 0.45 24.83
C ILE B 228 -32.48 0.09 25.43
N GLY B 229 -32.90 0.82 26.46
CA GLY B 229 -34.23 0.65 27.01
C GLY B 229 -34.32 -0.04 28.37
N LEU B 230 -33.18 -0.47 28.89
CA LEU B 230 -33.13 -1.17 30.18
C LEU B 230 -33.82 -0.42 31.31
N ARG B 231 -34.64 -1.13 32.07
CA ARG B 231 -35.28 -0.54 33.25
C ARG B 231 -35.59 -1.56 34.34
N ASP B 232 -35.24 -2.82 34.08
CA ASP B 232 -35.49 -3.89 35.04
C ASP B 232 -34.38 -4.94 34.97
N LEU B 233 -33.23 -4.63 35.58
CA LEU B 233 -32.09 -5.55 35.59
C LEU B 233 -31.98 -6.30 36.91
N ASP B 234 -31.70 -7.59 36.85
CA ASP B 234 -31.34 -8.32 38.04
C ASP B 234 -29.97 -7.84 38.52
N ALA B 235 -29.73 -7.94 39.82
CA ALA B 235 -28.49 -7.43 40.42
C ALA B 235 -27.24 -8.01 39.77
N HIS B 236 -27.26 -9.31 39.49
CA HIS B 236 -26.11 -9.98 38.89
C HIS B 236 -25.91 -9.57 37.43
N GLU B 237 -26.99 -9.25 36.74
CA GLU B 237 -26.89 -8.69 35.39
C GLU B 237 -26.16 -7.35 35.44
N THR B 238 -26.57 -6.50 36.38
CA THR B 238 -25.93 -5.21 36.58
C THR B 238 -24.45 -5.39 36.85
N HIS B 239 -24.13 -6.41 37.63
CA HIS B 239 -22.74 -6.72 37.97
C HIS B 239 -21.92 -7.07 36.74
N ASP B 240 -22.43 -8.01 35.94
CA ASP B 240 -21.71 -8.48 34.75
C ASP B 240 -21.59 -7.41 33.68
N ILE B 241 -22.67 -6.66 33.46
CA ILE B 241 -22.67 -5.59 32.48
C ILE B 241 -21.61 -4.53 32.78
N ARG B 242 -21.55 -4.07 34.03
CA ARG B 242 -20.57 -3.08 34.44
C ARG B 242 -19.14 -3.65 34.43
N LYS B 243 -18.98 -4.84 34.97
CA LYS B 243 -17.68 -5.47 35.10
C LYS B 243 -16.99 -5.67 33.76
N HIS B 244 -17.73 -6.16 32.78
CA HIS B 244 -17.16 -6.50 31.48
C HIS B 244 -17.30 -5.39 30.44
N GLY B 245 -17.76 -4.22 30.90
CA GLY B 245 -17.80 -3.03 30.07
C GLY B 245 -18.74 -3.09 28.88
N ILE B 246 -19.93 -3.67 29.07
CA ILE B 246 -20.92 -3.70 28.02
C ILE B 246 -21.64 -2.37 27.95
N ALA B 247 -21.66 -1.76 26.76
CA ALA B 247 -22.33 -0.48 26.56
C ALA B 247 -23.82 -0.62 26.81
N TYR B 248 -24.36 0.18 27.72
CA TYR B 248 -25.79 0.11 27.99
C TYR B 248 -26.40 1.49 28.23
N PHE B 249 -27.62 1.66 27.74
CA PHE B 249 -28.34 2.91 27.90
C PHE B 249 -29.74 2.64 28.44
N THR B 250 -29.92 2.92 29.73
CA THR B 250 -31.18 2.66 30.41
C THR B 250 -32.20 3.76 30.08
N MET B 251 -33.41 3.61 30.59
CA MET B 251 -34.44 4.64 30.40
C MET B 251 -34.05 5.94 31.09
N LEU B 252 -33.18 5.84 32.10
CA LEU B 252 -32.62 7.00 32.75
C LEU B 252 -31.77 7.77 31.74
N ASP B 253 -30.92 7.04 31.00
CA ASP B 253 -30.08 7.65 29.99
C ASP B 253 -30.91 8.33 28.91
N VAL B 254 -31.96 7.64 28.48
CA VAL B 254 -32.89 8.19 27.48
C VAL B 254 -33.56 9.45 27.98
N ASP B 255 -33.91 9.47 29.27
CA ASP B 255 -34.54 10.64 29.88
C ASP B 255 -33.59 11.83 29.93
N ARG B 256 -32.32 11.57 30.22
CA ARG B 256 -31.33 12.63 30.37
C ARG B 256 -30.63 13.03 29.06
N MET B 257 -30.38 12.06 28.19
CA MET B 257 -29.66 12.33 26.94
C MET B 257 -30.60 12.60 25.77
N GLY B 258 -31.76 11.95 25.78
CA GLY B 258 -32.66 12.00 24.64
C GLY B 258 -32.34 10.85 23.70
N ILE B 259 -33.35 10.35 23.00
CA ILE B 259 -33.18 9.16 22.17
C ILE B 259 -32.18 9.33 21.02
N GLU B 260 -32.05 10.55 20.51
CA GLU B 260 -31.14 10.82 19.39
C GLU B 260 -29.69 10.59 19.80
N ALA B 261 -29.30 11.13 20.95
CA ALA B 261 -27.94 10.98 21.45
C ALA B 261 -27.64 9.54 21.88
N VAL B 262 -28.65 8.88 22.43
CA VAL B 262 -28.52 7.49 22.87
C VAL B 262 -28.22 6.55 21.70
N ILE B 263 -28.93 6.76 20.59
CA ILE B 263 -28.71 5.97 19.38
C ILE B 263 -27.33 6.24 18.80
N LYS B 264 -26.95 7.51 18.75
CA LYS B 264 -25.63 7.92 18.26
C LYS B 264 -24.54 7.25 19.09
N GLU B 265 -24.68 7.31 20.42
CA GLU B 265 -23.73 6.71 21.33
C GLU B 265 -23.66 5.19 21.21
N ALA B 266 -24.83 4.55 21.12
CA ALA B 266 -24.89 3.10 20.99
C ALA B 266 -24.16 2.63 19.75
N LEU B 267 -24.46 3.24 18.62
CA LEU B 267 -23.78 2.94 17.37
C LEU B 267 -22.29 3.22 17.46
N LEU B 268 -21.92 4.30 18.14
CA LEU B 268 -20.52 4.67 18.32
C LEU B 268 -19.76 3.61 19.11
N ALA B 269 -20.44 3.01 20.07
CA ALA B 269 -19.82 2.03 20.96
C ALA B 269 -19.50 0.70 20.28
N VAL B 270 -20.39 0.23 19.41
CA VAL B 270 -20.24 -1.10 18.83
C VAL B 270 -20.07 -1.12 17.31
N ASN B 271 -20.29 0.02 16.67
CA ASN B 271 -20.12 0.12 15.22
C ASN B 271 -19.66 1.51 14.79
N PRO B 272 -18.45 1.91 15.23
CA PRO B 272 -17.93 3.28 15.07
C PRO B 272 -17.98 3.82 13.64
N ARG B 273 -17.56 3.01 12.68
CA ARG B 273 -17.45 3.47 11.30
C ARG B 273 -18.35 2.69 10.35
N LEU B 274 -19.39 2.08 10.92
CA LEU B 274 -20.38 1.32 10.14
C LEU B 274 -19.76 0.19 9.32
N GLU B 275 -18.68 -0.40 9.83
CA GLU B 275 -18.00 -1.49 9.14
C GLU B 275 -18.68 -2.83 9.40
N LYS B 276 -19.29 -2.96 10.57
CA LYS B 276 -19.86 -4.23 11.01
C LYS B 276 -21.32 -4.43 10.62
N ALA B 277 -21.70 -5.69 10.41
CA ALA B 277 -23.11 -6.05 10.23
C ALA B 277 -23.84 -5.89 11.56
N ILE B 278 -25.07 -5.41 11.50
CA ILE B 278 -25.83 -5.14 12.72
C ILE B 278 -26.90 -6.20 12.97
N HIS B 279 -26.92 -6.73 14.18
CA HIS B 279 -27.99 -7.62 14.61
C HIS B 279 -28.90 -6.87 15.59
N LEU B 280 -30.07 -6.46 15.12
CA LEU B 280 -31.02 -5.71 15.93
C LEU B 280 -32.02 -6.65 16.59
N SER B 281 -31.83 -6.91 17.88
CA SER B 281 -32.74 -7.77 18.63
C SER B 281 -33.69 -6.91 19.44
N PHE B 282 -34.93 -6.84 19.00
CA PHE B 282 -35.90 -5.91 19.56
C PHE B 282 -36.98 -6.63 20.38
N ASP B 283 -36.86 -6.54 21.69
CA ASP B 283 -37.91 -7.05 22.58
C ASP B 283 -39.07 -6.05 22.56
N ILE B 284 -40.28 -6.56 22.32
CA ILE B 284 -41.44 -5.70 22.26
C ILE B 284 -41.72 -5.01 23.60
N ASP B 285 -41.24 -5.58 24.70
CA ASP B 285 -41.48 -4.99 26.01
C ASP B 285 -40.59 -3.78 26.29
N ALA B 286 -39.69 -3.49 25.36
CA ALA B 286 -38.90 -2.26 25.44
C ALA B 286 -39.86 -1.08 25.34
N LEU B 287 -40.86 -1.22 24.47
CA LEU B 287 -41.89 -0.21 24.32
C LEU B 287 -42.73 -0.14 25.59
N ASP B 288 -43.33 1.02 25.84
CA ASP B 288 -44.19 1.21 27.00
C ASP B 288 -45.42 0.31 26.88
N PRO B 289 -45.87 -0.25 28.02
CA PRO B 289 -47.08 -1.09 28.05
C PRO B 289 -48.33 -0.41 27.49
N LEU B 290 -48.31 0.92 27.41
CA LEU B 290 -49.44 1.65 26.84
C LEU B 290 -49.51 1.45 25.32
N VAL B 291 -48.35 1.24 24.70
CA VAL B 291 -48.28 1.05 23.25
C VAL B 291 -48.11 -0.42 22.88
N ALA B 292 -47.74 -1.25 23.84
CA ALA B 292 -47.54 -2.68 23.62
C ALA B 292 -47.86 -3.51 24.86
N PRO B 293 -49.16 -3.60 25.22
CA PRO B 293 -49.58 -4.32 26.43
C PRO B 293 -49.48 -5.85 26.31
N SER B 294 -49.70 -6.41 25.12
CA SER B 294 -49.75 -7.86 24.95
C SER B 294 -48.36 -8.49 24.89
N THR B 295 -47.69 -8.53 26.04
CA THR B 295 -46.39 -9.15 26.16
C THR B 295 -46.23 -9.73 27.57
N GLY B 296 -45.38 -10.74 27.72
CA GLY B 296 -45.28 -11.50 28.95
C GLY B 296 -44.88 -10.74 30.21
N THR B 297 -43.85 -9.91 30.10
CA THR B 297 -43.35 -9.17 31.26
C THR B 297 -43.26 -7.66 31.00
N ALA B 298 -44.41 -6.99 30.95
CA ALA B 298 -44.44 -5.56 30.70
C ALA B 298 -43.92 -4.75 31.88
N VAL B 299 -43.17 -3.70 31.58
CA VAL B 299 -42.60 -2.83 32.61
C VAL B 299 -42.89 -1.37 32.27
N PRO B 300 -43.59 -0.67 33.17
CA PRO B 300 -43.97 0.73 32.96
C PRO B 300 -42.76 1.65 32.75
N GLY B 301 -42.97 2.77 32.08
CA GLY B 301 -41.92 3.75 31.86
C GLY B 301 -40.99 3.40 30.70
N GLY B 302 -41.56 2.86 29.64
CA GLY B 302 -40.77 2.42 28.51
C GLY B 302 -40.66 3.42 27.38
N LEU B 303 -40.01 3.00 26.30
CA LEU B 303 -39.88 3.82 25.11
C LEU B 303 -41.25 4.10 24.54
N THR B 304 -41.44 5.29 23.99
CA THR B 304 -42.63 5.61 23.23
C THR B 304 -42.49 4.93 21.87
N LEU B 305 -43.57 4.84 21.12
CA LEU B 305 -43.50 4.26 19.77
C LEU B 305 -42.54 5.06 18.90
N ARG B 306 -42.59 6.39 19.04
CA ARG B 306 -41.72 7.28 18.27
C ARG B 306 -40.24 7.04 18.59
N GLU B 307 -39.93 6.85 19.86
CA GLU B 307 -38.56 6.55 20.26
C GLU B 307 -38.10 5.21 19.68
N GLY B 308 -39.01 4.23 19.68
CA GLY B 308 -38.72 2.94 19.07
C GLY B 308 -38.48 3.09 17.58
N LEU B 309 -39.32 3.86 16.91
CA LEU B 309 -39.19 4.11 15.48
C LEU B 309 -37.86 4.78 15.15
N ARG B 310 -37.45 5.73 15.98
CA ARG B 310 -36.19 6.44 15.78
C ARG B 310 -34.99 5.49 15.80
N ILE B 311 -35.02 4.52 16.70
CA ILE B 311 -33.98 3.51 16.77
C ILE B 311 -33.93 2.72 15.46
N CYS B 312 -35.07 2.21 15.04
CA CYS B 312 -35.15 1.39 13.83
C CYS B 312 -34.79 2.18 12.57
N GLU B 313 -35.29 3.41 12.49
CA GLU B 313 -35.00 4.28 11.36
C GLU B 313 -33.48 4.52 11.24
N GLU B 314 -32.86 4.87 12.37
CA GLU B 314 -31.43 5.14 12.40
C GLU B 314 -30.59 3.91 12.10
N VAL B 315 -30.99 2.77 12.66
CA VAL B 315 -30.28 1.51 12.43
C VAL B 315 -30.40 1.11 10.95
N SER B 316 -31.59 1.26 10.40
CA SER B 316 -31.84 0.95 9.00
C SER B 316 -31.00 1.81 8.07
N ALA B 317 -30.86 3.09 8.42
CA ALA B 317 -30.17 4.06 7.57
C ALA B 317 -28.66 3.86 7.50
N THR B 318 -28.11 2.98 8.34
CA THR B 318 -26.68 2.70 8.29
C THR B 318 -26.35 1.85 7.08
N GLY B 319 -27.35 1.17 6.52
CA GLY B 319 -27.13 0.25 5.43
C GLY B 319 -26.49 -1.04 5.89
N LYS B 320 -26.43 -1.24 7.21
CA LYS B 320 -25.78 -2.41 7.78
C LYS B 320 -26.73 -3.31 8.54
N LEU B 321 -28.03 -3.06 8.42
CA LEU B 321 -29.02 -3.93 9.05
C LEU B 321 -28.99 -5.29 8.38
N SER B 322 -28.53 -6.30 9.12
CA SER B 322 -28.37 -7.63 8.57
C SER B 322 -29.50 -8.52 9.03
N VAL B 323 -29.75 -8.54 10.33
CA VAL B 323 -30.88 -9.25 10.91
C VAL B 323 -31.63 -8.36 11.87
N VAL B 324 -32.95 -8.31 11.74
CA VAL B 324 -33.79 -7.72 12.76
C VAL B 324 -34.77 -8.77 13.28
N GLU B 325 -34.75 -8.98 14.60
CA GLU B 325 -35.69 -9.90 15.21
C GLU B 325 -36.57 -9.17 16.21
N LEU B 326 -37.85 -9.54 16.24
CA LEU B 326 -38.80 -8.96 17.17
C LEU B 326 -39.35 -10.05 18.07
N ALA B 327 -39.12 -9.91 19.38
CA ALA B 327 -39.44 -10.98 20.32
C ALA B 327 -40.53 -10.60 21.33
N GLU B 328 -41.14 -11.64 21.91
CA GLU B 328 -42.03 -11.53 23.06
C GLU B 328 -43.45 -11.01 22.79
N LEU B 329 -43.90 -11.11 21.55
CA LEU B 329 -45.30 -10.87 21.25
C LEU B 329 -46.12 -12.02 21.83
N ASN B 330 -47.22 -11.70 22.49
CA ASN B 330 -48.12 -12.73 22.99
C ASN B 330 -49.57 -12.28 22.85
N PRO B 331 -50.21 -12.67 21.74
CA PRO B 331 -51.60 -12.30 21.48
C PRO B 331 -52.62 -13.04 22.35
N LEU B 332 -52.14 -13.84 23.29
CA LEU B 332 -53.04 -14.47 24.26
C LEU B 332 -53.04 -13.71 25.58
N LEU B 333 -52.46 -12.51 25.56
CA LEU B 333 -52.46 -11.65 26.74
C LEU B 333 -53.20 -10.34 26.46
N GLY B 334 -54.00 -9.90 27.43
CA GLY B 334 -54.71 -8.64 27.30
C GLY B 334 -56.02 -8.76 26.53
N SER B 335 -56.73 -7.65 26.40
CA SER B 335 -57.99 -7.62 25.67
C SER B 335 -57.75 -7.67 24.17
N GLN B 336 -58.85 -7.67 23.41
CA GLN B 336 -58.79 -7.68 21.95
C GLN B 336 -58.13 -6.41 21.43
N GLU B 337 -58.46 -5.28 22.04
CA GLU B 337 -57.86 -4.00 21.67
C GLU B 337 -56.40 -3.93 22.09
N ASP B 338 -56.07 -4.61 23.19
CA ASP B 338 -54.69 -4.70 23.64
C ASP B 338 -53.81 -5.38 22.60
N VAL B 339 -54.31 -6.49 22.05
CA VAL B 339 -53.59 -7.23 21.03
C VAL B 339 -53.41 -6.41 19.76
N LEU B 340 -54.44 -5.67 19.38
CA LEU B 340 -54.38 -4.81 18.20
C LEU B 340 -53.31 -3.72 18.32
N LYS B 341 -53.20 -3.13 19.51
CA LYS B 341 -52.20 -2.10 19.74
C LYS B 341 -50.80 -2.68 19.64
N THR B 342 -50.63 -3.87 20.22
CA THR B 342 -49.34 -4.55 20.22
C THR B 342 -48.96 -4.97 18.81
N GLN B 343 -49.95 -5.45 18.06
CA GLN B 343 -49.75 -5.82 16.66
C GLN B 343 -49.38 -4.59 15.84
N SER B 344 -50.13 -3.51 16.06
CA SER B 344 -49.91 -2.25 15.35
C SER B 344 -48.49 -1.72 15.54
N SER B 345 -48.03 -1.68 16.80
CA SER B 345 -46.70 -1.16 17.11
C SER B 345 -45.61 -2.02 16.46
N ALA B 346 -45.81 -3.33 16.49
CA ALA B 346 -44.87 -4.27 15.90
C ALA B 346 -44.71 -4.01 14.39
N VAL B 347 -45.84 -3.78 13.72
CA VAL B 347 -45.82 -3.54 12.28
C VAL B 347 -45.08 -2.26 11.93
N HIS B 348 -45.36 -1.19 12.65
CA HIS B 348 -44.67 0.09 12.44
C HIS B 348 -43.17 -0.04 12.68
N ILE B 349 -42.80 -0.70 13.78
CA ILE B 349 -41.40 -0.95 14.11
C ILE B 349 -40.69 -1.72 13.00
N LEU B 350 -41.31 -2.79 12.52
CA LEU B 350 -40.72 -3.61 11.47
C LEU B 350 -40.61 -2.87 10.14
N ARG B 351 -41.62 -2.07 9.82
CA ARG B 351 -41.60 -1.28 8.59
C ARG B 351 -40.42 -0.30 8.60
N ALA B 352 -40.18 0.31 9.76
CA ALA B 352 -39.09 1.27 9.92
C ALA B 352 -37.73 0.60 9.69
N CYS B 353 -37.59 -0.63 10.17
CA CYS B 353 -36.35 -1.39 10.00
C CYS B 353 -36.05 -1.62 8.52
N LEU B 354 -37.10 -1.84 7.73
CA LEU B 354 -36.92 -2.11 6.31
C LEU B 354 -36.77 -0.82 5.48
N GLY B 355 -36.79 0.32 6.16
CA GLY B 355 -36.50 1.58 5.50
C GLY B 355 -37.69 2.47 5.24
N HIS B 356 -38.84 2.14 5.81
CA HIS B 356 -40.02 3.00 5.65
C HIS B 356 -39.77 4.36 6.28
N CYS B 357 -40.06 5.40 5.53
CA CYS B 357 -39.83 6.77 5.98
CA CYS B 357 -39.84 6.75 6.02
C CYS B 357 -41.14 7.48 6.29
N ARG B 358 -41.22 8.10 7.47
CA ARG B 358 -42.42 8.83 7.87
C ARG B 358 -42.55 10.14 7.11
N SER B 359 -41.48 10.57 6.45
CA SER B 359 -41.49 11.77 5.63
C SER B 359 -41.95 11.48 4.19
N GLY B 360 -42.36 10.25 3.94
CA GLY B 360 -42.96 9.88 2.67
C GLY B 360 -42.01 9.28 1.65
N HIS B 361 -42.58 8.57 0.68
CA HIS B 361 -41.83 7.98 -0.42
C HIS B 361 -42.28 8.57 -1.75
N LEU B 362 -41.36 8.73 -2.68
CA LEU B 362 -41.70 9.20 -4.02
C LEU B 362 -42.42 8.11 -4.80
N PRO B 363 -43.35 8.50 -5.68
CA PRO B 363 -44.05 7.51 -6.51
C PRO B 363 -43.09 6.95 -7.56
N PHE B 364 -43.39 5.75 -8.06
CA PHE B 364 -42.53 5.14 -9.06
C PHE B 364 -42.81 5.70 -10.45
N LYS B 365 -44.09 5.89 -10.77
CA LYS B 365 -44.48 6.57 -12.00
C LYS B 365 -45.39 7.74 -11.70
N VAL B 366 -44.95 8.94 -12.06
CA VAL B 366 -45.73 10.15 -11.81
C VAL B 366 -46.88 10.30 -12.81
N ARG B 367 -48.10 10.18 -12.32
CA ARG B 367 -49.29 10.19 -13.17
C ARG B 367 -49.55 11.56 -13.80
N ASN B 368 -50.24 11.56 -14.94
CA ASN B 368 -50.51 12.79 -15.67
C ASN B 368 -51.91 12.79 -16.29
N LEU B 369 -52.53 13.96 -16.34
CA LEU B 369 -53.88 14.08 -16.90
C LEU B 369 -53.89 14.07 -18.42
N THR B 370 -53.00 14.84 -19.03
CA THR B 370 -52.97 15.05 -20.47
C THR B 370 -52.96 13.73 -21.25
N ASP B 371 -52.12 12.80 -20.82
CA ASP B 371 -51.98 11.52 -21.52
C ASP B 371 -53.09 10.54 -21.18
N GLN B 372 -54.00 10.95 -20.29
CA GLN B 372 -55.15 10.13 -19.96
C GLN B 372 -56.35 10.62 -20.78
N GLY B 373 -56.12 11.67 -21.57
CA GLY B 373 -57.15 12.27 -22.38
C GLY B 373 -58.14 13.08 -21.57
N ILE B 374 -57.60 13.83 -20.59
CA ILE B 374 -58.43 14.56 -19.65
C ILE B 374 -58.03 16.04 -19.55
N MET B 375 -59.03 16.92 -19.60
CA MET B 375 -58.80 18.36 -19.51
C MET B 375 -58.68 18.84 -18.07
N SER B 376 -57.58 19.51 -17.77
CA SER B 376 -57.35 20.06 -16.44
C SER B 376 -58.02 21.41 -16.32
N ARG B 377 -58.15 21.91 -15.09
CA ARG B 377 -58.73 23.23 -14.86
C ARG B 377 -57.82 24.31 -15.44
N ALA B 378 -56.52 24.11 -15.30
CA ALA B 378 -55.53 25.03 -15.85
C ALA B 378 -55.65 25.10 -17.36
N ALA B 379 -55.84 23.95 -18.00
CA ALA B 379 -56.01 23.88 -19.45
C ALA B 379 -57.30 24.54 -19.90
N HIS B 380 -58.36 24.35 -19.12
CA HIS B 380 -59.66 24.91 -19.44
C HIS B 380 -59.66 26.43 -19.39
N MET B 381 -58.91 26.99 -18.44
CA MET B 381 -58.79 28.44 -18.31
C MET B 381 -57.92 29.02 -19.41
N GLN B 382 -57.18 28.16 -20.10
CA GLN B 382 -56.30 28.57 -21.18
C GLN B 382 -57.05 28.71 -22.50
N THR B 383 -58.37 28.52 -22.45
CA THR B 383 -59.22 28.66 -23.63
C THR B 383 -60.33 29.67 -23.39
N LYS C 37 -18.50 -37.54 3.43
CA LYS C 37 -17.17 -37.93 3.87
C LYS C 37 -16.06 -37.32 3.00
N PRO C 38 -15.99 -35.98 2.91
CA PRO C 38 -14.98 -35.39 2.03
C PRO C 38 -13.61 -35.31 2.69
N LYS C 39 -12.64 -36.05 2.16
CA LYS C 39 -11.25 -35.91 2.59
C LYS C 39 -10.43 -35.39 1.41
N LEU C 40 -10.00 -34.14 1.52
CA LEU C 40 -9.28 -33.48 0.43
C LEU C 40 -7.79 -33.77 0.47
N LEU C 41 -7.14 -33.77 -0.68
CA LEU C 41 -5.69 -33.89 -0.75
C LEU C 41 -5.05 -32.54 -0.45
N TYR C 42 -5.73 -31.47 -0.83
CA TYR C 42 -5.29 -30.11 -0.55
C TYR C 42 -6.43 -29.34 0.12
N THR C 43 -6.19 -28.84 1.33
CA THR C 43 -7.22 -28.15 2.09
C THR C 43 -7.03 -26.63 2.05
N SER C 44 -5.83 -26.19 1.69
CA SER C 44 -5.55 -24.77 1.52
C SER C 44 -4.62 -24.55 0.32
N ALA C 45 -4.70 -23.37 -0.28
CA ALA C 45 -3.90 -23.07 -1.46
C ALA C 45 -3.60 -21.58 -1.61
N ASN C 46 -2.50 -21.27 -2.27
CA ASN C 46 -2.12 -19.88 -2.52
C ASN C 46 -2.38 -19.46 -3.97
N PHE C 47 -2.77 -18.20 -4.15
CA PHE C 47 -3.02 -17.65 -5.47
C PHE C 47 -2.03 -16.53 -5.75
N LEU C 48 -1.44 -16.56 -6.95
CA LEU C 48 -0.43 -15.57 -7.32
C LEU C 48 -0.66 -15.06 -8.74
N GLY C 49 -0.67 -13.75 -8.91
CA GLY C 49 -0.78 -13.15 -10.23
C GLY C 49 0.55 -12.64 -10.76
N ILE C 50 0.86 -13.02 -11.99
CA ILE C 50 2.07 -12.53 -12.65
C ILE C 50 1.73 -11.98 -14.03
N PRO C 51 1.46 -10.67 -14.12
CA PRO C 51 0.96 -10.02 -15.33
C PRO C 51 2.04 -9.72 -16.38
N THR C 52 2.89 -10.69 -16.68
CA THR C 52 3.92 -10.51 -17.70
C THR C 52 3.32 -10.25 -19.09
N ASN C 53 3.81 -9.22 -19.76
CA ASN C 53 3.37 -8.91 -21.11
C ASN C 53 4.54 -8.56 -22.04
N ARG C 54 5.75 -8.87 -21.60
CA ARG C 54 6.96 -8.52 -22.36
C ARG C 54 7.62 -9.74 -23.00
N GLY C 55 6.92 -10.87 -23.03
CA GLY C 55 7.43 -12.07 -23.65
C GLY C 55 6.84 -12.26 -25.03
N GLN C 56 5.89 -11.38 -25.37
CA GLN C 56 5.20 -11.43 -26.66
C GLN C 56 4.59 -10.06 -26.97
N PRO C 57 4.46 -9.71 -28.27
CA PRO C 57 4.08 -8.37 -28.70
C PRO C 57 2.64 -7.95 -28.39
N LYS C 58 1.70 -8.90 -28.42
CA LYS C 58 0.29 -8.57 -28.23
C LYS C 58 -0.03 -8.16 -26.80
N ILE C 59 -0.44 -6.90 -26.64
CA ILE C 59 -0.81 -6.38 -25.33
C ILE C 59 -2.07 -7.06 -24.82
N GLY C 60 -2.13 -7.33 -23.52
CA GLY C 60 -3.34 -7.88 -22.93
C GLY C 60 -3.14 -9.02 -21.95
N THR C 61 -2.01 -9.70 -22.03
CA THR C 61 -1.77 -10.84 -21.13
C THR C 61 -1.54 -10.37 -19.69
N TYR C 62 -1.31 -9.08 -19.52
CA TYR C 62 -1.15 -8.50 -18.19
C TYR C 62 -2.49 -8.47 -17.47
N GLN C 63 -3.57 -8.59 -18.24
CA GLN C 63 -4.92 -8.60 -17.68
C GLN C 63 -5.34 -10.01 -17.29
N GLY C 64 -4.51 -10.99 -17.64
CA GLY C 64 -4.75 -12.38 -17.30
C GLY C 64 -5.17 -12.67 -15.86
N PRO C 65 -4.34 -12.27 -14.87
CA PRO C 65 -4.69 -12.49 -13.47
C PRO C 65 -6.04 -11.88 -13.09
N GLU C 66 -6.31 -10.69 -13.60
CA GLU C 66 -7.56 -9.99 -13.32
C GLU C 66 -8.76 -10.75 -13.88
N LEU C 67 -8.55 -11.43 -15.01
CA LEU C 67 -9.62 -12.20 -15.65
C LEU C 67 -10.08 -13.33 -14.76
N ILE C 68 -9.14 -13.93 -14.03
CA ILE C 68 -9.45 -15.03 -13.12
C ILE C 68 -10.03 -14.52 -11.80
N ARG C 69 -9.57 -13.35 -11.36
CA ARG C 69 -10.12 -12.73 -10.15
C ARG C 69 -11.56 -12.27 -10.35
N LYS C 70 -11.87 -11.78 -11.55
CA LYS C 70 -13.23 -11.32 -11.87
C LYS C 70 -14.22 -12.48 -11.98
N SER C 71 -13.70 -13.70 -12.07
CA SER C 71 -14.56 -14.87 -12.23
C SER C 71 -15.08 -15.33 -10.87
N ASN C 72 -15.80 -16.45 -10.87
CA ASN C 72 -16.32 -17.03 -9.64
C ASN C 72 -15.40 -18.12 -9.12
N PHE C 73 -14.14 -18.07 -9.55
CA PHE C 73 -13.15 -19.08 -9.19
C PHE C 73 -12.92 -19.18 -7.68
N PHE C 74 -12.66 -18.04 -7.03
CA PHE C 74 -12.45 -18.03 -5.59
C PHE C 74 -13.66 -18.58 -4.81
N GLN C 75 -14.86 -18.21 -5.24
CA GLN C 75 -16.08 -18.71 -4.62
C GLN C 75 -16.24 -20.21 -4.81
N LEU C 76 -16.02 -20.66 -6.04
CA LEU C 76 -16.13 -22.08 -6.37
C LEU C 76 -15.13 -22.93 -5.60
N VAL C 77 -13.93 -22.39 -5.39
CA VAL C 77 -12.90 -23.08 -4.63
C VAL C 77 -13.30 -23.19 -3.16
N ALA C 78 -13.84 -22.10 -2.63
CA ALA C 78 -14.29 -22.06 -1.24
C ALA C 78 -15.40 -23.07 -0.97
N GLU C 79 -16.26 -23.27 -1.96
CA GLU C 79 -17.37 -24.21 -1.85
C GLU C 79 -16.90 -25.66 -2.00
N ASP C 80 -15.62 -25.85 -2.27
CA ASP C 80 -15.04 -27.18 -2.36
C ASP C 80 -14.36 -27.55 -1.04
N GLY C 81 -14.28 -26.59 -0.13
CA GLY C 81 -13.69 -26.81 1.18
C GLY C 81 -12.22 -26.42 1.23
N ILE C 82 -11.75 -25.75 0.19
CA ILE C 82 -10.36 -25.32 0.10
C ILE C 82 -10.25 -23.84 0.46
N GLN C 83 -9.29 -23.51 1.31
CA GLN C 83 -9.08 -22.13 1.73
C GLN C 83 -8.02 -21.46 0.86
N LEU C 84 -8.47 -20.57 -0.02
CA LEU C 84 -7.58 -19.89 -0.96
C LEU C 84 -7.09 -18.57 -0.40
N THR C 85 -5.77 -18.39 -0.36
CA THR C 85 -5.19 -17.14 0.09
C THR C 85 -4.59 -16.36 -1.07
N ASP C 86 -5.21 -15.22 -1.41
CA ASP C 86 -4.69 -14.35 -2.46
C ASP C 86 -3.38 -13.74 -1.99
N CYS C 87 -2.32 -13.92 -2.77
CA CYS C 87 -1.01 -13.43 -2.40
C CYS C 87 -0.61 -12.24 -3.27
N GLY C 88 -1.59 -11.61 -3.89
CA GLY C 88 -1.36 -10.43 -4.70
C GLY C 88 -0.71 -10.71 -6.05
N ASP C 89 -0.08 -9.68 -6.60
CA ASP C 89 0.57 -9.76 -7.91
C ASP C 89 2.05 -9.42 -7.82
N ILE C 90 2.83 -10.02 -8.71
CA ILE C 90 4.22 -9.64 -8.89
C ILE C 90 4.28 -8.49 -9.89
N ILE C 91 5.05 -7.45 -9.57
CA ILE C 91 5.25 -6.33 -10.48
C ILE C 91 6.45 -6.59 -11.37
N PRO C 92 6.21 -6.94 -12.64
CA PRO C 92 7.30 -7.29 -13.56
C PRO C 92 8.12 -6.05 -13.89
N VAL C 93 9.40 -6.26 -14.21
CA VAL C 93 10.27 -5.16 -14.62
C VAL C 93 10.05 -4.86 -16.11
N GLU C 94 9.62 -3.64 -16.41
CA GLU C 94 9.38 -3.25 -17.80
C GLU C 94 10.18 -2.00 -18.18
N LEU C 95 11.37 -2.23 -18.74
CA LEU C 95 12.24 -1.14 -19.15
C LEU C 95 11.79 -0.57 -20.50
N ASN C 96 12.37 0.57 -20.87
CA ASN C 96 12.06 1.17 -22.16
C ASN C 96 13.04 0.70 -23.25
N GLU C 97 12.72 1.02 -24.50
CA GLU C 97 13.52 0.60 -25.65
C GLU C 97 15.00 0.96 -25.51
N ALA C 98 15.27 2.16 -25.01
CA ALA C 98 16.63 2.64 -24.84
C ALA C 98 17.41 1.79 -23.82
N GLU C 99 16.73 1.42 -22.74
CA GLU C 99 17.37 0.65 -21.68
C GLU C 99 17.47 -0.82 -22.03
N ASP C 100 16.61 -1.27 -22.94
CA ASP C 100 16.49 -2.69 -23.21
C ASP C 100 16.43 -3.02 -24.70
N PRO C 101 17.54 -2.78 -25.42
CA PRO C 101 17.57 -3.05 -26.86
C PRO C 101 17.73 -4.54 -27.17
N GLN C 102 17.54 -4.92 -28.43
CA GLN C 102 17.72 -6.30 -28.85
C GLN C 102 19.13 -6.81 -28.53
N ARG C 103 19.20 -8.02 -28.01
CA ARG C 103 20.48 -8.70 -27.79
C ARG C 103 20.32 -10.16 -28.20
N PHE C 104 21.18 -10.60 -29.11
CA PHE C 104 21.10 -11.94 -29.68
C PHE C 104 19.69 -12.27 -30.19
N GLY C 105 19.02 -11.28 -30.77
CA GLY C 105 17.70 -11.48 -31.34
C GLY C 105 16.56 -11.35 -30.34
N MET C 106 16.90 -11.36 -29.06
CA MET C 106 15.91 -11.35 -28.00
C MET C 106 15.25 -9.97 -27.81
N LYS C 107 13.92 -9.96 -27.84
CA LYS C 107 13.17 -8.75 -27.51
C LYS C 107 13.00 -8.69 -25.99
N TRP C 108 13.39 -7.57 -25.40
CA TRP C 108 13.19 -7.32 -23.97
C TRP C 108 13.93 -8.30 -23.06
N SER C 109 15.17 -8.61 -23.41
CA SER C 109 15.96 -9.59 -22.67
C SER C 109 16.35 -9.13 -21.26
N ARG C 110 16.58 -7.83 -21.09
CA ARG C 110 16.96 -7.31 -19.78
C ARG C 110 15.74 -7.22 -18.86
N SER C 111 14.59 -6.85 -19.44
CA SER C 111 13.33 -6.88 -18.71
C SER C 111 13.03 -8.32 -18.28
N PHE C 112 13.38 -9.26 -19.14
CA PHE C 112 13.17 -10.69 -18.86
C PHE C 112 13.97 -11.16 -17.66
N SER C 113 15.28 -10.95 -17.68
CA SER C 113 16.17 -11.44 -16.63
C SER C 113 15.83 -10.85 -15.26
N LEU C 114 15.55 -9.54 -15.23
CA LEU C 114 15.20 -8.87 -13.98
C LEU C 114 13.87 -9.37 -13.44
N THR C 115 12.89 -9.54 -14.31
CA THR C 115 11.59 -10.06 -13.93
C THR C 115 11.70 -11.51 -13.46
N THR C 116 12.55 -12.28 -14.13
CA THR C 116 12.79 -13.67 -13.77
C THR C 116 13.27 -13.80 -12.33
N LEU C 117 14.36 -13.09 -12.02
CA LEU C 117 14.95 -13.12 -10.69
C LEU C 117 13.96 -12.66 -9.62
N ARG C 118 13.11 -11.71 -9.98
CA ARG C 118 12.10 -11.19 -9.06
C ARG C 118 10.98 -12.21 -8.81
N ILE C 119 10.52 -12.84 -9.89
CA ILE C 119 9.51 -13.88 -9.78
C ILE C 119 10.03 -15.04 -8.93
N ALA C 120 11.26 -15.46 -9.22
CA ALA C 120 11.88 -16.58 -8.53
C ALA C 120 12.03 -16.33 -7.03
N GLU C 121 12.26 -15.07 -6.67
CA GLU C 121 12.39 -14.68 -5.27
C GLU C 121 11.09 -14.86 -4.51
N ARG C 122 10.00 -14.35 -5.08
CA ARG C 122 8.68 -14.45 -4.45
C ARG C 122 8.18 -15.88 -4.36
N VAL C 123 8.37 -16.64 -5.44
CA VAL C 123 7.91 -18.03 -5.48
C VAL C 123 8.64 -18.91 -4.48
N GLU C 124 9.95 -18.74 -4.38
CA GLU C 124 10.76 -19.47 -3.40
C GLU C 124 10.29 -19.17 -1.98
N GLU C 125 9.96 -17.91 -1.74
CA GLU C 125 9.47 -17.47 -0.43
C GLU C 125 8.15 -18.12 -0.08
N LEU C 126 7.21 -18.12 -1.03
CA LEU C 126 5.90 -18.73 -0.84
C LEU C 126 5.99 -20.24 -0.67
N MET C 127 6.95 -20.84 -1.35
CA MET C 127 7.09 -22.29 -1.35
C MET C 127 7.72 -22.81 -0.07
N LYS C 128 8.55 -21.98 0.56
CA LYS C 128 9.21 -22.37 1.80
C LYS C 128 8.33 -22.10 3.01
N GLN C 129 7.38 -21.19 2.86
CA GLN C 129 6.42 -20.92 3.91
C GLN C 129 5.30 -21.95 3.83
N SER C 130 5.13 -22.55 2.65
CA SER C 130 4.14 -23.60 2.45
C SER C 130 4.64 -24.90 3.08
N ASN C 131 5.95 -24.97 3.30
CA ASN C 131 6.55 -26.07 4.03
C ASN C 131 6.57 -25.75 5.52
N LYS C 132 5.42 -25.90 6.15
CA LYS C 132 5.27 -25.58 7.57
C LYS C 132 4.69 -26.76 8.34
N LYS C 141 -0.36 -32.63 4.44
CA LYS C 141 -0.87 -32.09 3.19
C LYS C 141 -0.05 -30.88 2.74
N SER C 142 0.21 -30.80 1.45
CA SER C 142 0.98 -29.69 0.88
C SER C 142 0.05 -28.56 0.45
N THR C 143 0.58 -27.35 0.41
CA THR C 143 -0.20 -26.19 -0.03
C THR C 143 0.20 -25.80 -1.46
N PRO C 144 -0.67 -26.10 -2.43
CA PRO C 144 -0.40 -25.81 -3.85
C PRO C 144 -0.39 -24.30 -4.13
N LEU C 145 0.54 -23.88 -4.97
CA LEU C 145 0.60 -22.49 -5.42
C LEU C 145 -0.09 -22.42 -6.78
N VAL C 146 -1.12 -21.59 -6.88
CA VAL C 146 -1.81 -21.37 -8.14
C VAL C 146 -1.35 -20.04 -8.75
N ILE C 147 -0.76 -20.11 -9.93
CA ILE C 147 -0.21 -18.93 -10.59
C ILE C 147 -0.92 -18.61 -11.90
N VAL C 148 -1.34 -17.37 -12.07
CA VAL C 148 -1.99 -16.96 -13.31
C VAL C 148 -1.19 -15.87 -14.03
N GLY C 149 -0.80 -16.14 -15.28
CA GLY C 149 -0.12 -15.16 -16.10
C GLY C 149 -1.11 -14.28 -16.83
N GLY C 150 -0.61 -13.42 -17.72
CA GLY C 150 0.81 -13.35 -18.03
C GLY C 150 1.20 -14.29 -19.14
N ASP C 151 2.12 -13.87 -20.00
CA ASP C 151 2.62 -14.74 -21.05
C ASP C 151 3.63 -15.73 -20.48
N HIS C 152 3.92 -16.79 -21.24
CA HIS C 152 4.63 -17.94 -20.70
C HIS C 152 6.11 -17.71 -20.34
N SER C 153 6.59 -16.49 -20.53
CA SER C 153 7.98 -16.16 -20.21
C SER C 153 8.22 -16.17 -18.70
N MET C 154 7.14 -16.15 -17.92
CA MET C 154 7.22 -16.15 -16.47
C MET C 154 7.74 -17.49 -15.95
N ALA C 155 7.65 -18.52 -16.79
CA ALA C 155 7.97 -19.89 -16.39
C ALA C 155 9.42 -20.06 -15.95
N THR C 156 10.33 -19.29 -16.53
CA THR C 156 11.73 -19.34 -16.11
C THR C 156 11.81 -18.94 -14.64
N GLY C 157 11.14 -17.84 -14.29
CA GLY C 157 11.11 -17.35 -12.93
C GLY C 157 10.43 -18.29 -11.96
N THR C 158 9.21 -18.72 -12.29
CA THR C 158 8.45 -19.58 -11.39
C THR C 158 9.16 -20.91 -11.12
N ILE C 159 9.61 -21.57 -12.17
CA ILE C 159 10.28 -22.86 -12.03
C ILE C 159 11.59 -22.73 -11.26
N LEU C 160 12.32 -21.65 -11.54
CA LEU C 160 13.59 -21.38 -10.85
C LEU C 160 13.37 -21.19 -9.36
N GLY C 161 12.38 -20.38 -9.00
CA GLY C 161 12.05 -20.14 -7.61
C GLY C 161 11.52 -21.39 -6.94
N HIS C 162 10.71 -22.13 -7.69
CA HIS C 162 10.12 -23.37 -7.19
C HIS C 162 11.20 -24.42 -6.95
N ALA C 163 12.19 -24.46 -7.83
CA ALA C 163 13.26 -25.45 -7.74
C ALA C 163 14.20 -25.18 -6.57
N GLU C 164 14.16 -23.96 -6.03
CA GLU C 164 14.97 -23.64 -4.87
C GLU C 164 14.40 -24.27 -3.61
N ALA C 165 13.07 -24.32 -3.52
CA ALA C 165 12.41 -24.92 -2.37
C ALA C 165 12.15 -26.41 -2.58
N LYS C 166 12.12 -26.84 -3.84
CA LYS C 166 11.90 -28.24 -4.17
C LYS C 166 12.84 -28.66 -5.30
N PRO C 167 14.13 -28.91 -4.97
CA PRO C 167 15.20 -29.13 -5.95
C PRO C 167 14.99 -30.30 -6.91
N ASP C 168 14.25 -31.32 -6.48
CA ASP C 168 14.06 -32.51 -7.30
C ASP C 168 12.66 -32.59 -7.90
N LEU C 169 12.13 -31.46 -8.36
CA LEU C 169 10.81 -31.44 -8.95
C LEU C 169 10.80 -32.02 -10.36
N CYS C 170 9.61 -32.27 -10.88
CA CYS C 170 9.44 -32.61 -12.28
C CYS C 170 8.50 -31.60 -12.93
N VAL C 171 8.62 -31.43 -14.24
CA VAL C 171 7.82 -30.44 -14.96
C VAL C 171 6.91 -31.09 -16.00
N LEU C 172 5.62 -30.79 -15.90
CA LEU C 172 4.64 -31.21 -16.91
C LEU C 172 4.21 -30.00 -17.73
N TRP C 173 4.68 -29.95 -18.97
CA TRP C 173 4.45 -28.79 -19.83
C TRP C 173 3.28 -29.05 -20.78
N ILE C 174 2.15 -28.41 -20.50
CA ILE C 174 0.96 -28.56 -21.34
C ILE C 174 0.86 -27.38 -22.29
N ASP C 175 1.14 -27.63 -23.56
CA ASP C 175 1.30 -26.55 -24.52
C ASP C 175 1.26 -27.08 -25.96
N ALA C 176 0.79 -26.25 -26.87
CA ALA C 176 0.87 -26.56 -28.29
C ALA C 176 2.30 -26.37 -28.76
N HIS C 177 3.02 -25.51 -28.05
CA HIS C 177 4.37 -25.13 -28.44
C HIS C 177 5.41 -25.69 -27.46
N GLY C 178 6.65 -25.80 -27.93
CA GLY C 178 7.71 -26.34 -27.11
C GLY C 178 8.29 -25.36 -26.11
N ASP C 179 8.21 -24.07 -26.43
CA ASP C 179 8.72 -22.99 -25.58
C ASP C 179 10.16 -23.25 -25.10
N ILE C 180 10.95 -23.89 -25.95
CA ILE C 180 12.29 -24.31 -25.56
C ILE C 180 13.32 -23.88 -26.63
N ASN C 181 12.98 -22.84 -27.38
CA ASN C 181 13.91 -22.26 -28.33
C ASN C 181 15.09 -21.62 -27.63
N THR C 182 16.30 -21.92 -28.10
CA THR C 182 17.49 -21.22 -27.65
C THR C 182 17.62 -19.93 -28.47
N PRO C 183 18.04 -18.82 -27.82
CA PRO C 183 18.03 -17.47 -28.38
C PRO C 183 18.45 -17.35 -29.85
N LEU C 184 19.56 -17.97 -30.23
CA LEU C 184 20.08 -17.84 -31.58
C LEU C 184 19.25 -18.58 -32.63
N ASN C 185 18.35 -19.44 -32.18
CA ASN C 185 17.48 -20.18 -33.10
C ASN C 185 16.05 -19.68 -33.11
N SER C 186 15.81 -18.56 -32.42
CA SER C 186 14.48 -17.97 -32.37
C SER C 186 14.27 -16.98 -33.52
N ALA C 187 13.26 -17.25 -34.35
CA ALA C 187 12.95 -16.38 -35.46
C ALA C 187 12.09 -15.20 -35.01
N SER C 188 11.45 -15.34 -33.86
CA SER C 188 10.56 -14.31 -33.34
C SER C 188 11.31 -13.34 -32.44
N GLY C 189 12.10 -13.88 -31.53
CA GLY C 189 12.78 -13.07 -30.53
C GLY C 189 11.89 -12.88 -29.30
N ASN C 190 10.70 -13.48 -29.35
CA ASN C 190 9.76 -13.42 -28.25
C ASN C 190 10.16 -14.38 -27.13
N MET C 191 10.37 -13.83 -25.94
CA MET C 191 10.89 -14.59 -24.81
C MET C 191 9.97 -15.73 -24.35
N HIS C 192 8.67 -15.60 -24.62
CA HIS C 192 7.71 -16.62 -24.20
C HIS C 192 7.90 -17.95 -24.92
N GLY C 193 8.72 -17.93 -25.96
CA GLY C 193 9.06 -19.15 -26.68
C GLY C 193 10.42 -19.68 -26.30
N MET C 194 11.06 -19.05 -25.32
CA MET C 194 12.35 -19.51 -24.83
C MET C 194 12.47 -19.84 -23.33
N PRO C 195 11.36 -19.89 -22.56
CA PRO C 195 11.62 -19.94 -21.10
C PRO C 195 12.28 -21.23 -20.60
N LEU C 196 12.05 -22.34 -21.29
CA LEU C 196 12.59 -23.63 -20.85
C LEU C 196 14.08 -23.80 -21.15
N SER C 197 14.55 -23.13 -22.18
CA SER C 197 15.95 -23.27 -22.61
C SER C 197 16.95 -22.84 -21.53
N PHE C 198 16.62 -21.76 -20.82
CA PHE C 198 17.50 -21.24 -19.78
C PHE C 198 17.58 -22.13 -18.55
N LEU C 199 16.63 -23.06 -18.43
CA LEU C 199 16.53 -23.91 -17.24
C LEU C 199 17.10 -25.31 -17.46
N VAL C 200 17.04 -25.80 -18.69
CA VAL C 200 17.52 -27.14 -19.00
C VAL C 200 19.06 -27.19 -19.02
N LYS C 201 19.62 -28.00 -18.12
CA LYS C 201 21.06 -28.12 -17.96
C LYS C 201 21.77 -28.51 -19.26
N GLU C 202 21.18 -29.45 -19.99
CA GLU C 202 21.80 -30.01 -21.19
C GLU C 202 21.88 -29.04 -22.37
N LEU C 203 21.26 -27.87 -22.24
CA LEU C 203 21.20 -26.91 -23.33
C LEU C 203 22.08 -25.69 -23.12
N GLN C 204 22.95 -25.74 -22.11
CA GLN C 204 23.69 -24.56 -21.68
C GLN C 204 24.84 -24.11 -22.59
N ASP C 205 25.27 -24.99 -23.50
CA ASP C 205 26.26 -24.57 -24.49
C ASP C 205 25.59 -23.92 -25.69
N GLN C 206 24.27 -23.75 -25.59
CA GLN C 206 23.50 -23.09 -26.65
C GLN C 206 22.90 -21.78 -26.14
N ILE C 207 23.26 -21.41 -24.92
CA ILE C 207 22.77 -20.18 -24.32
C ILE C 207 23.86 -19.11 -24.34
N PRO C 208 23.64 -18.05 -25.15
CA PRO C 208 24.60 -16.94 -25.25
C PRO C 208 24.85 -16.32 -23.88
N TRP C 209 26.11 -16.08 -23.54
CA TRP C 209 26.42 -15.49 -22.25
C TRP C 209 26.05 -14.01 -22.19
N LEU C 210 25.28 -13.66 -21.17
CA LEU C 210 24.99 -12.26 -20.86
C LEU C 210 25.17 -12.04 -19.35
N ASP C 211 25.64 -10.85 -19.00
CA ASP C 211 25.92 -10.50 -17.60
C ASP C 211 24.73 -10.73 -16.67
N ASP C 212 23.60 -10.11 -17.00
CA ASP C 212 22.41 -10.16 -16.17
C ASP C 212 21.76 -11.55 -16.11
N PHE C 213 22.23 -12.47 -16.94
CA PHE C 213 21.68 -13.82 -17.00
C PHE C 213 22.45 -14.79 -16.12
N GLU C 214 23.40 -14.27 -15.33
CA GLU C 214 24.23 -15.11 -14.48
C GLU C 214 23.45 -15.71 -13.32
N GLY C 215 22.56 -14.92 -12.74
CA GLY C 215 21.74 -15.38 -11.62
C GLY C 215 20.62 -16.31 -12.03
N ILE C 216 20.49 -16.55 -13.33
CA ILE C 216 19.52 -17.50 -13.84
C ILE C 216 20.22 -18.84 -14.07
N LYS C 217 20.21 -19.68 -13.04
CA LYS C 217 20.93 -20.95 -13.11
C LYS C 217 20.02 -22.13 -13.46
N PRO C 218 20.51 -23.00 -14.36
CA PRO C 218 19.77 -24.17 -14.85
C PRO C 218 19.50 -25.17 -13.74
N CYS C 219 18.25 -25.50 -13.51
CA CYS C 219 17.85 -26.36 -12.41
C CYS C 219 17.06 -27.58 -12.88
N LEU C 220 16.95 -27.72 -14.19
CA LEU C 220 16.20 -28.83 -14.78
C LEU C 220 17.09 -29.74 -15.62
N ASN C 221 16.97 -31.04 -15.40
CA ASN C 221 17.55 -32.00 -16.31
C ASN C 221 16.52 -32.34 -17.37
N ALA C 222 16.97 -32.76 -18.55
CA ALA C 222 16.07 -33.08 -19.65
C ALA C 222 15.12 -34.20 -19.26
N SER C 223 15.57 -35.08 -18.38
CA SER C 223 14.79 -36.24 -17.97
C SER C 223 13.67 -35.91 -16.99
N ASN C 224 13.54 -34.63 -16.65
CA ASN C 224 12.56 -34.22 -15.65
C ASN C 224 11.37 -33.46 -16.24
N ILE C 225 11.40 -33.24 -17.54
CA ILE C 225 10.32 -32.53 -18.24
C ILE C 225 9.52 -33.49 -19.10
N ALA C 226 8.20 -33.30 -19.12
CA ALA C 226 7.34 -34.04 -20.04
C ALA C 226 6.36 -33.09 -20.70
N TYR C 227 6.27 -33.17 -22.03
CA TYR C 227 5.35 -32.34 -22.81
C TYR C 227 4.06 -33.10 -23.09
N ILE C 228 2.94 -32.38 -23.08
CA ILE C 228 1.68 -32.90 -23.59
C ILE C 228 0.95 -31.84 -24.40
N GLY C 229 0.54 -32.20 -25.62
CA GLY C 229 -0.29 -31.34 -26.43
C GLY C 229 0.42 -30.64 -27.59
N LEU C 230 1.68 -31.00 -27.80
CA LEU C 230 2.50 -30.39 -28.85
C LEU C 230 1.91 -30.57 -30.24
N ARG C 231 1.94 -29.51 -31.04
CA ARG C 231 1.46 -29.56 -32.42
C ARG C 231 2.04 -28.45 -33.31
N ASP C 232 2.85 -27.59 -32.73
CA ASP C 232 3.48 -26.51 -33.50
C ASP C 232 4.94 -26.31 -33.09
N LEU C 233 5.71 -27.38 -33.13
CA LEU C 233 7.13 -27.34 -32.78
C LEU C 233 7.96 -26.70 -33.88
N ASP C 234 9.04 -26.03 -33.48
CA ASP C 234 10.03 -25.54 -34.43
C ASP C 234 11.05 -26.65 -34.68
N ALA C 235 11.74 -26.57 -35.82
CA ALA C 235 12.70 -27.59 -36.23
C ALA C 235 13.76 -27.84 -35.18
N HIS C 236 14.37 -26.77 -34.68
CA HIS C 236 15.47 -26.88 -33.72
C HIS C 236 14.98 -27.32 -32.34
N GLU C 237 13.72 -27.02 -32.02
CA GLU C 237 13.11 -27.56 -30.81
C GLU C 237 12.96 -29.08 -30.94
N THR C 238 12.50 -29.53 -32.10
CA THR C 238 12.36 -30.95 -32.37
C THR C 238 13.72 -31.65 -32.28
N HIS C 239 14.76 -30.98 -32.80
CA HIS C 239 16.11 -31.51 -32.71
C HIS C 239 16.55 -31.63 -31.27
N ASP C 240 16.40 -30.56 -30.50
CA ASP C 240 16.84 -30.52 -29.12
C ASP C 240 16.09 -31.49 -28.23
N ILE C 241 14.79 -31.63 -28.46
CA ILE C 241 13.96 -32.52 -27.66
C ILE C 241 14.34 -33.98 -27.85
N ARG C 242 14.52 -34.39 -29.11
CA ARG C 242 14.87 -35.76 -29.42
C ARG C 242 16.30 -36.10 -29.01
N LYS C 243 17.20 -35.14 -29.21
CA LYS C 243 18.62 -35.33 -28.88
C LYS C 243 18.83 -35.61 -27.40
N HIS C 244 18.11 -34.89 -26.55
CA HIS C 244 18.32 -34.99 -25.11
C HIS C 244 17.25 -35.83 -24.40
N GLY C 245 16.46 -36.55 -25.18
CA GLY C 245 15.49 -37.49 -24.65
C GLY C 245 14.44 -36.89 -23.73
N ILE C 246 14.00 -35.67 -24.03
CA ILE C 246 12.90 -35.07 -23.29
C ILE C 246 11.61 -35.78 -23.69
N ALA C 247 10.91 -36.33 -22.70
CA ALA C 247 9.66 -37.04 -22.95
C ALA C 247 8.60 -36.09 -23.48
N TYR C 248 7.99 -36.43 -24.61
CA TYR C 248 7.00 -35.57 -25.22
C TYR C 248 5.89 -36.36 -25.91
N PHE C 249 4.67 -35.85 -25.79
CA PHE C 249 3.51 -36.48 -26.41
C PHE C 249 2.74 -35.45 -27.20
N THR C 250 2.86 -35.52 -28.52
CA THR C 250 2.19 -34.58 -29.42
C THR C 250 0.72 -34.95 -29.58
N MET C 251 -0.03 -34.11 -30.29
CA MET C 251 -1.44 -34.41 -30.54
C MET C 251 -1.62 -35.68 -31.37
N LEU C 252 -0.59 -36.02 -32.15
CA LEU C 252 -0.55 -37.29 -32.85
C LEU C 252 -0.63 -38.42 -31.83
N ASP C 253 0.16 -38.30 -30.77
CA ASP C 253 0.19 -39.31 -29.70
C ASP C 253 -1.14 -39.38 -28.97
N VAL C 254 -1.75 -38.22 -28.71
CA VAL C 254 -3.06 -38.18 -28.07
C VAL C 254 -4.09 -38.87 -28.95
N ASP C 255 -3.99 -38.65 -30.26
CA ASP C 255 -4.90 -39.27 -31.21
C ASP C 255 -4.74 -40.79 -31.26
N ARG C 256 -3.50 -41.26 -31.21
CA ARG C 256 -3.21 -42.68 -31.36
C ARG C 256 -3.28 -43.46 -30.06
N MET C 257 -2.83 -42.85 -28.97
CA MET C 257 -2.79 -43.52 -27.68
C MET C 257 -4.02 -43.25 -26.83
N GLY C 258 -4.62 -42.06 -27.02
CA GLY C 258 -5.69 -41.62 -26.15
C GLY C 258 -5.12 -40.87 -24.96
N ILE C 259 -5.86 -39.89 -24.44
CA ILE C 259 -5.35 -39.04 -23.37
C ILE C 259 -5.03 -39.80 -22.07
N GLU C 260 -5.78 -40.86 -21.79
CA GLU C 260 -5.58 -41.64 -20.58
C GLU C 260 -4.18 -42.27 -20.53
N ALA C 261 -3.78 -42.91 -21.63
CA ALA C 261 -2.48 -43.54 -21.71
C ALA C 261 -1.35 -42.51 -21.75
N VAL C 262 -1.59 -41.40 -22.42
CA VAL C 262 -0.63 -40.31 -22.51
C VAL C 262 -0.28 -39.75 -21.13
N ILE C 263 -1.32 -39.50 -20.32
CA ILE C 263 -1.13 -39.01 -18.97
C ILE C 263 -0.36 -40.00 -18.12
N LYS C 264 -0.71 -41.28 -18.26
CA LYS C 264 -0.04 -42.33 -17.52
C LYS C 264 1.43 -42.44 -17.91
N GLU C 265 1.71 -42.29 -19.20
CA GLU C 265 3.07 -42.42 -19.71
C GLU C 265 3.94 -41.20 -19.40
N ALA C 266 3.31 -40.04 -19.31
CA ALA C 266 4.03 -38.81 -18.99
C ALA C 266 4.48 -38.85 -17.53
N LEU C 267 3.57 -39.25 -16.65
CA LEU C 267 3.87 -39.36 -15.23
C LEU C 267 4.89 -40.47 -14.97
N LEU C 268 4.80 -41.54 -15.74
CA LEU C 268 5.71 -42.67 -15.60
C LEU C 268 7.13 -42.28 -15.98
N ALA C 269 7.24 -41.28 -16.86
CA ALA C 269 8.54 -40.86 -17.38
C ALA C 269 9.30 -39.90 -16.47
N VAL C 270 8.59 -38.98 -15.83
CA VAL C 270 9.23 -37.95 -15.01
C VAL C 270 9.02 -38.13 -13.51
N ASN C 271 7.99 -38.87 -13.13
CA ASN C 271 7.68 -39.09 -11.72
C ASN C 271 7.14 -40.50 -11.46
N PRO C 272 7.94 -41.53 -11.78
CA PRO C 272 7.48 -42.93 -11.86
C PRO C 272 6.93 -43.51 -10.55
N ARG C 273 7.27 -42.90 -9.41
CA ARG C 273 6.81 -43.42 -8.13
C ARG C 273 6.13 -42.35 -7.27
N LEU C 274 5.75 -41.25 -7.90
CA LEU C 274 5.12 -40.10 -7.23
C LEU C 274 5.97 -39.57 -6.07
N GLU C 275 7.28 -39.57 -6.25
CA GLU C 275 8.20 -39.15 -5.22
C GLU C 275 8.59 -37.68 -5.34
N LYS C 276 8.38 -37.10 -6.52
CA LYS C 276 8.81 -35.74 -6.79
C LYS C 276 7.64 -34.76 -6.78
N ALA C 277 7.92 -33.53 -6.35
CA ALA C 277 6.93 -32.46 -6.44
C ALA C 277 6.69 -32.14 -7.91
N ILE C 278 5.47 -31.75 -8.24
CA ILE C 278 5.12 -31.51 -9.64
C ILE C 278 4.84 -30.05 -9.95
N HIS C 279 5.59 -29.51 -10.90
CA HIS C 279 5.31 -28.18 -11.43
C HIS C 279 4.53 -28.33 -12.74
N LEU C 280 3.24 -27.99 -12.71
CA LEU C 280 2.39 -28.09 -13.88
C LEU C 280 2.29 -26.73 -14.57
N SER C 281 2.85 -26.63 -15.77
CA SER C 281 2.79 -25.38 -16.53
C SER C 281 1.79 -25.50 -17.67
N PHE C 282 0.61 -24.91 -17.47
CA PHE C 282 -0.48 -25.06 -18.42
C PHE C 282 -0.64 -23.83 -19.31
N ASP C 283 -0.23 -23.95 -20.57
CA ASP C 283 -0.49 -22.90 -21.55
C ASP C 283 -1.92 -23.10 -22.06
N ILE C 284 -2.73 -22.05 -21.96
CA ILE C 284 -4.14 -22.13 -22.37
C ILE C 284 -4.30 -22.50 -23.85
N ASP C 285 -3.27 -22.24 -24.65
CA ASP C 285 -3.36 -22.53 -26.08
C ASP C 285 -3.22 -24.02 -26.39
N ALA C 286 -2.89 -24.80 -25.36
CA ALA C 286 -2.87 -26.26 -25.50
C ALA C 286 -4.28 -26.74 -25.82
N LEU C 287 -5.27 -26.06 -25.25
CA LEU C 287 -6.68 -26.32 -25.56
C LEU C 287 -6.98 -25.85 -26.98
N ASP C 288 -8.01 -26.42 -27.57
CA ASP C 288 -8.45 -26.02 -28.91
C ASP C 288 -8.96 -24.58 -28.89
N PRO C 289 -8.68 -23.83 -29.97
CA PRO C 289 -9.17 -22.46 -30.15
C PRO C 289 -10.69 -22.32 -30.07
N LEU C 290 -11.43 -23.41 -30.31
CA LEU C 290 -12.89 -23.38 -30.21
C LEU C 290 -13.32 -23.22 -28.76
N VAL C 291 -12.44 -23.63 -27.85
CA VAL C 291 -12.76 -23.67 -26.43
C VAL C 291 -11.99 -22.59 -25.67
N ALA C 292 -10.85 -22.18 -26.22
CA ALA C 292 -10.06 -21.09 -25.64
C ALA C 292 -9.52 -20.17 -26.73
N PRO C 293 -10.40 -19.34 -27.32
CA PRO C 293 -10.03 -18.48 -28.45
C PRO C 293 -9.10 -17.34 -28.05
N SER C 294 -9.32 -16.75 -26.87
CA SER C 294 -8.62 -15.55 -26.48
C SER C 294 -7.18 -15.79 -26.01
N THR C 295 -6.33 -16.22 -26.96
CA THR C 295 -4.92 -16.41 -26.68
C THR C 295 -4.10 -15.98 -27.90
N GLY C 296 -2.87 -15.55 -27.67
CA GLY C 296 -2.06 -14.92 -28.70
C GLY C 296 -1.61 -15.82 -29.84
N THR C 297 -1.28 -17.06 -29.53
CA THR C 297 -0.79 -17.98 -30.55
C THR C 297 -1.64 -19.25 -30.61
N ALA C 298 -2.90 -19.07 -31.00
CA ALA C 298 -3.83 -20.18 -31.11
C ALA C 298 -3.48 -21.10 -32.28
N VAL C 299 -3.58 -22.41 -32.05
CA VAL C 299 -3.28 -23.42 -33.05
C VAL C 299 -4.40 -24.45 -33.10
N PRO C 300 -5.00 -24.65 -34.29
CA PRO C 300 -6.13 -25.56 -34.46
C PRO C 300 -5.78 -27.02 -34.14
N GLY C 301 -6.79 -27.82 -33.83
CA GLY C 301 -6.59 -29.24 -33.53
C GLY C 301 -6.01 -29.48 -32.15
N GLY C 302 -6.53 -28.77 -31.15
CA GLY C 302 -6.00 -28.85 -29.81
C GLY C 302 -6.68 -29.86 -28.91
N LEU C 303 -6.35 -29.81 -27.63
CA LEU C 303 -7.00 -30.65 -26.64
C LEU C 303 -8.43 -30.17 -26.43
N THR C 304 -9.34 -31.12 -26.24
CA THR C 304 -10.70 -30.77 -25.85
C THR C 304 -10.66 -30.37 -24.39
N LEU C 305 -11.68 -29.67 -23.90
CA LEU C 305 -11.72 -29.28 -22.50
C LEU C 305 -11.70 -30.52 -21.60
N ARG C 306 -12.41 -31.56 -22.02
CA ARG C 306 -12.45 -32.82 -21.29
C ARG C 306 -11.05 -33.43 -21.14
N GLU C 307 -10.32 -33.49 -22.25
CA GLU C 307 -8.95 -34.02 -22.23
C GLU C 307 -8.05 -33.19 -21.30
N GLY C 308 -8.20 -31.87 -21.37
CA GLY C 308 -7.45 -30.98 -20.51
C GLY C 308 -7.81 -31.19 -19.05
N LEU C 309 -9.08 -31.48 -18.80
CA LEU C 309 -9.55 -31.74 -17.44
C LEU C 309 -8.96 -33.03 -16.91
N ARG C 310 -8.90 -34.07 -17.74
CA ARG C 310 -8.34 -35.35 -17.34
C ARG C 310 -6.90 -35.22 -16.86
N ILE C 311 -6.10 -34.46 -17.59
CA ILE C 311 -4.72 -34.18 -17.21
C ILE C 311 -4.67 -33.57 -15.82
N CYS C 312 -5.48 -32.54 -15.60
CA CYS C 312 -5.51 -31.84 -14.32
C CYS C 312 -6.04 -32.71 -13.18
N GLU C 313 -7.08 -33.48 -13.46
CA GLU C 313 -7.64 -34.39 -12.46
C GLU C 313 -6.60 -35.40 -12.00
N GLU C 314 -5.88 -35.99 -12.96
CA GLU C 314 -4.87 -36.99 -12.67
C GLU C 314 -3.67 -36.42 -11.92
N VAL C 315 -3.18 -35.27 -12.39
CA VAL C 315 -2.05 -34.59 -11.76
C VAL C 315 -2.40 -34.24 -10.32
N SER C 316 -3.62 -33.73 -10.13
CA SER C 316 -4.12 -33.38 -8.80
C SER C 316 -4.13 -34.60 -7.89
N ALA C 317 -4.62 -35.72 -8.43
CA ALA C 317 -4.86 -36.93 -7.65
C ALA C 317 -3.59 -37.60 -7.13
N THR C 318 -2.44 -37.21 -7.69
CA THR C 318 -1.17 -37.76 -7.22
C THR C 318 -0.84 -37.24 -5.83
N GLY C 319 -1.46 -36.12 -5.47
CA GLY C 319 -1.19 -35.48 -4.19
C GLY C 319 0.14 -34.77 -4.18
N LYS C 320 0.76 -34.68 -5.35
CA LYS C 320 2.09 -34.10 -5.47
C LYS C 320 2.08 -32.78 -6.25
N LEU C 321 0.88 -32.24 -6.48
CA LEU C 321 0.77 -30.96 -7.17
C LEU C 321 1.37 -29.86 -6.32
N SER C 322 2.53 -29.38 -6.72
CA SER C 322 3.23 -28.35 -5.96
C SER C 322 2.91 -26.97 -6.50
N VAL C 323 3.10 -26.77 -7.81
CA VAL C 323 2.76 -25.51 -8.44
C VAL C 323 2.00 -25.76 -9.73
N VAL C 324 0.89 -25.04 -9.91
CA VAL C 324 0.21 -25.01 -11.20
C VAL C 324 0.13 -23.58 -11.73
N GLU C 325 0.67 -23.36 -12.92
CA GLU C 325 0.58 -22.05 -13.54
C GLU C 325 -0.22 -22.13 -14.83
N LEU C 326 -1.05 -21.12 -15.06
CA LEU C 326 -1.83 -21.03 -16.27
C LEU C 326 -1.38 -19.80 -17.03
N ALA C 327 -0.92 -19.99 -18.27
CA ALA C 327 -0.31 -18.90 -19.02
C ALA C 327 -1.05 -18.55 -20.31
N GLU C 328 -0.76 -17.36 -20.82
CA GLU C 328 -1.20 -16.90 -22.15
C GLU C 328 -2.68 -16.55 -22.29
N LEU C 329 -3.34 -16.22 -21.18
CA LEU C 329 -4.68 -15.64 -21.27
C LEU C 329 -4.57 -14.20 -21.77
N ASN C 330 -5.34 -13.86 -22.80
CA ASN C 330 -5.35 -12.49 -23.30
C ASN C 330 -6.77 -12.00 -23.55
N PRO C 331 -7.36 -11.35 -22.53
CA PRO C 331 -8.74 -10.85 -22.56
C PRO C 331 -8.97 -9.74 -23.58
N LEU C 332 -7.90 -9.22 -24.18
CA LEU C 332 -8.03 -8.20 -25.20
C LEU C 332 -8.06 -8.81 -26.60
N LEU C 333 -8.17 -10.13 -26.67
CA LEU C 333 -8.26 -10.83 -27.94
C LEU C 333 -9.62 -11.48 -28.12
N GLY C 334 -10.20 -11.32 -29.30
CA GLY C 334 -11.48 -11.92 -29.61
C GLY C 334 -12.68 -11.12 -29.11
N SER C 335 -13.87 -11.63 -29.39
CA SER C 335 -15.10 -10.98 -28.96
C SER C 335 -15.33 -11.15 -27.47
N GLN C 336 -16.37 -10.50 -26.95
CA GLN C 336 -16.71 -10.64 -25.54
C GLN C 336 -17.11 -12.08 -25.23
N GLU C 337 -17.74 -12.74 -26.19
CA GLU C 337 -18.10 -14.14 -26.02
C GLU C 337 -16.84 -15.02 -26.05
N ASP C 338 -15.88 -14.63 -26.88
CA ASP C 338 -14.60 -15.34 -26.96
C ASP C 338 -13.89 -15.32 -25.61
N VAL C 339 -13.91 -14.17 -24.94
CA VAL C 339 -13.25 -14.01 -23.66
C VAL C 339 -13.93 -14.84 -22.57
N LEU C 340 -15.25 -14.85 -22.59
CA LEU C 340 -16.03 -15.61 -21.61
C LEU C 340 -15.76 -17.11 -21.71
N LYS C 341 -15.62 -17.62 -22.93
CA LYS C 341 -15.30 -19.03 -23.14
C LYS C 341 -13.90 -19.34 -22.61
N THR C 342 -12.95 -18.45 -22.89
CA THR C 342 -11.58 -18.62 -22.43
C THR C 342 -11.51 -18.53 -20.91
N GLN C 343 -12.29 -17.60 -20.35
CA GLN C 343 -12.35 -17.43 -18.90
C GLN C 343 -12.94 -18.68 -18.25
N SER C 344 -14.00 -19.21 -18.85
CA SER C 344 -14.67 -20.39 -18.33
C SER C 344 -13.77 -21.61 -18.39
N SER C 345 -13.05 -21.78 -19.49
CA SER C 345 -12.17 -22.92 -19.66
C SER C 345 -11.01 -22.86 -18.67
N ALA C 346 -10.60 -21.65 -18.34
CA ALA C 346 -9.52 -21.44 -17.39
C ALA C 346 -9.97 -21.80 -15.98
N VAL C 347 -11.18 -21.38 -15.63
CA VAL C 347 -11.74 -21.65 -14.31
C VAL C 347 -11.96 -23.14 -14.06
N HIS C 348 -12.50 -23.83 -15.07
CA HIS C 348 -12.67 -25.28 -14.98
C HIS C 348 -11.33 -25.99 -14.77
N ILE C 349 -10.34 -25.62 -15.59
CA ILE C 349 -9.01 -26.23 -15.54
C ILE C 349 -8.34 -26.03 -14.18
N LEU C 350 -8.35 -24.79 -13.70
CA LEU C 350 -7.70 -24.46 -12.42
C LEU C 350 -8.43 -25.13 -11.26
N ARG C 351 -9.75 -25.13 -11.31
CA ARG C 351 -10.57 -25.76 -10.29
C ARG C 351 -10.31 -27.25 -10.21
N ALA C 352 -10.08 -27.87 -11.38
CA ALA C 352 -9.80 -29.30 -11.46
C ALA C 352 -8.43 -29.65 -10.86
N CYS C 353 -7.48 -28.72 -10.99
CA CYS C 353 -6.15 -28.90 -10.43
C CYS C 353 -6.21 -28.97 -8.90
N LEU C 354 -7.08 -28.16 -8.30
CA LEU C 354 -7.18 -28.11 -6.85
C LEU C 354 -7.97 -29.29 -6.27
N GLY C 355 -8.55 -30.11 -7.14
CA GLY C 355 -9.16 -31.35 -6.72
C GLY C 355 -10.64 -31.50 -6.97
N HIS C 356 -11.23 -30.57 -7.73
CA HIS C 356 -12.65 -30.66 -8.03
C HIS C 356 -12.95 -31.83 -8.95
N CYS C 357 -14.11 -32.44 -8.75
CA CYS C 357 -14.48 -33.63 -9.49
C CYS C 357 -15.83 -33.52 -10.20
N ARG C 358 -15.82 -33.82 -11.49
CA ARG C 358 -17.04 -33.88 -12.29
C ARG C 358 -17.92 -35.03 -11.81
N SER C 359 -17.30 -35.97 -11.11
CA SER C 359 -18.00 -37.13 -10.55
C SER C 359 -18.81 -36.75 -9.31
N GLY C 360 -18.53 -35.57 -8.76
CA GLY C 360 -19.27 -35.06 -7.62
C GLY C 360 -18.59 -35.26 -6.28
N HIS C 361 -18.89 -34.37 -5.35
CA HIS C 361 -18.38 -34.46 -3.98
C HIS C 361 -19.51 -34.72 -2.99
N LEU C 362 -19.21 -35.47 -1.93
CA LEU C 362 -20.15 -35.61 -0.83
C LEU C 362 -20.18 -34.33 -0.01
N PRO C 363 -21.31 -34.05 0.66
CA PRO C 363 -21.40 -32.86 1.50
C PRO C 363 -20.54 -33.00 2.76
N PHE C 364 -20.08 -31.87 3.29
CA PHE C 364 -19.30 -31.87 4.53
C PHE C 364 -20.19 -32.16 5.74
N LYS C 365 -21.49 -32.06 5.54
CA LYS C 365 -22.45 -32.36 6.59
C LYS C 365 -23.76 -32.80 5.96
N VAL C 366 -24.09 -34.08 6.11
CA VAL C 366 -25.28 -34.63 5.50
C VAL C 366 -26.56 -34.05 6.10
N ARG C 367 -27.31 -33.33 5.27
CA ARG C 367 -28.58 -32.75 5.71
C ARG C 367 -29.68 -33.80 5.71
N ASN C 368 -30.66 -33.63 6.58
CA ASN C 368 -31.78 -34.54 6.65
C ASN C 368 -33.06 -33.83 7.10
N LEU C 369 -34.17 -34.15 6.45
CA LEU C 369 -35.46 -33.52 6.73
C LEU C 369 -35.87 -33.63 8.19
N THR C 370 -35.41 -34.68 8.88
CA THR C 370 -35.78 -34.92 10.27
C THR C 370 -35.20 -33.90 11.26
N ASP C 371 -34.03 -33.36 10.96
CA ASP C 371 -33.39 -32.44 11.91
C ASP C 371 -33.95 -31.01 11.83
N GLN C 372 -34.86 -30.77 10.88
CA GLN C 372 -35.63 -29.54 10.88
C GLN C 372 -37.00 -29.79 11.51
N GLY C 373 -37.28 -31.05 11.83
CA GLY C 373 -38.52 -31.42 12.47
C GLY C 373 -39.73 -31.38 11.55
N ILE C 374 -39.46 -31.29 10.24
CA ILE C 374 -40.52 -31.21 9.23
C ILE C 374 -41.15 -32.57 8.98
N MET C 375 -42.46 -32.58 8.73
CA MET C 375 -43.17 -33.82 8.44
C MET C 375 -43.01 -34.22 6.98
N SER C 376 -42.53 -35.45 6.75
CA SER C 376 -42.32 -35.94 5.39
C SER C 376 -43.58 -36.56 4.82
N ARG C 377 -43.57 -36.84 3.53
CA ARG C 377 -44.68 -37.53 2.89
C ARG C 377 -44.79 -38.94 3.46
N ALA C 378 -43.64 -39.57 3.67
CA ALA C 378 -43.59 -40.93 4.21
C ALA C 378 -44.21 -41.01 5.59
N ALA C 379 -43.78 -40.11 6.48
CA ALA C 379 -44.28 -40.09 7.85
C ALA C 379 -45.78 -39.79 7.92
N HIS C 380 -46.24 -38.94 7.00
CA HIS C 380 -47.66 -38.58 6.96
C HIS C 380 -48.52 -39.75 6.51
N MET C 381 -48.03 -40.51 5.51
CA MET C 381 -48.82 -41.60 4.94
C MET C 381 -48.98 -42.78 5.89
N GLN C 382 -48.04 -42.94 6.83
CA GLN C 382 -48.07 -44.09 7.73
C GLN C 382 -48.70 -43.77 9.08
N THR C 383 -49.62 -42.80 9.09
CA THR C 383 -50.37 -42.46 10.30
C THR C 383 -51.82 -42.12 9.97
N LEU D 40 55.96 -8.73 -0.69
CA LEU D 40 54.93 -7.77 -1.09
C LEU D 40 54.16 -7.25 0.12
N LEU D 41 53.86 -5.95 0.10
CA LEU D 41 53.11 -5.32 1.19
C LEU D 41 51.61 -5.46 0.97
N TYR D 42 51.17 -5.20 -0.25
CA TYR D 42 49.77 -5.39 -0.62
C TYR D 42 49.69 -6.41 -1.76
N THR D 43 48.99 -7.51 -1.52
CA THR D 43 48.88 -8.57 -2.51
C THR D 43 47.51 -8.57 -3.19
N SER D 44 46.57 -7.82 -2.62
CA SER D 44 45.24 -7.68 -3.20
C SER D 44 44.78 -6.23 -3.11
N ALA D 45 44.01 -5.78 -4.10
CA ALA D 45 43.53 -4.41 -4.13
C ALA D 45 42.14 -4.30 -4.75
N ASN D 46 41.42 -3.25 -4.38
CA ASN D 46 40.09 -2.98 -4.94
C ASN D 46 40.07 -1.74 -5.83
N PHE D 47 39.40 -1.86 -6.98
CA PHE D 47 39.29 -0.74 -7.91
C PHE D 47 37.87 -0.20 -7.91
N LEU D 48 37.74 1.11 -7.79
CA LEU D 48 36.43 1.74 -7.76
C LEU D 48 36.39 2.95 -8.70
N GLY D 49 35.29 3.09 -9.43
CA GLY D 49 35.09 4.24 -10.30
C GLY D 49 34.01 5.15 -9.77
N ILE D 50 34.32 6.44 -9.69
CA ILE D 50 33.33 7.44 -9.28
C ILE D 50 33.30 8.58 -10.30
N PRO D 51 32.44 8.47 -11.32
CA PRO D 51 32.36 9.39 -12.46
C PRO D 51 31.73 10.73 -12.12
N THR D 52 32.15 11.35 -11.01
CA THR D 52 31.61 12.65 -10.63
C THR D 52 31.98 13.73 -11.64
N ASN D 53 30.98 14.50 -12.07
CA ASN D 53 31.20 15.58 -13.03
C ASN D 53 30.47 16.85 -12.59
N ARG D 54 29.51 16.69 -11.68
CA ARG D 54 28.68 17.79 -11.24
C ARG D 54 29.31 18.62 -10.12
N GLY D 55 30.63 18.56 -10.01
CA GLY D 55 31.36 19.35 -9.04
C GLY D 55 32.05 20.54 -9.67
N GLN D 56 32.22 20.47 -10.99
CA GLN D 56 32.88 21.54 -11.74
C GLN D 56 32.25 21.66 -13.14
N PRO D 57 32.31 22.86 -13.75
CA PRO D 57 31.61 23.11 -15.01
C PRO D 57 32.35 22.64 -16.26
N LYS D 58 33.09 21.55 -16.18
CA LYS D 58 33.78 21.01 -17.35
C LYS D 58 33.37 19.56 -17.59
N ILE D 59 32.77 19.31 -18.76
CA ILE D 59 32.31 17.96 -19.09
C ILE D 59 33.49 17.05 -19.44
N GLY D 60 33.48 15.84 -18.89
CA GLY D 60 34.51 14.87 -19.21
C GLY D 60 35.11 14.09 -18.05
N THR D 61 35.00 14.63 -16.84
CA THR D 61 35.57 13.96 -15.67
C THR D 61 34.88 12.63 -15.35
N TYR D 62 33.68 12.44 -15.91
CA TYR D 62 32.96 11.18 -15.75
C TYR D 62 33.63 10.06 -16.54
N GLN D 63 34.39 10.43 -17.57
CA GLN D 63 35.14 9.46 -18.36
C GLN D 63 36.48 9.15 -17.71
N GLY D 64 36.68 9.64 -16.50
CA GLY D 64 37.88 9.39 -15.73
C GLY D 64 38.18 7.93 -15.44
N PRO D 65 37.25 7.22 -14.78
CA PRO D 65 37.43 5.80 -14.48
C PRO D 65 37.69 4.95 -15.73
N GLU D 66 37.06 5.30 -16.84
CA GLU D 66 37.23 4.54 -18.08
C GLU D 66 38.62 4.74 -18.70
N LEU D 67 39.19 5.92 -18.48
CA LEU D 67 40.52 6.22 -19.01
C LEU D 67 41.58 5.29 -18.41
N ILE D 68 41.34 4.84 -17.18
CA ILE D 68 42.25 3.94 -16.49
C ILE D 68 41.93 2.48 -16.82
N ARG D 69 40.67 2.20 -17.11
CA ARG D 69 40.26 0.87 -17.54
C ARG D 69 40.71 0.58 -18.98
N LYS D 70 40.73 1.63 -19.80
CA LYS D 70 41.13 1.50 -21.20
C LYS D 70 42.65 1.39 -21.34
N SER D 71 43.36 1.63 -20.26
CA SER D 71 44.82 1.52 -20.25
C SER D 71 45.22 0.10 -19.85
N ASN D 72 46.53 -0.16 -19.88
CA ASN D 72 47.04 -1.47 -19.50
C ASN D 72 47.36 -1.53 -18.00
N PHE D 73 46.63 -0.73 -17.22
CA PHE D 73 46.83 -0.63 -15.78
C PHE D 73 46.58 -1.96 -15.05
N PHE D 74 45.46 -2.59 -15.36
CA PHE D 74 45.10 -3.86 -14.72
C PHE D 74 46.09 -4.98 -15.05
N GLN D 75 46.63 -4.94 -16.27
CA GLN D 75 47.62 -5.93 -16.68
C GLN D 75 48.93 -5.72 -15.94
N LEU D 76 49.32 -4.46 -15.79
CA LEU D 76 50.56 -4.11 -15.09
C LEU D 76 50.50 -4.46 -13.61
N VAL D 77 49.34 -4.22 -13.00
CA VAL D 77 49.15 -4.53 -11.58
C VAL D 77 49.19 -6.04 -11.35
N ALA D 78 48.54 -6.78 -12.25
CA ALA D 78 48.52 -8.23 -12.18
C ALA D 78 49.94 -8.80 -12.32
N GLU D 79 50.75 -8.16 -13.15
CA GLU D 79 52.11 -8.60 -13.38
C GLU D 79 53.05 -8.19 -12.25
N ASP D 80 52.53 -7.41 -11.30
CA ASP D 80 53.25 -7.10 -10.07
C ASP D 80 52.89 -8.12 -8.99
N GLY D 81 51.97 -9.02 -9.32
CA GLY D 81 51.55 -10.08 -8.42
C GLY D 81 50.45 -9.66 -7.46
N ILE D 82 49.58 -8.75 -7.91
CA ILE D 82 48.51 -8.24 -7.06
C ILE D 82 47.13 -8.63 -7.59
N GLN D 83 46.29 -9.12 -6.70
CA GLN D 83 44.90 -9.45 -7.03
C GLN D 83 44.07 -8.18 -7.08
N LEU D 84 43.88 -7.64 -8.28
CA LEU D 84 43.10 -6.42 -8.46
C LEU D 84 41.63 -6.74 -8.77
N THR D 85 40.75 -6.43 -7.83
CA THR D 85 39.34 -6.73 -7.98
C THR D 85 38.52 -5.48 -8.32
N ASP D 86 37.98 -5.47 -9.55
CA ASP D 86 37.15 -4.36 -10.00
C ASP D 86 35.81 -4.37 -9.25
N CYS D 87 35.48 -3.25 -8.62
CA CYS D 87 34.23 -3.13 -7.86
C CYS D 87 33.22 -2.26 -8.58
N GLY D 88 33.40 -2.09 -9.88
CA GLY D 88 32.47 -1.33 -10.70
C GLY D 88 32.51 0.17 -10.47
N ASP D 89 31.40 0.84 -10.77
CA ASP D 89 31.30 2.28 -10.61
C ASP D 89 30.12 2.67 -9.72
N ILE D 90 30.27 3.78 -9.01
CA ILE D 90 29.18 4.37 -8.26
C ILE D 90 28.39 5.29 -9.20
N ILE D 91 27.07 5.28 -9.09
CA ILE D 91 26.23 6.16 -9.90
C ILE D 91 25.99 7.49 -9.19
N PRO D 92 26.63 8.57 -9.67
CA PRO D 92 26.47 9.87 -9.04
C PRO D 92 25.11 10.50 -9.31
N VAL D 93 24.48 11.04 -8.28
CA VAL D 93 23.18 11.69 -8.42
C VAL D 93 23.32 13.01 -9.17
N GLU D 94 22.61 13.13 -10.29
CA GLU D 94 22.66 14.34 -11.10
C GLU D 94 21.27 14.91 -11.32
N LEU D 95 20.69 15.46 -10.26
CA LEU D 95 19.36 16.07 -10.32
C LEU D 95 19.33 17.22 -11.31
N ASN D 96 18.15 17.49 -11.89
CA ASN D 96 18.02 18.58 -12.85
C ASN D 96 18.16 19.96 -12.20
N GLU D 97 18.07 21.00 -13.03
CA GLU D 97 18.27 22.36 -12.55
C GLU D 97 17.19 22.80 -11.57
N ALA D 98 15.93 22.55 -11.92
CA ALA D 98 14.81 22.93 -11.07
C ALA D 98 14.81 22.13 -9.78
N GLU D 99 15.31 20.90 -9.84
CA GLU D 99 15.43 20.06 -8.66
C GLU D 99 16.57 20.52 -7.75
N ASP D 100 17.54 21.20 -8.34
CA ASP D 100 18.73 21.62 -7.59
C ASP D 100 19.13 23.06 -7.92
N PRO D 101 18.41 24.04 -7.36
CA PRO D 101 18.76 25.45 -7.58
C PRO D 101 20.00 25.85 -6.80
N GLN D 102 20.55 27.01 -7.11
CA GLN D 102 21.76 27.49 -6.45
C GLN D 102 21.48 27.99 -5.04
N ARG D 103 22.10 27.35 -4.05
CA ARG D 103 21.93 27.73 -2.65
C ARG D 103 23.25 28.13 -2.02
N PHE D 104 23.27 29.30 -1.39
CA PHE D 104 24.47 29.84 -0.74
C PHE D 104 25.65 29.95 -1.71
N GLY D 105 25.34 30.16 -2.99
CA GLY D 105 26.37 30.28 -4.01
C GLY D 105 26.80 28.94 -4.58
N MET D 106 26.42 27.86 -3.91
CA MET D 106 26.83 26.52 -4.30
C MET D 106 26.04 25.97 -5.49
N LYS D 107 26.75 25.54 -6.51
CA LYS D 107 26.15 24.92 -7.68
C LYS D 107 26.02 23.41 -7.46
N TRP D 108 24.85 22.87 -7.79
CA TRP D 108 24.55 21.46 -7.61
C TRP D 108 24.76 21.01 -6.16
N SER D 109 24.19 21.77 -5.23
CA SER D 109 24.34 21.50 -3.80
C SER D 109 23.55 20.27 -3.35
N ARG D 110 22.33 20.13 -3.85
CA ARG D 110 21.50 18.97 -3.52
C ARG D 110 22.06 17.70 -4.16
N SER D 111 22.69 17.87 -5.32
CA SER D 111 23.30 16.75 -6.03
C SER D 111 24.54 16.24 -5.29
N PHE D 112 25.32 17.18 -4.75
CA PHE D 112 26.52 16.84 -3.98
C PHE D 112 26.16 16.07 -2.71
N SER D 113 25.04 16.45 -2.10
CA SER D 113 24.60 15.84 -0.84
C SER D 113 24.24 14.37 -1.02
N LEU D 114 23.36 14.10 -1.99
CA LEU D 114 22.91 12.73 -2.26
C LEU D 114 24.05 11.85 -2.75
N THR D 115 24.99 12.44 -3.49
CA THR D 115 26.12 11.71 -4.03
C THR D 115 27.14 11.36 -2.94
N THR D 116 27.41 12.32 -2.06
CA THR D 116 28.33 12.12 -0.95
C THR D 116 27.95 10.90 -0.11
N LEU D 117 26.68 10.80 0.23
CA LEU D 117 26.17 9.69 1.02
C LEU D 117 26.22 8.38 0.23
N ARG D 118 25.91 8.47 -1.07
CA ARG D 118 25.96 7.31 -1.95
C ARG D 118 27.37 6.76 -2.06
N ILE D 119 28.36 7.66 -2.02
CA ILE D 119 29.76 7.27 -2.09
C ILE D 119 30.24 6.69 -0.76
N ALA D 120 29.89 7.35 0.33
CA ALA D 120 30.36 6.98 1.66
C ALA D 120 29.97 5.55 2.05
N GLU D 121 28.71 5.19 1.79
CA GLU D 121 28.21 3.87 2.17
C GLU D 121 28.82 2.76 1.32
N ARG D 122 29.17 3.09 0.08
CA ARG D 122 29.84 2.13 -0.80
C ARG D 122 31.27 1.90 -0.35
N VAL D 123 31.95 2.98 0.04
CA VAL D 123 33.31 2.90 0.53
C VAL D 123 33.36 2.22 1.89
N GLU D 124 32.38 2.51 2.73
CA GLU D 124 32.33 1.97 4.08
C GLU D 124 32.29 0.44 4.09
N GLU D 125 31.38 -0.15 3.33
CA GLU D 125 31.23 -1.60 3.29
C GLU D 125 32.46 -2.28 2.68
N LEU D 126 33.11 -1.59 1.75
CA LEU D 126 34.32 -2.12 1.10
C LEU D 126 35.47 -2.18 2.09
N MET D 127 35.64 -1.12 2.87
CA MET D 127 36.67 -1.09 3.91
C MET D 127 36.30 -2.00 5.06
N LYS D 128 35.12 -1.76 5.65
CA LYS D 128 34.60 -2.58 6.73
C LYS D 128 34.23 -3.98 6.24
N SER D 142 46.32 -6.67 4.41
CA SER D 142 45.88 -5.31 4.13
C SER D 142 45.51 -5.13 2.66
N THR D 143 44.33 -4.57 2.41
CA THR D 143 43.86 -4.36 1.05
C THR D 143 43.48 -2.91 0.79
N PRO D 144 44.31 -2.19 0.02
CA PRO D 144 44.05 -0.79 -0.32
C PRO D 144 42.94 -0.65 -1.36
N LEU D 145 42.16 0.43 -1.24
CA LEU D 145 41.08 0.74 -2.18
C LEU D 145 41.57 1.79 -3.19
N VAL D 146 41.58 1.42 -4.46
CA VAL D 146 42.03 2.34 -5.51
C VAL D 146 40.83 2.97 -6.23
N ILE D 147 40.58 4.24 -5.92
CA ILE D 147 39.46 4.96 -6.50
C ILE D 147 39.93 5.90 -7.62
N VAL D 148 39.23 5.90 -8.74
CA VAL D 148 39.54 6.80 -9.83
C VAL D 148 38.35 7.69 -10.17
N GLY D 149 38.54 9.00 -10.02
CA GLY D 149 37.50 9.96 -10.37
C GLY D 149 37.50 10.24 -11.86
N GLY D 150 36.64 11.16 -12.31
CA GLY D 150 35.79 11.94 -11.43
C GLY D 150 36.49 13.19 -10.92
N ASP D 151 35.73 14.22 -10.61
CA ASP D 151 36.31 15.44 -10.04
C ASP D 151 36.43 15.30 -8.53
N HIS D 152 37.23 16.18 -7.92
CA HIS D 152 37.67 16.01 -6.54
C HIS D 152 36.59 16.17 -5.47
N SER D 153 35.39 16.58 -5.87
CA SER D 153 34.29 16.73 -4.92
C SER D 153 33.83 15.39 -4.36
N MET D 154 34.30 14.31 -4.97
CA MET D 154 34.00 12.96 -4.51
C MET D 154 34.73 12.65 -3.21
N ALA D 155 35.74 13.46 -2.89
CA ALA D 155 36.58 13.22 -1.72
C ALA D 155 35.80 13.32 -0.42
N THR D 156 34.74 14.13 -0.40
CA THR D 156 33.93 14.31 0.81
C THR D 156 33.31 12.99 1.25
N GLY D 157 32.69 12.28 0.30
CA GLY D 157 32.07 11.01 0.59
C GLY D 157 33.08 9.88 0.68
N THR D 158 34.17 10.03 -0.07
CA THR D 158 35.24 9.03 -0.07
C THR D 158 35.90 8.91 1.31
N ILE D 159 36.27 10.05 1.89
CA ILE D 159 36.87 10.07 3.21
C ILE D 159 35.84 9.72 4.29
N LEU D 160 34.62 10.20 4.10
CA LEU D 160 33.55 10.00 5.07
C LEU D 160 33.24 8.53 5.31
N GLY D 161 33.24 7.74 4.24
CA GLY D 161 33.01 6.32 4.33
C GLY D 161 34.24 5.58 4.81
N HIS D 162 35.40 6.13 4.50
CA HIS D 162 36.67 5.52 4.91
C HIS D 162 36.91 5.78 6.40
N ALA D 163 36.47 6.94 6.88
CA ALA D 163 36.62 7.30 8.28
C ALA D 163 35.56 6.65 9.15
N GLU D 164 34.88 5.65 8.59
CA GLU D 164 33.85 4.92 9.33
C GLU D 164 34.35 3.53 9.69
N ALA D 165 35.15 2.94 8.80
CA ALA D 165 35.75 1.64 9.06
C ALA D 165 37.14 1.81 9.66
N LYS D 166 37.75 2.96 9.40
CA LYS D 166 39.05 3.31 9.96
C LYS D 166 39.03 4.77 10.39
N PRO D 167 38.36 5.07 11.52
CA PRO D 167 38.08 6.44 11.94
C PRO D 167 39.31 7.24 12.41
N ASP D 168 40.41 6.56 12.70
CA ASP D 168 41.61 7.23 13.18
C ASP D 168 42.63 7.44 12.06
N LEU D 169 42.15 7.55 10.83
CA LEU D 169 43.04 7.71 9.68
C LEU D 169 43.67 9.10 9.62
N CYS D 170 44.58 9.27 8.66
CA CYS D 170 45.15 10.57 8.35
C CYS D 170 45.00 10.81 6.87
N VAL D 171 45.04 12.08 6.45
CA VAL D 171 44.82 12.42 5.06
C VAL D 171 46.01 13.13 4.43
N LEU D 172 46.58 12.53 3.39
CA LEU D 172 47.59 13.18 2.57
C LEU D 172 46.95 13.70 1.30
N TRP D 173 46.93 15.01 1.15
CA TRP D 173 46.23 15.66 0.04
C TRP D 173 47.21 16.27 -0.95
N ILE D 174 47.54 15.51 -1.99
CA ILE D 174 48.46 15.97 -3.04
C ILE D 174 47.67 16.73 -4.10
N ASP D 175 47.88 18.04 -4.17
CA ASP D 175 47.04 18.88 -5.01
C ASP D 175 47.69 20.24 -5.25
N ALA D 176 47.32 20.88 -6.36
CA ALA D 176 47.76 22.23 -6.65
C ALA D 176 46.89 23.23 -5.90
N HIS D 177 45.68 22.81 -5.55
CA HIS D 177 44.74 23.67 -4.84
C HIS D 177 44.43 23.15 -3.44
N GLY D 178 43.92 24.03 -2.60
CA GLY D 178 43.61 23.69 -1.22
C GLY D 178 42.33 22.88 -1.07
N ASP D 179 41.34 23.20 -1.90
CA ASP D 179 40.05 22.51 -1.89
C ASP D 179 39.38 22.55 -0.51
N ILE D 180 39.56 23.66 0.21
CA ILE D 180 39.04 23.79 1.56
C ILE D 180 38.23 25.07 1.72
N ASN D 181 37.80 25.63 0.59
CA ASN D 181 36.92 26.79 0.58
C ASN D 181 35.64 26.57 1.36
N THR D 182 35.14 27.61 2.01
CA THR D 182 33.83 27.55 2.64
C THR D 182 32.79 28.04 1.63
N PRO D 183 31.57 27.49 1.68
CA PRO D 183 30.50 27.82 0.73
C PRO D 183 30.26 29.32 0.54
N LEU D 184 30.56 30.12 1.56
CA LEU D 184 30.36 31.57 1.47
C LEU D 184 31.62 32.31 1.01
N ASN D 185 32.78 31.69 1.16
CA ASN D 185 34.04 32.27 0.69
C ASN D 185 34.44 31.73 -0.68
N SER D 186 33.48 31.15 -1.39
CA SER D 186 33.74 30.57 -2.70
C SER D 186 33.40 31.55 -3.81
N ALA D 187 34.36 31.77 -4.71
CA ALA D 187 34.18 32.73 -5.81
C ALA D 187 33.58 32.05 -7.03
N SER D 188 33.61 30.72 -7.07
CA SER D 188 33.13 29.97 -8.22
C SER D 188 31.83 29.24 -7.90
N GLY D 189 31.71 28.76 -6.65
CA GLY D 189 30.56 28.00 -6.24
C GLY D 189 30.68 26.55 -6.64
N ASN D 190 31.80 26.20 -7.25
CA ASN D 190 32.06 24.83 -7.68
C ASN D 190 32.43 23.93 -6.51
N MET D 191 31.79 22.77 -6.43
CA MET D 191 31.94 21.88 -5.28
C MET D 191 33.29 21.17 -5.22
N HIS D 192 33.95 21.03 -6.36
CA HIS D 192 35.25 20.34 -6.41
C HIS D 192 36.33 21.16 -5.71
N GLY D 193 36.06 22.44 -5.50
CA GLY D 193 37.01 23.33 -4.84
C GLY D 193 36.73 23.50 -3.36
N MET D 194 35.80 22.71 -2.83
CA MET D 194 35.50 22.74 -1.39
C MET D 194 35.03 21.42 -0.77
N PRO D 195 35.69 20.28 -1.09
CA PRO D 195 35.19 19.05 -0.47
C PRO D 195 35.69 18.85 0.97
N LEU D 196 36.75 19.55 1.36
CA LEU D 196 37.37 19.35 2.67
C LEU D 196 36.74 20.16 3.79
N SER D 197 36.06 21.25 3.45
CA SER D 197 35.47 22.14 4.45
C SER D 197 34.34 21.45 5.22
N PHE D 198 33.71 20.46 4.60
CA PHE D 198 32.59 19.75 5.22
C PHE D 198 33.08 18.60 6.10
N LEU D 199 34.38 18.37 6.11
CA LEU D 199 34.96 17.25 6.87
C LEU D 199 35.75 17.72 8.09
N VAL D 200 36.31 18.93 8.02
CA VAL D 200 37.11 19.46 9.11
C VAL D 200 36.24 19.99 10.25
N LYS D 201 36.44 19.44 11.45
CA LYS D 201 35.65 19.81 12.62
C LYS D 201 35.88 21.27 13.02
N GLU D 202 37.07 21.78 12.73
CA GLU D 202 37.43 23.15 13.11
C GLU D 202 36.88 24.20 12.15
N LEU D 203 36.04 23.77 11.21
CA LEU D 203 35.50 24.67 10.20
C LEU D 203 33.98 24.78 10.22
N GLN D 204 33.34 24.06 11.14
CA GLN D 204 31.88 23.94 11.11
C GLN D 204 31.10 25.17 11.57
N ASP D 205 31.82 26.21 12.01
CA ASP D 205 31.17 27.47 12.33
C ASP D 205 31.17 28.39 11.12
N GLN D 206 31.79 27.92 10.04
CA GLN D 206 31.86 28.67 8.79
C GLN D 206 31.07 27.96 7.70
N ILE D 207 30.33 26.91 8.08
CA ILE D 207 29.53 26.14 7.13
C ILE D 207 28.05 26.42 7.30
N PRO D 208 27.41 26.94 6.24
CA PRO D 208 25.97 27.25 6.25
C PRO D 208 25.15 25.97 6.37
N TRP D 209 24.24 25.93 7.35
CA TRP D 209 23.43 24.74 7.59
C TRP D 209 22.35 24.54 6.55
N LEU D 210 22.34 23.35 5.96
CA LEU D 210 21.28 22.94 5.04
C LEU D 210 20.71 21.61 5.48
N ASP D 211 19.40 21.44 5.33
CA ASP D 211 18.69 20.27 5.81
C ASP D 211 19.21 18.97 5.18
N ASP D 212 19.65 19.07 3.93
CA ASP D 212 20.16 17.90 3.21
C ASP D 212 21.65 17.65 3.50
N PHE D 213 22.27 18.58 4.20
CA PHE D 213 23.69 18.47 4.53
C PHE D 213 23.91 17.92 5.94
N GLU D 214 22.89 17.25 6.48
CA GLU D 214 22.96 16.74 7.85
C GLU D 214 23.75 15.44 7.95
N GLY D 215 23.59 14.59 6.95
CA GLY D 215 24.24 13.29 6.94
C GLY D 215 25.76 13.35 6.78
N ILE D 216 26.25 14.50 6.30
CA ILE D 216 27.68 14.69 6.10
C ILE D 216 28.34 15.22 7.36
N LYS D 217 28.69 14.31 8.27
CA LYS D 217 29.30 14.69 9.54
C LYS D 217 30.81 14.87 9.42
N PRO D 218 31.35 15.91 10.08
CA PRO D 218 32.80 16.17 10.09
C PRO D 218 33.54 15.09 10.86
N CYS D 219 34.28 14.25 10.13
CA CYS D 219 34.97 13.12 10.73
C CYS D 219 36.49 13.29 10.65
N LEU D 220 36.94 14.54 10.62
CA LEU D 220 38.34 14.82 10.37
C LEU D 220 38.83 16.03 11.17
N ASN D 221 40.00 15.89 11.77
CA ASN D 221 40.64 17.01 12.46
C ASN D 221 41.65 17.71 11.55
N ALA D 222 42.00 18.95 11.90
CA ALA D 222 42.95 19.72 11.11
C ALA D 222 44.37 19.16 11.24
N SER D 223 44.59 18.39 12.31
CA SER D 223 45.90 17.79 12.56
C SER D 223 46.02 16.40 11.94
N ASN D 224 45.03 16.02 11.16
CA ASN D 224 45.06 14.75 10.43
C ASN D 224 45.39 14.94 8.96
N ILE D 225 45.44 16.20 8.53
CA ILE D 225 45.62 16.54 7.12
C ILE D 225 46.98 17.14 6.84
N ALA D 226 47.56 16.78 5.70
CA ALA D 226 48.79 17.39 5.20
C ALA D 226 48.69 17.68 3.71
N TYR D 227 49.22 18.82 3.29
CA TYR D 227 49.18 19.23 1.89
C TYR D 227 50.54 19.10 1.23
N ILE D 228 50.55 18.67 -0.03
CA ILE D 228 51.78 18.65 -0.84
C ILE D 228 51.50 19.10 -2.28
N GLY D 229 52.12 20.21 -2.67
CA GLY D 229 52.05 20.67 -4.05
C GLY D 229 51.21 21.92 -4.30
N LEU D 230 50.78 22.58 -3.23
CA LEU D 230 49.95 23.77 -3.34
C LEU D 230 50.66 24.89 -4.09
N ARG D 231 49.90 25.68 -4.86
CA ARG D 231 50.46 26.82 -5.57
C ARG D 231 49.39 27.79 -6.10
N ASP D 232 48.12 27.50 -5.82
CA ASP D 232 47.03 28.34 -6.30
C ASP D 232 45.89 28.39 -5.29
N LEU D 233 46.17 28.90 -4.10
CA LEU D 233 45.17 28.94 -3.02
C LEU D 233 44.37 30.24 -3.03
N ASP D 234 43.08 30.14 -2.73
CA ASP D 234 42.26 31.31 -2.49
C ASP D 234 42.71 31.92 -1.17
N ALA D 235 42.63 33.25 -1.07
CA ALA D 235 43.15 33.97 0.10
C ALA D 235 42.51 33.52 1.40
N HIS D 236 41.27 33.05 1.34
CA HIS D 236 40.56 32.61 2.53
C HIS D 236 40.94 31.18 2.92
N GLU D 237 41.32 30.38 1.93
CA GLU D 237 41.84 29.04 2.20
C GLU D 237 43.13 29.17 3.01
N THR D 238 43.96 30.14 2.64
CA THR D 238 45.23 30.40 3.32
C THR D 238 45.01 30.80 4.78
N HIS D 239 43.97 31.59 5.02
CA HIS D 239 43.63 32.01 6.38
C HIS D 239 43.28 30.79 7.25
N ASP D 240 42.29 30.03 6.81
CA ASP D 240 41.81 28.87 7.56
C ASP D 240 42.87 27.79 7.75
N ILE D 241 43.72 27.62 6.75
CA ILE D 241 44.81 26.65 6.83
C ILE D 241 45.80 27.03 7.94
N ARG D 242 46.23 28.29 7.94
CA ARG D 242 47.17 28.78 8.95
C ARG D 242 46.52 28.92 10.32
N LYS D 243 45.29 29.43 10.34
CA LYS D 243 44.55 29.68 11.58
C LYS D 243 44.34 28.39 12.38
N HIS D 244 44.07 27.30 11.67
CA HIS D 244 43.78 26.02 12.34
C HIS D 244 44.96 25.06 12.32
N GLY D 245 46.13 25.56 11.91
CA GLY D 245 47.37 24.82 11.98
C GLY D 245 47.43 23.54 11.16
N ILE D 246 47.00 23.61 9.92
CA ILE D 246 47.10 22.46 9.02
C ILE D 246 48.47 22.41 8.37
N ALA D 247 49.11 21.24 8.41
CA ALA D 247 50.42 21.05 7.80
C ALA D 247 50.33 21.15 6.29
N TYR D 248 51.08 22.09 5.70
CA TYR D 248 51.04 22.25 4.25
C TYR D 248 52.44 22.52 3.67
N PHE D 249 52.72 21.88 2.55
CA PHE D 249 53.99 22.04 1.87
C PHE D 249 53.75 22.43 0.42
N THR D 250 53.95 23.71 0.10
CA THR D 250 53.73 24.20 -1.25
C THR D 250 54.91 23.88 -2.16
N MET D 251 54.82 24.34 -3.40
CA MET D 251 55.93 24.17 -4.35
C MET D 251 57.15 24.96 -3.89
N LEU D 252 56.91 26.07 -3.22
CA LEU D 252 57.99 26.88 -2.65
C LEU D 252 58.75 26.01 -1.64
N ASP D 253 58.01 25.26 -0.84
CA ASP D 253 58.60 24.35 0.13
C ASP D 253 59.34 23.21 -0.57
N VAL D 254 58.74 22.68 -1.63
CA VAL D 254 59.36 21.61 -2.40
C VAL D 254 60.65 22.10 -3.07
N ASP D 255 60.66 23.37 -3.48
CA ASP D 255 61.82 23.95 -4.14
C ASP D 255 62.97 24.26 -3.18
N ARG D 256 62.65 24.50 -1.91
CA ARG D 256 63.67 24.84 -0.93
C ARG D 256 64.09 23.66 -0.05
N MET D 257 63.26 22.63 0.00
CA MET D 257 63.53 21.48 0.86
C MET D 257 63.82 20.21 0.06
N GLY D 258 63.27 20.14 -1.15
CA GLY D 258 63.33 18.92 -1.94
C GLY D 258 62.16 18.03 -1.56
N ILE D 259 61.67 17.24 -2.50
CA ILE D 259 60.49 16.42 -2.27
C ILE D 259 60.73 15.34 -1.20
N GLU D 260 61.98 14.92 -1.06
CA GLU D 260 62.34 13.92 -0.06
C GLU D 260 62.09 14.43 1.35
N ALA D 261 62.56 15.63 1.65
CA ALA D 261 62.36 16.24 2.96
C ALA D 261 60.89 16.56 3.20
N VAL D 262 60.17 16.87 2.13
CA VAL D 262 58.76 17.23 2.22
C VAL D 262 57.87 16.04 2.57
N ILE D 263 58.07 14.92 1.87
CA ILE D 263 57.34 13.68 2.15
C ILE D 263 57.65 13.21 3.56
N LYS D 264 58.92 13.36 3.95
CA LYS D 264 59.38 12.96 5.28
C LYS D 264 58.71 13.82 6.36
N GLU D 265 58.55 15.11 6.08
CA GLU D 265 57.97 16.03 7.05
C GLU D 265 56.46 15.94 7.09
N ALA D 266 55.85 15.57 5.96
CA ALA D 266 54.41 15.44 5.86
C ALA D 266 53.89 14.22 6.62
N LEU D 267 54.62 13.11 6.50
CA LEU D 267 54.27 11.89 7.21
C LEU D 267 54.53 12.06 8.71
N LEU D 268 55.58 12.82 9.04
CA LEU D 268 55.94 13.08 10.42
C LEU D 268 54.83 13.86 11.15
N ALA D 269 54.16 14.73 10.40
CA ALA D 269 53.21 15.67 10.98
C ALA D 269 51.81 15.08 11.23
N VAL D 270 51.38 14.13 10.42
CA VAL D 270 50.03 13.59 10.54
C VAL D 270 49.98 12.09 10.83
N ASN D 271 51.09 11.40 10.58
CA ASN D 271 51.18 9.97 10.87
C ASN D 271 52.57 9.63 11.41
N PRO D 272 52.90 10.13 12.60
CA PRO D 272 54.27 10.13 13.16
C PRO D 272 54.95 8.76 13.17
N ARG D 273 54.28 7.75 13.71
CA ARG D 273 54.89 6.44 13.90
C ARG D 273 54.21 5.35 13.08
N LEU D 274 53.61 5.76 11.95
CA LEU D 274 52.94 4.83 11.04
C LEU D 274 51.85 4.01 11.73
N GLU D 275 51.15 4.62 12.67
CA GLU D 275 50.11 3.94 13.43
C GLU D 275 48.75 4.05 12.76
N LYS D 276 48.55 5.14 12.03
CA LYS D 276 47.25 5.44 11.44
C LYS D 276 47.19 5.02 9.97
N ALA D 277 46.01 4.59 9.53
CA ALA D 277 45.79 4.27 8.11
C ALA D 277 45.90 5.54 7.27
N ILE D 278 46.35 5.39 6.04
CA ILE D 278 46.63 6.55 5.20
C ILE D 278 45.61 6.72 4.07
N HIS D 279 45.05 7.93 3.98
CA HIS D 279 44.16 8.29 2.90
C HIS D 279 44.87 9.23 1.93
N LEU D 280 45.22 8.70 0.76
CA LEU D 280 45.96 9.50 -0.23
C LEU D 280 45.01 10.05 -1.29
N SER D 281 44.82 11.37 -1.28
CA SER D 281 43.96 12.03 -2.24
C SER D 281 44.78 12.76 -3.30
N PHE D 282 45.12 12.04 -4.37
CA PHE D 282 46.00 12.57 -5.40
C PHE D 282 45.22 13.21 -6.56
N ASP D 283 45.12 14.53 -6.55
CA ASP D 283 44.59 15.26 -7.69
C ASP D 283 45.64 15.26 -8.79
N ILE D 284 45.24 14.94 -10.01
CA ILE D 284 46.19 14.83 -11.11
C ILE D 284 46.80 16.19 -11.50
N ASP D 285 46.16 17.29 -11.08
CA ASP D 285 46.67 18.61 -11.40
C ASP D 285 47.82 19.04 -10.50
N ALA D 286 48.14 18.22 -9.51
CA ALA D 286 49.30 18.44 -8.66
C ALA D 286 50.56 18.36 -9.51
N LEU D 287 50.56 17.43 -10.47
CA LEU D 287 51.65 17.31 -11.42
C LEU D 287 51.67 18.53 -12.34
N ASP D 288 52.82 18.77 -12.96
CA ASP D 288 52.98 19.87 -13.88
C ASP D 288 52.18 19.59 -15.17
N PRO D 289 51.54 20.64 -15.73
CA PRO D 289 50.75 20.52 -16.96
C PRO D 289 51.49 19.86 -18.12
N LEU D 290 52.82 19.84 -18.08
CA LEU D 290 53.61 19.21 -19.13
C LEU D 290 53.52 17.69 -19.12
N VAL D 291 53.17 17.12 -17.96
CA VAL D 291 53.02 15.66 -17.85
C VAL D 291 51.57 15.25 -17.61
N ALA D 292 50.75 16.19 -17.13
CA ALA D 292 49.32 15.92 -16.93
C ALA D 292 48.46 17.09 -17.39
N PRO D 293 48.36 17.30 -18.71
CA PRO D 293 47.65 18.45 -19.28
C PRO D 293 46.12 18.31 -19.30
N SER D 294 45.60 17.09 -19.33
CA SER D 294 44.16 16.89 -19.41
C SER D 294 43.47 16.94 -18.05
N THR D 295 43.38 18.13 -17.49
CA THR D 295 42.70 18.32 -16.21
C THR D 295 42.01 19.69 -16.15
N GLY D 296 40.97 19.79 -15.32
CA GLY D 296 40.12 20.96 -15.26
C GLY D 296 40.84 22.27 -15.00
N THR D 297 41.52 22.36 -13.85
CA THR D 297 42.26 23.57 -13.49
C THR D 297 43.76 23.29 -13.37
N ALA D 298 44.46 23.39 -14.50
CA ALA D 298 45.89 23.12 -14.56
C ALA D 298 46.71 24.38 -14.22
N VAL D 299 47.78 24.19 -13.47
CA VAL D 299 48.62 25.30 -13.03
C VAL D 299 50.11 25.00 -13.25
N PRO D 300 50.80 25.89 -13.98
CA PRO D 300 52.23 25.76 -14.28
C PRO D 300 53.10 25.77 -13.02
N GLY D 301 54.25 25.11 -13.09
CA GLY D 301 55.18 25.06 -11.97
C GLY D 301 54.83 24.01 -10.95
N GLY D 302 54.51 22.82 -11.43
CA GLY D 302 54.05 21.74 -10.56
C GLY D 302 55.03 20.58 -10.42
N LEU D 303 54.59 19.56 -9.70
CA LEU D 303 55.41 18.38 -9.43
C LEU D 303 55.81 17.66 -10.72
N THR D 304 57.07 17.26 -10.80
CA THR D 304 57.51 16.39 -11.87
C THR D 304 56.94 15.00 -11.59
N LEU D 305 56.85 14.16 -12.62
CA LEU D 305 56.32 12.82 -12.43
C LEU D 305 57.18 12.05 -11.44
N ARG D 306 58.48 12.27 -11.52
CA ARG D 306 59.43 11.64 -10.60
C ARG D 306 59.14 12.03 -9.16
N GLU D 307 58.83 13.30 -8.94
CA GLU D 307 58.45 13.79 -7.62
C GLU D 307 57.10 13.22 -7.19
N GLY D 308 56.18 13.12 -8.14
CA GLY D 308 54.88 12.54 -7.89
C GLY D 308 54.97 11.06 -7.58
N LEU D 309 55.95 10.39 -8.20
CA LEU D 309 56.19 8.97 -7.94
C LEU D 309 56.75 8.75 -6.54
N ARG D 310 57.74 9.57 -6.17
CA ARG D 310 58.39 9.46 -4.87
C ARG D 310 57.40 9.59 -3.71
N ILE D 311 56.37 10.39 -3.91
CA ILE D 311 55.30 10.54 -2.93
C ILE D 311 54.56 9.22 -2.75
N CYS D 312 54.17 8.62 -3.87
CA CYS D 312 53.40 7.38 -3.86
C CYS D 312 54.22 6.17 -3.44
N GLU D 313 55.53 6.23 -3.72
CA GLU D 313 56.43 5.14 -3.35
C GLU D 313 56.65 5.10 -1.83
N GLU D 314 56.73 6.28 -1.22
CA GLU D 314 56.93 6.39 0.22
C GLU D 314 55.65 6.03 0.99
N VAL D 315 54.52 6.55 0.53
CA VAL D 315 53.23 6.29 1.16
C VAL D 315 52.89 4.80 1.11
N SER D 316 53.26 4.16 0.00
CA SER D 316 53.06 2.72 -0.15
C SER D 316 53.99 1.92 0.75
N ALA D 317 55.22 2.40 0.89
CA ALA D 317 56.24 1.68 1.65
C ALA D 317 55.99 1.66 3.16
N THR D 318 55.04 2.46 3.61
CA THR D 318 54.69 2.50 5.03
C THR D 318 53.84 1.29 5.41
N GLY D 319 53.20 0.70 4.41
CA GLY D 319 52.31 -0.44 4.64
C GLY D 319 50.95 0.00 5.15
N LYS D 320 50.76 1.31 5.25
CA LYS D 320 49.54 1.86 5.82
C LYS D 320 48.63 2.54 4.79
N LEU D 321 48.96 2.39 3.51
CA LEU D 321 48.11 2.93 2.45
C LEU D 321 46.78 2.19 2.43
N SER D 322 45.72 2.90 2.81
CA SER D 322 44.41 2.30 2.95
C SER D 322 43.50 2.66 1.76
N VAL D 323 43.50 3.93 1.39
CA VAL D 323 42.70 4.39 0.25
C VAL D 323 43.47 5.42 -0.59
N VAL D 324 43.54 5.18 -1.89
CA VAL D 324 44.14 6.14 -2.81
C VAL D 324 43.15 6.54 -3.92
N GLU D 325 42.78 7.81 -3.95
CA GLU D 325 41.88 8.32 -4.98
C GLU D 325 42.59 9.25 -5.96
N LEU D 326 42.34 9.04 -7.25
CA LEU D 326 42.92 9.87 -8.29
C LEU D 326 41.84 10.73 -8.94
N ALA D 327 41.90 12.03 -8.72
CA ALA D 327 40.83 12.92 -9.15
C ALA D 327 41.22 13.87 -10.28
N GLU D 328 40.20 14.41 -10.93
CA GLU D 328 40.32 15.47 -11.95
C GLU D 328 40.93 15.03 -13.28
N LEU D 329 40.84 13.74 -13.60
CA LEU D 329 41.16 13.28 -14.94
C LEU D 329 40.04 13.74 -15.88
N ASN D 330 40.40 14.42 -16.95
CA ASN D 330 39.41 14.86 -17.92
C ASN D 330 39.88 14.59 -19.36
N PRO D 331 39.50 13.41 -19.89
CA PRO D 331 39.89 12.94 -21.23
C PRO D 331 39.34 13.81 -22.36
N LEU D 332 38.36 14.66 -22.07
CA LEU D 332 37.79 15.54 -23.08
C LEU D 332 38.52 16.88 -23.15
N LEU D 333 39.71 16.93 -22.56
CA LEU D 333 40.54 18.14 -22.59
C LEU D 333 41.87 17.87 -23.27
N GLY D 334 42.29 18.80 -24.12
CA GLY D 334 43.55 18.67 -24.83
C GLY D 334 43.48 17.75 -26.02
N SER D 335 44.64 17.53 -26.66
CA SER D 335 44.71 16.69 -27.85
C SER D 335 44.76 15.21 -27.48
N GLN D 336 44.81 14.36 -28.51
CA GLN D 336 44.94 12.92 -28.32
C GLN D 336 46.22 12.61 -27.54
N GLU D 337 47.30 13.28 -27.91
CA GLU D 337 48.59 13.07 -27.25
C GLU D 337 48.60 13.57 -25.82
N ASP D 338 47.88 14.67 -25.57
CA ASP D 338 47.77 15.22 -24.23
C ASP D 338 47.08 14.26 -23.28
N VAL D 339 45.95 13.70 -23.72
CA VAL D 339 45.21 12.72 -22.94
C VAL D 339 46.06 11.48 -22.66
N LEU D 340 46.84 11.08 -23.66
CA LEU D 340 47.68 9.90 -23.56
C LEU D 340 48.78 10.08 -22.50
N LYS D 341 49.34 11.28 -22.41
CA LYS D 341 50.32 11.60 -21.38
C LYS D 341 49.66 11.63 -20.01
N THR D 342 48.47 12.21 -19.95
CA THR D 342 47.70 12.27 -18.71
C THR D 342 47.32 10.86 -18.28
N GLN D 343 46.97 10.03 -19.26
CA GLN D 343 46.66 8.63 -19.00
C GLN D 343 47.92 7.87 -18.58
N SER D 344 49.06 8.28 -19.13
CA SER D 344 50.33 7.63 -18.82
C SER D 344 50.81 7.95 -17.42
N SER D 345 50.74 9.23 -17.06
CA SER D 345 51.16 9.67 -15.72
C SER D 345 50.24 9.08 -14.66
N ALA D 346 48.96 8.98 -14.98
CA ALA D 346 47.96 8.42 -14.07
C ALA D 346 48.24 6.96 -13.76
N VAL D 347 48.64 6.21 -14.78
CA VAL D 347 48.95 4.79 -14.60
C VAL D 347 50.21 4.60 -13.74
N HIS D 348 51.27 5.33 -14.06
CA HIS D 348 52.52 5.26 -13.30
C HIS D 348 52.33 5.65 -11.84
N ILE D 349 51.48 6.64 -11.61
CA ILE D 349 51.20 7.13 -10.25
C ILE D 349 50.49 6.08 -9.40
N LEU D 350 49.41 5.51 -9.93
CA LEU D 350 48.64 4.50 -9.21
C LEU D 350 49.40 3.17 -9.10
N ARG D 351 50.25 2.91 -10.08
CA ARG D 351 51.06 1.69 -10.09
C ARG D 351 52.06 1.70 -8.94
N ALA D 352 52.63 2.88 -8.67
CA ALA D 352 53.59 3.04 -7.59
C ALA D 352 52.90 3.02 -6.23
N CYS D 353 51.61 3.35 -6.21
CA CYS D 353 50.82 3.30 -4.98
C CYS D 353 50.63 1.86 -4.51
N LEU D 354 50.43 0.96 -5.47
CA LEU D 354 50.23 -0.45 -5.15
C LEU D 354 51.55 -1.18 -4.87
N GLY D 355 52.66 -0.48 -5.04
CA GLY D 355 53.95 -0.99 -4.64
C GLY D 355 54.93 -1.33 -5.76
N HIS D 356 54.72 -0.76 -6.94
CA HIS D 356 55.65 -0.99 -8.04
C HIS D 356 56.97 -0.28 -7.79
N CYS D 357 58.06 -1.01 -7.97
CA CYS D 357 59.41 -0.47 -7.76
C CYS D 357 60.07 -0.18 -9.10
N ARG D 358 60.49 1.07 -9.30
CA ARG D 358 61.21 1.46 -10.49
C ARG D 358 62.55 0.75 -10.58
N SER D 359 63.04 0.29 -9.43
CA SER D 359 64.36 -0.34 -9.35
C SER D 359 64.33 -1.86 -9.54
N GLY D 360 63.14 -2.41 -9.76
CA GLY D 360 63.03 -3.81 -10.16
C GLY D 360 62.40 -4.75 -9.15
N HIS D 361 61.82 -5.84 -9.66
CA HIS D 361 61.27 -6.92 -8.84
C HIS D 361 61.91 -8.24 -9.23
N LEU D 362 62.05 -9.14 -8.28
CA LEU D 362 62.60 -10.47 -8.53
C LEU D 362 61.56 -11.36 -9.22
N PRO D 363 62.02 -12.36 -10.00
CA PRO D 363 61.11 -13.26 -10.71
C PRO D 363 60.20 -14.06 -9.77
N PHE D 364 59.03 -14.45 -10.25
CA PHE D 364 58.16 -15.34 -9.50
C PHE D 364 58.77 -16.74 -9.50
N LYS D 365 59.26 -17.16 -10.66
CA LYS D 365 60.03 -18.39 -10.79
C LYS D 365 61.39 -18.07 -11.40
N VAL D 366 62.46 -18.38 -10.67
CA VAL D 366 63.80 -18.16 -11.19
C VAL D 366 64.10 -19.20 -12.26
N ARG D 367 64.14 -18.75 -13.51
CA ARG D 367 64.29 -19.66 -14.65
C ARG D 367 65.73 -20.10 -14.88
N ASN D 368 65.91 -21.41 -15.02
CA ASN D 368 67.22 -22.00 -15.30
C ASN D 368 67.29 -22.51 -16.73
N LEU D 369 68.44 -22.35 -17.37
CA LEU D 369 68.63 -22.80 -18.74
C LEU D 369 68.78 -24.32 -18.82
N THR D 370 69.44 -24.90 -17.82
CA THR D 370 69.64 -26.35 -17.78
C THR D 370 68.34 -27.04 -17.38
N ASP D 371 67.42 -26.27 -16.80
CA ASP D 371 66.11 -26.78 -16.43
C ASP D 371 65.30 -27.18 -17.66
N GLN D 372 65.66 -26.57 -18.79
CA GLN D 372 65.00 -26.84 -20.06
C GLN D 372 65.78 -27.89 -20.85
N GLY D 373 67.01 -28.15 -20.42
CA GLY D 373 67.87 -29.13 -21.07
C GLY D 373 68.39 -28.64 -22.40
N ILE D 374 68.97 -27.44 -22.40
CA ILE D 374 69.54 -26.86 -23.60
C ILE D 374 71.05 -26.71 -23.45
N MET D 375 71.80 -27.08 -24.47
CA MET D 375 73.25 -26.94 -24.46
C MET D 375 73.63 -25.46 -24.42
N SER D 376 74.19 -25.04 -23.29
CA SER D 376 74.62 -23.66 -23.12
C SER D 376 75.98 -23.45 -23.78
N ARG D 377 76.48 -22.22 -23.73
CA ARG D 377 77.81 -21.92 -24.24
C ARG D 377 78.86 -22.35 -23.21
N ALA D 378 78.53 -22.20 -21.93
CA ALA D 378 79.43 -22.57 -20.85
C ALA D 378 79.79 -24.05 -20.90
N ALA D 379 78.77 -24.89 -21.05
CA ALA D 379 78.97 -26.33 -21.13
C ALA D 379 79.76 -26.72 -22.38
N HIS D 380 79.46 -26.04 -23.48
CA HIS D 380 80.11 -26.33 -24.76
C HIS D 380 81.60 -26.01 -24.72
N MET D 381 81.99 -25.04 -23.90
CA MET D 381 83.39 -24.66 -23.77
C MET D 381 84.11 -25.54 -22.75
MN MN E . -10.12 29.17 -0.28
MN MN F . -10.90 31.72 1.85
C1 GOL G . -2.18 37.97 -16.53
O1 GOL G . -2.53 36.63 -16.35
C2 GOL G . -0.98 38.32 -15.66
O2 GOL G . 0.05 38.88 -16.46
C3 GOL G . -1.42 39.33 -14.61
O3 GOL G . -2.21 40.33 -15.21
C1 GOL H . 8.59 33.69 -5.30
O1 GOL H . 9.78 32.93 -5.30
C2 GOL H . 7.66 33.14 -6.38
O2 GOL H . 8.17 31.92 -6.86
C3 GOL H . 6.28 32.91 -5.78
O3 GOL H . 5.38 32.55 -6.81
OXT S2C I . -11.54 36.57 -5.54
N S2C I . -14.89 36.30 -4.46
CA S2C I . -13.46 36.25 -4.20
C S2C I . -12.72 36.14 -5.50
O S2C I . -13.28 35.61 -6.49
CB S2C I . -13.19 35.03 -3.32
SG S2C I . -11.49 34.94 -2.89
CD S2C I . -11.33 33.61 -1.76
CE S2C I . -9.94 33.01 -1.87
B S2C I . -9.72 32.00 -0.67
O1 S2C I . -8.78 32.51 0.41
O2 S2C I . -10.89 31.15 -0.24
O3 S2C I . -8.83 30.95 -1.35
MN MN J . -35.94 -9.89 26.03
MN MN K . -37.84 -7.88 28.00
C1 GOL L . -38.25 -28.16 33.52
O1 GOL L . -37.26 -28.37 32.54
C2 GOL L . -39.61 -28.53 32.95
O2 GOL L . -39.71 -29.93 32.83
C3 GOL L . -40.70 -28.02 33.88
O3 GOL L . -40.53 -26.63 34.07
C1 GOL M . -48.30 -24.44 21.24
O1 GOL M . -49.05 -25.42 21.93
C2 GOL M . -46.82 -24.70 21.48
O2 GOL M . -46.60 -26.09 21.61
C3 GOL M . -46.37 -23.98 22.74
O3 GOL M . -45.07 -24.39 23.11
OXT S2C N . -34.25 -13.79 34.37
N S2C N . -34.47 -11.30 35.10
CA S2C N . -35.66 -11.90 34.52
C S2C N . -35.43 -13.37 34.39
O S2C N . -36.42 -14.14 34.34
CB S2C N . -35.91 -11.23 33.16
SG S2C N . -37.21 -12.01 32.28
CD S2C N . -37.61 -11.05 30.85
CE S2C N . -37.05 -11.75 29.62
B S2C N . -37.50 -11.02 28.29
O1 S2C N . -36.81 -9.72 27.94
O2 S2C N . -37.90 -11.92 27.13
O3 S2C N . -38.90 -10.50 28.71
MN MN O . 1.70 -22.18 -26.55
MN MN P . 3.58 -21.63 -23.78
C1 GOL Q . 14.06 -4.80 -27.95
O1 GOL Q . 14.27 -5.64 -26.85
C2 GOL Q . 12.83 -3.92 -27.69
O2 GOL Q . 13.10 -2.58 -28.04
C3 GOL Q . 11.65 -4.46 -28.49
O3 GOL Q . 12.10 -4.89 -29.76
C1 GOL R . 0.68 -1.96 -19.03
O1 GOL R . 0.32 -1.77 -20.37
C2 GOL R . 1.57 -3.20 -18.91
O2 GOL R . 2.66 -2.92 -18.07
C3 GOL R . 2.09 -3.58 -20.29
O3 GOL R . 3.03 -4.62 -20.17
OXT S2C S . 9.30 -18.62 -30.58
N S2C S . 8.44 -20.90 -31.94
CA S2C S . 7.50 -19.89 -31.46
C S2C S . 8.24 -18.60 -31.25
O S2C S . 7.75 -17.56 -31.74
CB S2C S . 6.92 -20.33 -30.12
SG S2C S . 5.45 -19.42 -29.81
CD S2C S . 5.19 -19.35 -28.06
CE S2C S . 3.74 -19.70 -27.74
B S2C S . 3.63 -20.07 -26.21
O1 S2C S . 3.42 -21.54 -25.88
O2 S2C S . 4.43 -19.25 -25.22
O3 S2C S . 2.22 -19.53 -25.93
MN MN T . 41.34 19.10 -6.13
MN MN U . 43.21 20.73 -8.04
#